data_2OX2
# 
_entry.id   2OX2 
# 
_audit_conform.dict_name       mmcif_pdbx.dic 
_audit_conform.dict_version    5.398 
_audit_conform.dict_location   http://mmcif.pdb.org/dictionaries/ascii/mmcif_pdbx.dic 
# 
loop_
_database_2.database_id 
_database_2.database_code 
_database_2.pdbx_database_accession 
_database_2.pdbx_DOI 
PDB   2OX2         pdb_00002ox2 10.2210/pdb2ox2/pdb 
RCSB  RCSB041691   ?            ?                   
WWPDB D_1000041691 ?            ?                   
# 
loop_
_pdbx_audit_revision_history.ordinal 
_pdbx_audit_revision_history.data_content_type 
_pdbx_audit_revision_history.major_revision 
_pdbx_audit_revision_history.minor_revision 
_pdbx_audit_revision_history.revision_date 
1 'Structure model' 1 0 2007-12-25 
2 'Structure model' 1 1 2011-07-13 
3 'Structure model' 1 2 2022-03-16 
4 'Structure model' 1 3 2024-11-13 
# 
_pdbx_audit_revision_details.ordinal             1 
_pdbx_audit_revision_details.revision_ordinal    1 
_pdbx_audit_revision_details.data_content_type   'Structure model' 
_pdbx_audit_revision_details.provider            repository 
_pdbx_audit_revision_details.type                'Initial release' 
_pdbx_audit_revision_details.description         ? 
_pdbx_audit_revision_details.details             ? 
# 
loop_
_pdbx_audit_revision_group.ordinal 
_pdbx_audit_revision_group.revision_ordinal 
_pdbx_audit_revision_group.data_content_type 
_pdbx_audit_revision_group.group 
1 2 'Structure model' 'Version format compliance' 
2 3 'Structure model' 'Data collection'           
3 3 'Structure model' 'Database references'       
4 3 'Structure model' 'Derived calculations'      
5 4 'Structure model' 'Data collection'           
6 4 'Structure model' 'Structure summary'         
# 
loop_
_pdbx_audit_revision_category.ordinal 
_pdbx_audit_revision_category.revision_ordinal 
_pdbx_audit_revision_category.data_content_type 
_pdbx_audit_revision_category.category 
1 3 'Structure model' database_2                
2 3 'Structure model' pdbx_nmr_software         
3 3 'Structure model' pdbx_struct_assembly      
4 3 'Structure model' pdbx_struct_oper_list     
5 3 'Structure model' struct_conn               
6 4 'Structure model' chem_comp_atom            
7 4 'Structure model' chem_comp_bond            
8 4 'Structure model' pdbx_entry_details        
9 4 'Structure model' pdbx_modification_feature 
# 
loop_
_pdbx_audit_revision_item.ordinal 
_pdbx_audit_revision_item.revision_ordinal 
_pdbx_audit_revision_item.data_content_type 
_pdbx_audit_revision_item.item 
1 3 'Structure model' '_database_2.pdbx_DOI'                
2 3 'Structure model' '_database_2.pdbx_database_accession' 
3 3 'Structure model' '_pdbx_nmr_software.name'             
4 3 'Structure model' '_struct_conn.pdbx_leaving_atom_flag' 
# 
_pdbx_database_status.entry_id                        2OX2 
_pdbx_database_status.deposit_site                    RCSB 
_pdbx_database_status.process_site                    RCSB 
_pdbx_database_status.recvd_initial_deposition_date   2007-02-19 
_pdbx_database_status.status_code                     REL 
_pdbx_database_status.status_code_sf                  ? 
_pdbx_database_status.status_code_mr                  REL 
_pdbx_database_status.SG_entry                        ? 
_pdbx_database_status.pdb_format_compatible           Y 
_pdbx_database_status.status_code_cs                  ? 
_pdbx_database_status.status_code_nmr_data            ? 
_pdbx_database_status.methods_development_category    ? 
# 
loop_
_pdbx_database_related.db_name 
_pdbx_database_related.db_id 
_pdbx_database_related.details 
_pdbx_database_related.content_type 
PDB 1qvk 'similar peptide' unspecified 
PDB 1qvl 'similar peptide' unspecified 
PDB 1ski 'similar peptide' unspecified 
PDB 1skl 'similar peptide' unspecified 
PDB 1skk 'similar peptide' unspecified 
PDB 2otq 'similar peptide' unspecified 
# 
loop_
_audit_author.name 
_audit_author.pdbx_ordinal 
'Appelt, C.'      1 
'Wessolowski, A.' 2 
'Soderhall, J.A.' 3 
'Dathe, M.'       4 
'Schmieder, P.'   5 
# 
_citation.id                        primary 
_citation.title                     
'Structures of cyclic, antimicrobial peptides in a membrane-mimicking environment define requirements for activity.' 
_citation.journal_abbrev            J.Pept.Sci. 
_citation.journal_volume            14 
_citation.page_first                524 
_citation.page_last                 527 
_citation.year                      2007 
_citation.journal_id_ASTM           JPSIEI 
_citation.country                   UK 
_citation.journal_id_ISSN           1075-2617 
_citation.journal_id_CSD            1225 
_citation.book_publisher            ? 
_citation.pdbx_database_id_PubMed   17985394 
_citation.pdbx_database_id_DOI      10.1002/psc.924 
# 
loop_
_citation_author.citation_id 
_citation_author.name 
_citation_author.ordinal 
_citation_author.identifier_ORCID 
primary 'Appelt, C.'      1 ? 
primary 'Wessolowski, A.' 2 ? 
primary 'Dathe, M.'       3 ? 
primary 'Schmieder, P.'   4 ? 
# 
_entity.id                         1 
_entity.type                       polymer 
_entity.src_method                 syn 
_entity.pdbx_description           'cRW2 peptide' 
_entity.formula_weight             1009.190 
_entity.pdbx_number_of_molecules   1 
_entity.pdbx_ec                    ? 
_entity.pdbx_mutation              ? 
_entity.pdbx_fragment              ? 
_entity.details                    ? 
# 
_entity_poly.entity_id                      1 
_entity_poly.type                           'polypeptide(L)' 
_entity_poly.nstd_linkage                   no 
_entity_poly.nstd_monomer                   no 
_entity_poly.pdbx_seq_one_letter_code       RRWWFR 
_entity_poly.pdbx_seq_one_letter_code_can   RRWWFR 
_entity_poly.pdbx_strand_id                 A 
_entity_poly.pdbx_target_identifier         ? 
# 
loop_
_entity_poly_seq.entity_id 
_entity_poly_seq.num 
_entity_poly_seq.mon_id 
_entity_poly_seq.hetero 
1 1 ARG n 
1 2 ARG n 
1 3 TRP n 
1 4 TRP n 
1 5 PHE n 
1 6 ARG n 
# 
_pdbx_entity_src_syn.entity_id              1 
_pdbx_entity_src_syn.pdbx_src_id            1 
_pdbx_entity_src_syn.pdbx_alt_source_flag   sample 
_pdbx_entity_src_syn.pdbx_beg_seq_num       ? 
_pdbx_entity_src_syn.pdbx_end_seq_num       ? 
_pdbx_entity_src_syn.organism_scientific    ? 
_pdbx_entity_src_syn.organism_common_name   ? 
_pdbx_entity_src_syn.ncbi_taxonomy_id       ? 
_pdbx_entity_src_syn.details                'solid phase peptide chemistry' 
# 
loop_
_chem_comp.id 
_chem_comp.type 
_chem_comp.mon_nstd_flag 
_chem_comp.name 
_chem_comp.pdbx_synonyms 
_chem_comp.formula 
_chem_comp.formula_weight 
ARG 'L-peptide linking' y ARGININE      ? 'C6 H15 N4 O2 1' 175.209 
PHE 'L-peptide linking' y PHENYLALANINE ? 'C9 H11 N O2'    165.189 
TRP 'L-peptide linking' y TRYPTOPHAN    ? 'C11 H12 N2 O2'  204.225 
# 
loop_
_pdbx_poly_seq_scheme.asym_id 
_pdbx_poly_seq_scheme.entity_id 
_pdbx_poly_seq_scheme.seq_id 
_pdbx_poly_seq_scheme.mon_id 
_pdbx_poly_seq_scheme.ndb_seq_num 
_pdbx_poly_seq_scheme.pdb_seq_num 
_pdbx_poly_seq_scheme.auth_seq_num 
_pdbx_poly_seq_scheme.pdb_mon_id 
_pdbx_poly_seq_scheme.auth_mon_id 
_pdbx_poly_seq_scheme.pdb_strand_id 
_pdbx_poly_seq_scheme.pdb_ins_code 
_pdbx_poly_seq_scheme.hetero 
A 1 1 ARG 1 1 1 ARG ARG A . n 
A 1 2 ARG 2 2 2 ARG ARG A . n 
A 1 3 TRP 3 3 3 TRP TRP A . n 
A 1 4 TRP 4 4 4 TRP TRP A . n 
A 1 5 PHE 5 5 5 PHE PHE A . n 
A 1 6 ARG 6 6 6 ARG ARG A . n 
# 
_exptl.method            'SOLUTION NMR' 
_exptl.entry_id          2OX2 
_exptl.crystals_number   ? 
# 
_exptl_crystal.id                    1 
_exptl_crystal.density_meas          ? 
_exptl_crystal.density_Matthews      ? 
_exptl_crystal.density_percent_sol   ? 
_exptl_crystal.description           ? 
# 
_diffrn.id                     1 
_diffrn.ambient_temp           ? 
_diffrn.ambient_temp_details   ? 
_diffrn.crystal_id             1 
# 
_diffrn_radiation.diffrn_id                        1 
_diffrn_radiation.wavelength_id                    1 
_diffrn_radiation.monochromator                    ? 
_diffrn_radiation.pdbx_monochromatic_or_laue_m_l   M 
_diffrn_radiation.pdbx_diffrn_protocol             'SINGLE WAVELENGTH' 
_diffrn_radiation.pdbx_scattering_type             ? 
# 
_diffrn_radiation_wavelength.id           1 
_diffrn_radiation_wavelength.wavelength   . 
_diffrn_radiation_wavelength.wt           1.0 
# 
_struct.entry_id                  2OX2 
_struct.title                     'Structure of the cantionic, antimicrobial hexapeptide cyclo(RRWWFR) bound to DPC-micelles' 
_struct.pdbx_model_details        ? 
_struct.pdbx_CASP_flag            ? 
_struct.pdbx_model_type_details   ? 
# 
_struct_keywords.entry_id        2OX2 
_struct_keywords.pdbx_keywords   'ANTIMICROBIAL PROTEIN' 
_struct_keywords.text            'antimicrobial, cationic peptide, ANTIMICROBIAL PROTEIN' 
# 
_struct_asym.id                            A 
_struct_asym.pdbx_blank_PDB_chainid_flag   N 
_struct_asym.pdbx_modified                 N 
_struct_asym.entity_id                     1 
_struct_asym.details                       ? 
# 
_struct_ref.id                         1 
_struct_ref.entity_id                  1 
_struct_ref.db_name                    PDB 
_struct_ref.db_code                    2OX2 
_struct_ref.pdbx_db_accession          2OX2 
_struct_ref.pdbx_db_isoform            ? 
_struct_ref.pdbx_seq_one_letter_code   ? 
_struct_ref.pdbx_align_begin           ? 
# 
_struct_ref_seq.align_id                      1 
_struct_ref_seq.ref_id                        1 
_struct_ref_seq.pdbx_PDB_id_code              2OX2 
_struct_ref_seq.pdbx_strand_id                A 
_struct_ref_seq.seq_align_beg                 1 
_struct_ref_seq.pdbx_seq_align_beg_ins_code   ? 
_struct_ref_seq.seq_align_end                 6 
_struct_ref_seq.pdbx_seq_align_end_ins_code   ? 
_struct_ref_seq.pdbx_db_accession             2OX2 
_struct_ref_seq.db_align_beg                  1 
_struct_ref_seq.pdbx_db_align_beg_ins_code    ? 
_struct_ref_seq.db_align_end                  6 
_struct_ref_seq.pdbx_db_align_end_ins_code    ? 
_struct_ref_seq.pdbx_auth_seq_align_beg       1 
_struct_ref_seq.pdbx_auth_seq_align_end       6 
# 
_pdbx_struct_assembly.id                   1 
_pdbx_struct_assembly.details              author_defined_assembly 
_pdbx_struct_assembly.method_details       ? 
_pdbx_struct_assembly.oligomeric_details   monomeric 
_pdbx_struct_assembly.oligomeric_count     1 
# 
_pdbx_struct_assembly_gen.assembly_id       1 
_pdbx_struct_assembly_gen.oper_expression   1 
_pdbx_struct_assembly_gen.asym_id_list      A 
# 
_pdbx_struct_oper_list.id                   1 
_pdbx_struct_oper_list.type                 'identity operation' 
_pdbx_struct_oper_list.name                 1_555 
_pdbx_struct_oper_list.symmetry_operation   x,y,z 
_pdbx_struct_oper_list.matrix[1][1]         1.0000000000 
_pdbx_struct_oper_list.matrix[1][2]         0.0000000000 
_pdbx_struct_oper_list.matrix[1][3]         0.0000000000 
_pdbx_struct_oper_list.vector[1]            0.0000000000 
_pdbx_struct_oper_list.matrix[2][1]         0.0000000000 
_pdbx_struct_oper_list.matrix[2][2]         1.0000000000 
_pdbx_struct_oper_list.matrix[2][3]         0.0000000000 
_pdbx_struct_oper_list.vector[2]            0.0000000000 
_pdbx_struct_oper_list.matrix[3][1]         0.0000000000 
_pdbx_struct_oper_list.matrix[3][2]         0.0000000000 
_pdbx_struct_oper_list.matrix[3][3]         1.0000000000 
_pdbx_struct_oper_list.vector[3]            0.0000000000 
# 
_struct_biol.id        1 
_struct_biol.details   ? 
# 
_struct_conn.id                            covale1 
_struct_conn.conn_type_id                  covale 
_struct_conn.pdbx_leaving_atom_flag        both 
_struct_conn.pdbx_PDB_id                   ? 
_struct_conn.ptnr1_label_asym_id           A 
_struct_conn.ptnr1_label_comp_id           ARG 
_struct_conn.ptnr1_label_seq_id            1 
_struct_conn.ptnr1_label_atom_id           N 
_struct_conn.pdbx_ptnr1_label_alt_id       ? 
_struct_conn.pdbx_ptnr1_PDB_ins_code       ? 
_struct_conn.pdbx_ptnr1_standard_comp_id   ? 
_struct_conn.ptnr1_symmetry                1_555 
_struct_conn.ptnr2_label_asym_id           A 
_struct_conn.ptnr2_label_comp_id           ARG 
_struct_conn.ptnr2_label_seq_id            6 
_struct_conn.ptnr2_label_atom_id           C 
_struct_conn.pdbx_ptnr2_label_alt_id       ? 
_struct_conn.pdbx_ptnr2_PDB_ins_code       ? 
_struct_conn.ptnr1_auth_asym_id            A 
_struct_conn.ptnr1_auth_comp_id            ARG 
_struct_conn.ptnr1_auth_seq_id             1 
_struct_conn.ptnr2_auth_asym_id            A 
_struct_conn.ptnr2_auth_comp_id            ARG 
_struct_conn.ptnr2_auth_seq_id             6 
_struct_conn.ptnr2_symmetry                1_555 
_struct_conn.pdbx_ptnr3_label_atom_id      ? 
_struct_conn.pdbx_ptnr3_label_seq_id       ? 
_struct_conn.pdbx_ptnr3_label_comp_id      ? 
_struct_conn.pdbx_ptnr3_label_asym_id      ? 
_struct_conn.pdbx_ptnr3_label_alt_id       ? 
_struct_conn.pdbx_ptnr3_PDB_ins_code       ? 
_struct_conn.details                       ? 
_struct_conn.pdbx_dist_value               1.346 
_struct_conn.pdbx_value_order              ? 
_struct_conn.pdbx_role                     ? 
# 
_struct_conn_type.id          covale 
_struct_conn_type.criteria    ? 
_struct_conn_type.reference   ? 
# 
_pdbx_modification_feature.ordinal                            1 
_pdbx_modification_feature.label_comp_id                      ARG 
_pdbx_modification_feature.label_asym_id                      A 
_pdbx_modification_feature.label_seq_id                       1 
_pdbx_modification_feature.label_alt_id                       ? 
_pdbx_modification_feature.modified_residue_label_comp_id     ARG 
_pdbx_modification_feature.modified_residue_label_asym_id     A 
_pdbx_modification_feature.modified_residue_label_seq_id      6 
_pdbx_modification_feature.modified_residue_label_alt_id      ? 
_pdbx_modification_feature.auth_comp_id                       ARG 
_pdbx_modification_feature.auth_asym_id                       A 
_pdbx_modification_feature.auth_seq_id                        1 
_pdbx_modification_feature.PDB_ins_code                       ? 
_pdbx_modification_feature.symmetry                           1_555 
_pdbx_modification_feature.modified_residue_auth_comp_id      ARG 
_pdbx_modification_feature.modified_residue_auth_asym_id      A 
_pdbx_modification_feature.modified_residue_auth_seq_id       6 
_pdbx_modification_feature.modified_residue_PDB_ins_code      ? 
_pdbx_modification_feature.modified_residue_symmetry          1_555 
_pdbx_modification_feature.comp_id_linking_atom               N 
_pdbx_modification_feature.modified_residue_id_linking_atom   C 
_pdbx_modification_feature.modified_residue_id                . 
_pdbx_modification_feature.ref_pcm_id                         . 
_pdbx_modification_feature.ref_comp_id                        . 
_pdbx_modification_feature.type                               None 
_pdbx_modification_feature.category                           'Non-standard linkage' 
# 
_pdbx_entry_details.entry_id                   2OX2 
_pdbx_entry_details.compound_details           ? 
_pdbx_entry_details.source_details             ? 
_pdbx_entry_details.nonpolymer_details         ? 
_pdbx_entry_details.sequence_details           ? 
_pdbx_entry_details.has_ligand_of_interest     ? 
_pdbx_entry_details.has_protein_modification   Y 
# 
loop_
_pdbx_validate_torsion.id 
_pdbx_validate_torsion.PDB_model_num 
_pdbx_validate_torsion.auth_comp_id 
_pdbx_validate_torsion.auth_asym_id 
_pdbx_validate_torsion.auth_seq_id 
_pdbx_validate_torsion.PDB_ins_code 
_pdbx_validate_torsion.label_alt_id 
_pdbx_validate_torsion.phi 
_pdbx_validate_torsion.psi 
1  1  ARG A 2 ? ? -54.86  -84.67 
2  1  TRP A 3 ? ? -151.30 -16.93 
3  1  TRP A 4 ? ? -156.63 -5.50  
4  2  ARG A 2 ? ? -53.43  -84.28 
5  2  TRP A 3 ? ? -151.71 -19.94 
6  2  TRP A 4 ? ? -154.28 -1.11  
7  3  ARG A 2 ? ? -51.17  -80.77 
8  3  TRP A 3 ? ? -154.56 -21.44 
9  3  TRP A 4 ? ? -152.82 -1.27  
10 4  ARG A 2 ? ? -53.38  -84.87 
11 4  TRP A 3 ? ? -154.29 -20.85 
12 4  TRP A 4 ? ? -153.22 5.25   
13 5  ARG A 2 ? ? -71.22  -96.28 
14 5  TRP A 3 ? ? -140.22 -17.60 
15 6  ARG A 2 ? ? -51.84  -82.35 
16 6  TRP A 3 ? ? -155.13 -26.53 
17 7  ARG A 2 ? ? -60.22  -85.85 
18 7  TRP A 3 ? ? -142.57 -21.84 
19 7  TRP A 4 ? ? -152.97 -11.61 
20 7  PHE A 5 ? ? -89.73  33.53  
21 8  ARG A 2 ? ? -67.25  -95.86 
22 8  TRP A 3 ? ? -145.97 -16.99 
23 8  TRP A 4 ? ? -151.21 8.44   
24 9  ARG A 2 ? ? -46.20  -77.99 
25 9  TRP A 3 ? ? -154.79 -22.65 
26 9  TRP A 4 ? ? -155.83 -9.30  
27 9  PHE A 5 ? ? -95.45  39.45  
28 10 ARG A 2 ? ? -55.97  -85.78 
29 10 TRP A 3 ? ? -151.58 -21.04 
30 10 TRP A 4 ? ? -154.77 13.29  
# 
_pdbx_nmr_ensemble.entry_id                                      2OX2 
_pdbx_nmr_ensemble.conformers_calculated_total_number            100 
_pdbx_nmr_ensemble.conformers_submitted_total_number             10 
_pdbx_nmr_ensemble.conformer_selection_criteria                  'structures with the lowest energy' 
_pdbx_nmr_ensemble.average_constraints_per_residue               ? 
_pdbx_nmr_ensemble.average_constraint_violations_per_residue     ? 
_pdbx_nmr_ensemble.maximum_distance_constraint_violation         ? 
_pdbx_nmr_ensemble.average_distance_constraint_violation         ? 
_pdbx_nmr_ensemble.maximum_upper_distance_constraint_violation   ? 
_pdbx_nmr_ensemble.maximum_lower_distance_constraint_violation   ? 
_pdbx_nmr_ensemble.distance_constraint_violation_method          ? 
_pdbx_nmr_ensemble.maximum_torsion_angle_constraint_violation    ? 
_pdbx_nmr_ensemble.average_torsion_angle_constraint_violation    ? 
_pdbx_nmr_ensemble.torsion_angle_constraint_violation_method     ? 
# 
_pdbx_nmr_representative.entry_id             2OX2 
_pdbx_nmr_representative.conformer_id         1 
_pdbx_nmr_representative.selection_criteria   'lowest energy' 
# 
_pdbx_nmr_sample_details.solution_id      1 
_pdbx_nmr_sample_details.contents         '2.5 mM cRW2, 50 mM DPC, H2O/D2O:9/1' 
_pdbx_nmr_sample_details.solvent_system   'H2O/D2O 9/1' 
# 
_pdbx_nmr_exptl_sample_conditions.conditions_id       1 
_pdbx_nmr_exptl_sample_conditions.temperature         300 
_pdbx_nmr_exptl_sample_conditions.pressure            1 
_pdbx_nmr_exptl_sample_conditions.pH                  6.3 
_pdbx_nmr_exptl_sample_conditions.ionic_strength      ? 
_pdbx_nmr_exptl_sample_conditions.pressure_units      atm 
_pdbx_nmr_exptl_sample_conditions.temperature_units   K 
# 
loop_
_pdbx_nmr_exptl.experiment_id 
_pdbx_nmr_exptl.solution_id 
_pdbx_nmr_exptl.conditions_id 
_pdbx_nmr_exptl.type 
1 1 1 '2D NOESY' 
2 1 1 '2D TOCSY' 
3 1 1 DQF-COSY   
# 
_pdbx_nmr_refine.entry_id           2OX2 
_pdbx_nmr_refine.method             'simulated annealing' 
_pdbx_nmr_refine.details            ? 
_pdbx_nmr_refine.software_ordinal   1 
# 
loop_
_pdbx_nmr_software.name 
_pdbx_nmr_software.version 
_pdbx_nmr_software.classification 
_pdbx_nmr_software.authors 
_pdbx_nmr_software.ordinal 
XwinNMR 2.6 collection           Bruker                         1 
Sparky  3.1 'data analysis'      'Goddard, T.D., Kneller, D.G.' 2 
Amber   6.0 'structure solution' 'Case, D.A. et al.'            3 
Amber   6.0 refinement           'Case, D.A. et al.'            4 
# 
loop_
_chem_comp_atom.comp_id 
_chem_comp_atom.atom_id 
_chem_comp_atom.type_symbol 
_chem_comp_atom.pdbx_aromatic_flag 
_chem_comp_atom.pdbx_stereo_config 
_chem_comp_atom.pdbx_ordinal 
ARG N    N N N 1  
ARG CA   C N S 2  
ARG C    C N N 3  
ARG O    O N N 4  
ARG CB   C N N 5  
ARG CG   C N N 6  
ARG CD   C N N 7  
ARG NE   N N N 8  
ARG CZ   C N N 9  
ARG NH1  N N N 10 
ARG NH2  N N N 11 
ARG OXT  O N N 12 
ARG H    H N N 13 
ARG H2   H N N 14 
ARG HA   H N N 15 
ARG HB2  H N N 16 
ARG HB3  H N N 17 
ARG HG2  H N N 18 
ARG HG3  H N N 19 
ARG HD2  H N N 20 
ARG HD3  H N N 21 
ARG HE   H N N 22 
ARG HH11 H N N 23 
ARG HH12 H N N 24 
ARG HH21 H N N 25 
ARG HH22 H N N 26 
ARG HXT  H N N 27 
PHE N    N N N 28 
PHE CA   C N S 29 
PHE C    C N N 30 
PHE O    O N N 31 
PHE CB   C N N 32 
PHE CG   C Y N 33 
PHE CD1  C Y N 34 
PHE CD2  C Y N 35 
PHE CE1  C Y N 36 
PHE CE2  C Y N 37 
PHE CZ   C Y N 38 
PHE OXT  O N N 39 
PHE H    H N N 40 
PHE H2   H N N 41 
PHE HA   H N N 42 
PHE HB2  H N N 43 
PHE HB3  H N N 44 
PHE HD1  H N N 45 
PHE HD2  H N N 46 
PHE HE1  H N N 47 
PHE HE2  H N N 48 
PHE HZ   H N N 49 
PHE HXT  H N N 50 
TRP N    N N N 51 
TRP CA   C N S 52 
TRP C    C N N 53 
TRP O    O N N 54 
TRP CB   C N N 55 
TRP CG   C Y N 56 
TRP CD1  C Y N 57 
TRP CD2  C Y N 58 
TRP NE1  N Y N 59 
TRP CE2  C Y N 60 
TRP CE3  C Y N 61 
TRP CZ2  C Y N 62 
TRP CZ3  C Y N 63 
TRP CH2  C Y N 64 
TRP OXT  O N N 65 
TRP H    H N N 66 
TRP H2   H N N 67 
TRP HA   H N N 68 
TRP HB2  H N N 69 
TRP HB3  H N N 70 
TRP HD1  H N N 71 
TRP HE1  H N N 72 
TRP HE3  H N N 73 
TRP HZ2  H N N 74 
TRP HZ3  H N N 75 
TRP HH2  H N N 76 
TRP HXT  H N N 77 
# 
loop_
_chem_comp_bond.comp_id 
_chem_comp_bond.atom_id_1 
_chem_comp_bond.atom_id_2 
_chem_comp_bond.value_order 
_chem_comp_bond.pdbx_aromatic_flag 
_chem_comp_bond.pdbx_stereo_config 
_chem_comp_bond.pdbx_ordinal 
ARG N   CA   sing N N 1  
ARG N   H    sing N N 2  
ARG N   H2   sing N N 3  
ARG CA  C    sing N N 4  
ARG CA  CB   sing N N 5  
ARG CA  HA   sing N N 6  
ARG C   O    doub N N 7  
ARG C   OXT  sing N N 8  
ARG CB  CG   sing N N 9  
ARG CB  HB2  sing N N 10 
ARG CB  HB3  sing N N 11 
ARG CG  CD   sing N N 12 
ARG CG  HG2  sing N N 13 
ARG CG  HG3  sing N N 14 
ARG CD  NE   sing N N 15 
ARG CD  HD2  sing N N 16 
ARG CD  HD3  sing N N 17 
ARG NE  CZ   sing N N 18 
ARG NE  HE   sing N N 19 
ARG CZ  NH1  sing N N 20 
ARG CZ  NH2  doub N N 21 
ARG NH1 HH11 sing N N 22 
ARG NH1 HH12 sing N N 23 
ARG NH2 HH21 sing N N 24 
ARG NH2 HH22 sing N N 25 
ARG OXT HXT  sing N N 26 
PHE N   CA   sing N N 27 
PHE N   H    sing N N 28 
PHE N   H2   sing N N 29 
PHE CA  C    sing N N 30 
PHE CA  CB   sing N N 31 
PHE CA  HA   sing N N 32 
PHE C   O    doub N N 33 
PHE C   OXT  sing N N 34 
PHE CB  CG   sing N N 35 
PHE CB  HB2  sing N N 36 
PHE CB  HB3  sing N N 37 
PHE CG  CD1  doub Y N 38 
PHE CG  CD2  sing Y N 39 
PHE CD1 CE1  sing Y N 40 
PHE CD1 HD1  sing N N 41 
PHE CD2 CE2  doub Y N 42 
PHE CD2 HD2  sing N N 43 
PHE CE1 CZ   doub Y N 44 
PHE CE1 HE1  sing N N 45 
PHE CE2 CZ   sing Y N 46 
PHE CE2 HE2  sing N N 47 
PHE CZ  HZ   sing N N 48 
PHE OXT HXT  sing N N 49 
TRP N   CA   sing N N 50 
TRP N   H    sing N N 51 
TRP N   H2   sing N N 52 
TRP CA  C    sing N N 53 
TRP CA  CB   sing N N 54 
TRP CA  HA   sing N N 55 
TRP C   O    doub N N 56 
TRP C   OXT  sing N N 57 
TRP CB  CG   sing N N 58 
TRP CB  HB2  sing N N 59 
TRP CB  HB3  sing N N 60 
TRP CG  CD1  doub Y N 61 
TRP CG  CD2  sing Y N 62 
TRP CD1 NE1  sing Y N 63 
TRP CD1 HD1  sing N N 64 
TRP CD2 CE2  doub Y N 65 
TRP CD2 CE3  sing Y N 66 
TRP NE1 CE2  sing Y N 67 
TRP NE1 HE1  sing N N 68 
TRP CE2 CZ2  sing Y N 69 
TRP CE3 CZ3  doub Y N 70 
TRP CE3 HE3  sing N N 71 
TRP CZ2 CH2  doub Y N 72 
TRP CZ2 HZ2  sing N N 73 
TRP CZ3 CH2  sing Y N 74 
TRP CZ3 HZ3  sing N N 75 
TRP CH2 HH2  sing N N 76 
TRP OXT HXT  sing N N 77 
# 
_pdbx_nmr_spectrometer.spectrometer_id   1 
_pdbx_nmr_spectrometer.type              ? 
_pdbx_nmr_spectrometer.manufacturer      Bruker 
_pdbx_nmr_spectrometer.model             DRX 
_pdbx_nmr_spectrometer.field_strength    600 
# 
_atom_sites.entry_id                    2OX2 
_atom_sites.fract_transf_matrix[1][1]   1.000000 
_atom_sites.fract_transf_matrix[1][2]   0.000000 
_atom_sites.fract_transf_matrix[1][3]   0.000000 
_atom_sites.fract_transf_matrix[2][1]   0.000000 
_atom_sites.fract_transf_matrix[2][2]   1.000000 
_atom_sites.fract_transf_matrix[2][3]   0.000000 
_atom_sites.fract_transf_matrix[3][1]   0.000000 
_atom_sites.fract_transf_matrix[3][2]   0.000000 
_atom_sites.fract_transf_matrix[3][3]   1.000000 
_atom_sites.fract_transf_vector[1]      0.00000 
_atom_sites.fract_transf_vector[2]      0.00000 
_atom_sites.fract_transf_vector[3]      0.00000 
# 
loop_
_atom_type.symbol 
C 
H 
N 
O 
# 
loop_
_atom_site.group_PDB 
_atom_site.id 
_atom_site.type_symbol 
_atom_site.label_atom_id 
_atom_site.label_alt_id 
_atom_site.label_comp_id 
_atom_site.label_asym_id 
_atom_site.label_entity_id 
_atom_site.label_seq_id 
_atom_site.pdbx_PDB_ins_code 
_atom_site.Cartn_x 
_atom_site.Cartn_y 
_atom_site.Cartn_z 
_atom_site.occupancy 
_atom_site.B_iso_or_equiv 
_atom_site.pdbx_formal_charge 
_atom_site.auth_seq_id 
_atom_site.auth_comp_id 
_atom_site.auth_asym_id 
_atom_site.auth_atom_id 
_atom_site.pdbx_PDB_model_num 
ATOM 1    N N    . ARG A 1 1 ? 1.068  -2.133 -1.229  1.00 0.00 ? 1 ARG A N    1  
ATOM 2    C CA   . ARG A 1 1 ? 1.126  -1.936 -2.675  1.00 0.00 ? 1 ARG A CA   1  
ATOM 3    C C    . ARG A 1 1 ? 0.843  -0.464 -3.011  1.00 0.00 ? 1 ARG A C    1  
ATOM 4    O O    . ARG A 1 1 ? 1.734  0.204  -3.534  1.00 0.00 ? 1 ARG A O    1  
ATOM 5    C CB   . ARG A 1 1 ? 0.113  -2.884 -3.350  1.00 0.00 ? 1 ARG A CB   1  
ATOM 6    C CG   . ARG A 1 1 ? 0.023  -2.784 -4.883  1.00 0.00 ? 1 ARG A CG   1  
ATOM 7    C CD   . ARG A 1 1 ? 1.246  -3.326 -5.636  1.00 0.00 ? 1 ARG A CD   1  
ATOM 8    N NE   . ARG A 1 1 ? 2.384  -2.390 -5.622  1.00 0.00 ? 1 ARG A NE   1  
ATOM 9    C CZ   . ARG A 1 1 ? 3.631  -2.648 -5.187  1.00 0.00 ? 1 ARG A CZ   1  
ATOM 10   N NH1  . ARG A 1 1 ? 3.978  -3.841 -4.686  1.00 0.00 ? 1 ARG A NH1  1  
ATOM 11   N NH2  . ARG A 1 1 ? 4.552  -1.680 -5.250  1.00 0.00 ? 1 ARG A NH2  1  
ATOM 12   H H1   . ARG A 1 1 ? 0.538  -1.454 -0.705  1.00 0.00 ? 1 ARG A H1   1  
ATOM 13   H HA   . ARG A 1 1 ? 2.131  -2.184 -3.011  1.00 0.00 ? 1 ARG A HA   1  
ATOM 14   H HB2  . ARG A 1 1 ? 0.361  -3.913 -3.091  1.00 0.00 ? 1 ARG A HB2  1  
ATOM 15   H HB3  . ARG A 1 1 ? -0.879 -2.680 -2.943  1.00 0.00 ? 1 ARG A HB3  1  
ATOM 16   H HG2  . ARG A 1 1 ? -0.837 -3.380 -5.190  1.00 0.00 ? 1 ARG A HG2  1  
ATOM 17   H HG3  . ARG A 1 1 ? -0.169 -1.754 -5.182  1.00 0.00 ? 1 ARG A HG3  1  
ATOM 18   H HD2  . ARG A 1 1 ? 1.526  -4.294 -5.216  1.00 0.00 ? 1 ARG A HD2  1  
ATOM 19   H HD3  . ARG A 1 1 ? 0.964  -3.484 -6.677  1.00 0.00 ? 1 ARG A HD3  1  
ATOM 20   H HE   . ARG A 1 1 ? 2.199  -1.465 -5.984  1.00 0.00 ? 1 ARG A HE   1  
ATOM 21   H HH11 . ARG A 1 1 ? 3.296  -4.583 -4.628  1.00 0.00 ? 1 ARG A HH11 1  
ATOM 22   H HH12 . ARG A 1 1 ? 4.922  -3.998 -4.366  1.00 0.00 ? 1 ARG A HH12 1  
ATOM 23   H HH21 . ARG A 1 1 ? 4.308  -0.774 -5.623  1.00 0.00 ? 1 ARG A HH21 1  
ATOM 24   H HH22 . ARG A 1 1 ? 5.492  -1.856 -4.927  1.00 0.00 ? 1 ARG A HH22 1  
ATOM 25   N N    . ARG A 1 2 ? -0.370 0.029  -2.695  1.00 0.00 ? 2 ARG A N    1  
ATOM 26   C CA   . ARG A 1 2 ? -0.805 1.418  -2.871  1.00 0.00 ? 2 ARG A CA   1  
ATOM 27   C C    . ARG A 1 2 ? 0.137  2.423  -2.179  1.00 0.00 ? 2 ARG A C    1  
ATOM 28   O O    . ARG A 1 2 ? 1.025  2.977  -2.826  1.00 0.00 ? 2 ARG A O    1  
ATOM 29   C CB   . ARG A 1 2 ? -2.270 1.529  -2.396  1.00 0.00 ? 2 ARG A CB   1  
ATOM 30   C CG   . ARG A 1 2 ? -2.906 2.901  -2.678  1.00 0.00 ? 2 ARG A CG   1  
ATOM 31   C CD   . ARG A 1 2 ? -4.300 3.022  -2.046  1.00 0.00 ? 2 ARG A CD   1  
ATOM 32   N NE   . ARG A 1 2 ? -5.280 2.116  -2.670  1.00 0.00 ? 2 ARG A NE   1  
ATOM 33   C CZ   . ARG A 1 2 ? -5.873 1.053  -2.096  1.00 0.00 ? 2 ARG A CZ   1  
ATOM 34   N NH1  . ARG A 1 2 ? -5.623 0.691  -0.831  1.00 0.00 ? 2 ARG A NH1  1  
ATOM 35   N NH2  . ARG A 1 2 ? -6.742 0.330  -2.811  1.00 0.00 ? 2 ARG A NH2  1  
ATOM 36   H H    . ARG A 1 2 ? -1.089 -0.631 -2.430  1.00 0.00 ? 2 ARG A H    1  
ATOM 37   H HA   . ARG A 1 2 ? -0.791 1.638  -3.935  1.00 0.00 ? 2 ARG A HA   1  
ATOM 38   H HB2  . ARG A 1 2 ? -2.856 0.760  -2.901  1.00 0.00 ? 2 ARG A HB2  1  
ATOM 39   H HB3  . ARG A 1 2 ? -2.317 1.334  -1.325  1.00 0.00 ? 2 ARG A HB3  1  
ATOM 40   H HG2  . ARG A 1 2 ? -2.282 3.689  -2.260  1.00 0.00 ? 2 ARG A HG2  1  
ATOM 41   H HG3  . ARG A 1 2 ? -2.974 3.059  -3.755  1.00 0.00 ? 2 ARG A HG3  1  
ATOM 42   H HD2  . ARG A 1 2 ? -4.224 2.837  -0.973  1.00 0.00 ? 2 ARG A HD2  1  
ATOM 43   H HD3  . ARG A 1 2 ? -4.650 4.047  -2.181  1.00 0.00 ? 2 ARG A HD3  1  
ATOM 44   H HE   . ARG A 1 2 ? -5.528 2.328  -3.626  1.00 0.00 ? 2 ARG A HE   1  
ATOM 45   H HH11 . ARG A 1 2 ? -4.980 1.228  -0.269  1.00 0.00 ? 2 ARG A HH11 1  
ATOM 46   H HH12 . ARG A 1 2 ? -6.089 -0.112 -0.434  1.00 0.00 ? 2 ARG A HH12 1  
ATOM 47   H HH21 . ARG A 1 2 ? -6.951 0.590  -3.764  1.00 0.00 ? 2 ARG A HH21 1  
ATOM 48   H HH22 . ARG A 1 2 ? -7.200 -0.468 -2.394  1.00 0.00 ? 2 ARG A HH22 1  
ATOM 49   N N    . TRP A 1 3 ? -0.071 2.662  -0.876  1.00 0.00 ? 3 TRP A N    1  
ATOM 50   C CA   . TRP A 1 3 ? 0.606  3.660  -0.059  1.00 0.00 ? 3 TRP A CA   1  
ATOM 51   C C    . TRP A 1 3 ? 0.671  3.213  1.415   1.00 0.00 ? 3 TRP A C    1  
ATOM 52   O O    . TRP A 1 3 ? 1.462  3.747  2.189   1.00 0.00 ? 3 TRP A O    1  
ATOM 53   C CB   . TRP A 1 3 ? -0.207 4.953  -0.196  1.00 0.00 ? 3 TRP A CB   1  
ATOM 54   C CG   . TRP A 1 3 ? 0.558  6.213  0.005   1.00 0.00 ? 3 TRP A CG   1  
ATOM 55   C CD1  . TRP A 1 3 ? 1.169  6.867  -0.997  1.00 0.00 ? 3 TRP A CD1  1  
ATOM 56   C CD2  . TRP A 1 3 ? 0.802  7.000  1.209   1.00 0.00 ? 3 TRP A CD2  1  
ATOM 57   N NE1  . TRP A 1 3 ? 1.733  8.031  -0.522  1.00 0.00 ? 3 TRP A NE1  1  
ATOM 58   C CE2  . TRP A 1 3 ? 1.547  8.162  0.841   1.00 0.00 ? 3 TRP A CE2  1  
ATOM 59   C CE3  . TRP A 1 3 ? 0.472  6.852  2.569   1.00 0.00 ? 3 TRP A CE3  1  
ATOM 60   C CZ2  . TRP A 1 3 ? 1.927  9.135  1.778   1.00 0.00 ? 3 TRP A CZ2  1  
ATOM 61   C CZ3  . TRP A 1 3 ? 0.849  7.819  3.520   1.00 0.00 ? 3 TRP A CZ3  1  
ATOM 62   C CH2  . TRP A 1 3 ? 1.572  8.960  3.127   1.00 0.00 ? 3 TRP A CH2  1  
ATOM 63   H H    . TRP A 1 3 ? -0.906 2.296  -0.467  1.00 0.00 ? 3 TRP A H    1  
ATOM 64   H HA   . TRP A 1 3 ? 1.618  3.830  -0.424  1.00 0.00 ? 3 TRP A HA   1  
ATOM 65   H HB2  . TRP A 1 3 ? -0.635 5.007  -1.197  1.00 0.00 ? 3 TRP A HB2  1  
ATOM 66   H HB3  . TRP A 1 3 ? -1.045 4.931  0.496   1.00 0.00 ? 3 TRP A HB3  1  
ATOM 67   H HD1  . TRP A 1 3 ? 1.169  6.516  -2.019  1.00 0.00 ? 3 TRP A HD1  1  
ATOM 68   H HE1  . TRP A 1 3 ? 2.186  8.703  -1.121  1.00 0.00 ? 3 TRP A HE1  1  
ATOM 69   H HE3  . TRP A 1 3 ? -0.071 5.972  2.876   1.00 0.00 ? 3 TRP A HE3  1  
ATOM 70   H HZ2  . TRP A 1 3 ? 2.488  10.004 1.468   1.00 0.00 ? 3 TRP A HZ2  1  
ATOM 71   H HZ3  . TRP A 1 3 ? 0.583  7.685  4.558   1.00 0.00 ? 3 TRP A HZ3  1  
ATOM 72   H HH2  . TRP A 1 3 ? 1.858  9.698  3.861   1.00 0.00 ? 3 TRP A HH2  1  
ATOM 73   N N    . TRP A 1 4 ? -0.163 2.226  1.782   1.00 0.00 ? 4 TRP A N    1  
ATOM 74   C CA   . TRP A 1 4 ? -0.339 1.649  3.114   1.00 0.00 ? 4 TRP A CA   1  
ATOM 75   C C    . TRP A 1 4 ? -0.916 0.219  3.029   1.00 0.00 ? 4 TRP A C    1  
ATOM 76   O O    . TRP A 1 4 ? -1.032 -0.457 4.051   1.00 0.00 ? 4 TRP A O    1  
ATOM 77   C CB   . TRP A 1 4 ? -1.292 2.547  3.923   1.00 0.00 ? 4 TRP A CB   1  
ATOM 78   C CG   . TRP A 1 4 ? -2.589 2.891  3.243   1.00 0.00 ? 4 TRP A CG   1  
ATOM 79   C CD1  . TRP A 1 4 ? -2.831 4.024  2.544   1.00 0.00 ? 4 TRP A CD1  1  
ATOM 80   C CD2  . TRP A 1 4 ? -3.821 2.108  3.158   1.00 0.00 ? 4 TRP A CD2  1  
ATOM 81   N NE1  . TRP A 1 4 ? -4.102 3.986  2.013   1.00 0.00 ? 4 TRP A NE1  1  
ATOM 82   C CE2  . TRP A 1 4 ? -4.760 2.825  2.356   1.00 0.00 ? 4 TRP A CE2  1  
ATOM 83   C CE3  . TRP A 1 4 ? -4.245 0.865  3.678   1.00 0.00 ? 4 TRP A CE3  1  
ATOM 84   C CZ2  . TRP A 1 4 ? -6.043 2.329  2.075   1.00 0.00 ? 4 TRP A CZ2  1  
ATOM 85   C CZ3  . TRP A 1 4 ? -5.527 0.355  3.401   1.00 0.00 ? 4 TRP A CZ3  1  
ATOM 86   C CH2  . TRP A 1 4 ? -6.425 1.082  2.600   1.00 0.00 ? 4 TRP A CH2  1  
ATOM 87   H H    . TRP A 1 4 ? -0.772 1.852  1.070   1.00 0.00 ? 4 TRP A H    1  
ATOM 88   H HA   . TRP A 1 4 ? 0.628  1.602  3.620   1.00 0.00 ? 4 TRP A HA   1  
ATOM 89   H HB2  . TRP A 1 4 ? -1.515 2.065  4.876   1.00 0.00 ? 4 TRP A HB2  1  
ATOM 90   H HB3  . TRP A 1 4 ? -0.773 3.475  4.158   1.00 0.00 ? 4 TRP A HB3  1  
ATOM 91   H HD1  . TRP A 1 4 ? -2.126 4.832  2.404   1.00 0.00 ? 4 TRP A HD1  1  
ATOM 92   H HE1  . TRP A 1 4 ? -4.481 4.739  1.455   1.00 0.00 ? 4 TRP A HE1  1  
ATOM 93   H HE3  . TRP A 1 4 ? -3.574 0.297  4.305   1.00 0.00 ? 4 TRP A HE3  1  
ATOM 94   H HZ2  . TRP A 1 4 ? -6.729 2.899  1.467   1.00 0.00 ? 4 TRP A HZ2  1  
ATOM 95   H HZ3  . TRP A 1 4 ? -5.827 -0.598 3.811   1.00 0.00 ? 4 TRP A HZ3  1  
ATOM 96   H HH2  . TRP A 1 4 ? -7.410 0.689  2.396   1.00 0.00 ? 4 TRP A HH2  1  
ATOM 97   N N    . PHE A 1 5 ? -1.270 -0.234 1.815   1.00 0.00 ? 5 PHE A N    1  
ATOM 98   C CA   . PHE A 1 5 ? -1.982 -1.479 1.526   1.00 0.00 ? 5 PHE A CA   1  
ATOM 99   C C    . PHE A 1 5 ? -1.001 -2.529 0.966   1.00 0.00 ? 5 PHE A C    1  
ATOM 100  O O    . PHE A 1 5 ? -1.361 -3.331 0.103   1.00 0.00 ? 5 PHE A O    1  
ATOM 101  C CB   . PHE A 1 5 ? -3.156 -1.131 0.586   1.00 0.00 ? 5 PHE A CB   1  
ATOM 102  C CG   . PHE A 1 5 ? -4.028 -2.285 0.126   1.00 0.00 ? 5 PHE A CG   1  
ATOM 103  C CD1  . PHE A 1 5 ? -4.780 -3.023 1.058   1.00 0.00 ? 5 PHE A CD1  1  
ATOM 104  C CD2  . PHE A 1 5 ? -4.082 -2.625 -1.241  1.00 0.00 ? 5 PHE A CD2  1  
ATOM 105  C CE1  . PHE A 1 5 ? -5.570 -4.106 0.628   1.00 0.00 ? 5 PHE A CE1  1  
ATOM 106  C CE2  . PHE A 1 5 ? -4.866 -3.708 -1.670  1.00 0.00 ? 5 PHE A CE2  1  
ATOM 107  C CZ   . PHE A 1 5 ? -5.608 -4.451 -0.734  1.00 0.00 ? 5 PHE A CZ   1  
ATOM 108  H H    . PHE A 1 5 ? -1.071 0.357  1.021   1.00 0.00 ? 5 PHE A H    1  
ATOM 109  H HA   . PHE A 1 5 ? -2.397 -1.874 2.455   1.00 0.00 ? 5 PHE A HA   1  
ATOM 110  H HB2  . PHE A 1 5 ? -3.816 -0.419 1.088   1.00 0.00 ? 5 PHE A HB2  1  
ATOM 111  H HB3  . PHE A 1 5 ? -2.749 -0.635 -0.294  1.00 0.00 ? 5 PHE A HB3  1  
ATOM 112  H HD1  . PHE A 1 5 ? -4.750 -2.766 2.107   1.00 0.00 ? 5 PHE A HD1  1  
ATOM 113  H HD2  . PHE A 1 5 ? -3.508 -2.064 -1.966  1.00 0.00 ? 5 PHE A HD2  1  
ATOM 114  H HE1  . PHE A 1 5 ? -6.141 -4.676 1.346   1.00 0.00 ? 5 PHE A HE1  1  
ATOM 115  H HE2  . PHE A 1 5 ? -4.897 -3.973 -2.717  1.00 0.00 ? 5 PHE A HE2  1  
ATOM 116  H HZ   . PHE A 1 5 ? -6.209 -5.286 -1.065  1.00 0.00 ? 5 PHE A HZ   1  
ATOM 117  N N    . ARG A 1 6 ? 0.259  -2.509 1.443   1.00 0.00 ? 6 ARG A N    1  
ATOM 118  C CA   . ARG A 1 6 ? 1.380  -3.313 0.948   1.00 0.00 ? 6 ARG A CA   1  
ATOM 119  C C    . ARG A 1 6 ? 1.646  -3.156 -0.571  1.00 0.00 ? 6 ARG A C    1  
ATOM 120  O O    . ARG A 1 6 ? 2.362  -3.976 -1.146  1.00 0.00 ? 6 ARG A O    1  
ATOM 121  C CB   . ARG A 1 6 ? 1.224  -4.796 1.361   1.00 0.00 ? 6 ARG A CB   1  
ATOM 122  C CG   . ARG A 1 6 ? 1.017  -5.081 2.866   1.00 0.00 ? 6 ARG A CG   1  
ATOM 123  C CD   . ARG A 1 6 ? -0.403 -4.878 3.422   1.00 0.00 ? 6 ARG A CD   1  
ATOM 124  N NE   . ARG A 1 6 ? -1.410 -5.649 2.673   1.00 0.00 ? 6 ARG A NE   1  
ATOM 125  C CZ   . ARG A 1 6 ? -2.738 -5.600 2.868   1.00 0.00 ? 6 ARG A CZ   1  
ATOM 126  N NH1  . ARG A 1 6 ? -3.284 -4.805 3.800   1.00 0.00 ? 6 ARG A NH1  1  
ATOM 127  N NH2  . ARG A 1 6 ? -3.536 -6.367 2.118   1.00 0.00 ? 6 ARG A NH2  1  
ATOM 128  H H    . ARG A 1 6 ? 0.467  -1.894 2.221   1.00 0.00 ? 6 ARG A H    1  
ATOM 129  H HA   . ARG A 1 6 ? 2.268  -2.934 1.454   1.00 0.00 ? 6 ARG A HA   1  
ATOM 130  H HB2  . ARG A 1 6 ? 0.419  -5.253 0.787   1.00 0.00 ? 6 ARG A HB2  1  
ATOM 131  H HB3  . ARG A 1 6 ? 2.143  -5.310 1.076   1.00 0.00 ? 6 ARG A HB3  1  
ATOM 132  H HG2  . ARG A 1 6 ? 1.284  -6.124 3.041   1.00 0.00 ? 6 ARG A HG2  1  
ATOM 133  H HG3  . ARG A 1 6 ? 1.711  -4.468 3.443   1.00 0.00 ? 6 ARG A HG3  1  
ATOM 134  H HD2  . ARG A 1 6 ? -0.415 -5.208 4.461   1.00 0.00 ? 6 ARG A HD2  1  
ATOM 135  H HD3  . ARG A 1 6 ? -0.667 -3.822 3.408   1.00 0.00 ? 6 ARG A HD3  1  
ATOM 136  H HE   . ARG A 1 6 ? -1.060 -6.267 1.955   1.00 0.00 ? 6 ARG A HE   1  
ATOM 137  H HH11 . ARG A 1 6 ? -2.693 -4.228 4.379   1.00 0.00 ? 6 ARG A HH11 1  
ATOM 138  H HH12 . ARG A 1 6 ? -4.285 -4.797 3.931   1.00 0.00 ? 6 ARG A HH12 1  
ATOM 139  H HH21 . ARG A 1 6 ? -3.138 -6.973 1.415   1.00 0.00 ? 6 ARG A HH21 1  
ATOM 140  H HH22 . ARG A 1 6 ? -4.535 -6.345 2.257   1.00 0.00 ? 6 ARG A HH22 1  
ATOM 141  N N    . ARG A 1 1 ? 1.025  -2.167 -1.278  1.00 0.00 ? 1 ARG A N    2  
ATOM 142  C CA   . ARG A 1 1 ? 1.142  -1.934 -2.715  1.00 0.00 ? 1 ARG A CA   2  
ATOM 143  C C    . ARG A 1 1 ? 0.890  -0.449 -3.015  1.00 0.00 ? 1 ARG A C    2  
ATOM 144  O O    . ARG A 1 1 ? 1.809  0.228  -3.473  1.00 0.00 ? 1 ARG A O    2  
ATOM 145  C CB   . ARG A 1 1 ? 0.147  -2.846 -3.462  1.00 0.00 ? 1 ARG A CB   2  
ATOM 146  C CG   . ARG A 1 1 ? 0.301  -2.773 -4.989  1.00 0.00 ? 1 ARG A CG   2  
ATOM 147  C CD   . ARG A 1 1 ? 1.536  -3.521 -5.514  1.00 0.00 ? 1 ARG A CD   2  
ATOM 148  N NE   . ARG A 1 1 ? 1.323  -4.979 -5.521  1.00 0.00 ? 1 ARG A NE   2  
ATOM 149  C CZ   . ARG A 1 1 ? 2.196  -5.924 -5.129  1.00 0.00 ? 1 ARG A CZ   2  
ATOM 150  N NH1  . ARG A 1 1 ? 3.394  -5.620 -4.613  1.00 0.00 ? 1 ARG A NH1  2  
ATOM 151  N NH2  . ARG A 1 1 ? 1.856  -7.211 -5.262  1.00 0.00 ? 1 ARG A NH2  2  
ATOM 152  H H1   . ARG A 1 1 ? 0.489  -1.492 -0.753  1.00 0.00 ? 1 ARG A H1   2  
ATOM 153  H HA   . ARG A 1 1 ? 2.157  -2.179 -3.034  1.00 0.00 ? 1 ARG A HA   2  
ATOM 154  H HB2  . ARG A 1 1 ? 0.286  -3.880 -3.143  1.00 0.00 ? 1 ARG A HB2  2  
ATOM 155  H HB3  . ARG A 1 1 ? -0.872 -2.561 -3.199  1.00 0.00 ? 1 ARG A HB3  2  
ATOM 156  H HG2  . ARG A 1 1 ? -0.591 -3.201 -5.448  1.00 0.00 ? 1 ARG A HG2  2  
ATOM 157  H HG3  . ARG A 1 1 ? 0.362  -1.729 -5.295  1.00 0.00 ? 1 ARG A HG3  2  
ATOM 158  H HD2  . ARG A 1 1 ? 1.719  -3.203 -6.540  1.00 0.00 ? 1 ARG A HD2  2  
ATOM 159  H HD3  . ARG A 1 1 ? 2.407  -3.255 -4.918  1.00 0.00 ? 1 ARG A HD3  2  
ATOM 160  H HE   . ARG A 1 1 ? 0.439  -5.292 -5.893  1.00 0.00 ? 1 ARG A HE   2  
ATOM 161  H HH11 . ARG A 1 1 ? 3.668  -4.655 -4.504  1.00 0.00 ? 1 ARG A HH11 2  
ATOM 162  H HH12 . ARG A 1 1 ? 4.025  -6.358 -4.334  1.00 0.00 ? 1 ARG A HH12 2  
ATOM 163  H HH21 . ARG A 1 1 ? 0.961  -7.459 -5.659  1.00 0.00 ? 1 ARG A HH21 2  
ATOM 164  H HH22 . ARG A 1 1 ? 2.501  -7.936 -4.982  1.00 0.00 ? 1 ARG A HH22 2  
ATOM 165  N N    . ARG A 1 2 ? -0.330 0.042  -2.738  1.00 0.00 ? 2 ARG A N    2  
ATOM 166  C CA   . ARG A 1 2 ? -0.767 1.430  -2.905  1.00 0.00 ? 2 ARG A CA   2  
ATOM 167  C C    . ARG A 1 2 ? 0.161  2.435  -2.194  1.00 0.00 ? 2 ARG A C    2  
ATOM 168  O O    . ARG A 1 2 ? 1.047  3.004  -2.829  1.00 0.00 ? 2 ARG A O    2  
ATOM 169  C CB   . ARG A 1 2 ? -2.233 1.521  -2.439  1.00 0.00 ? 2 ARG A CB   2  
ATOM 170  C CG   . ARG A 1 2 ? -2.886 2.883  -2.731  1.00 0.00 ? 2 ARG A CG   2  
ATOM 171  C CD   . ARG A 1 2 ? -4.256 3.019  -2.049  1.00 0.00 ? 2 ARG A CD   2  
ATOM 172  N NE   . ARG A 1 2 ? -5.181 1.938  -2.436  1.00 0.00 ? 2 ARG A NE   2  
ATOM 173  C CZ   . ARG A 1 2 ? -5.711 1.009  -1.619  1.00 0.00 ? 2 ARG A CZ   2  
ATOM 174  N NH1  . ARG A 1 2 ? -5.493 1.018  -0.298  1.00 0.00 ? 2 ARG A NH1  2  
ATOM 175  N NH2  . ARG A 1 2 ? -6.479 0.045  -2.136  1.00 0.00 ? 2 ARG A NH2  2  
ATOM 176  H H    . ARG A 1 2 ? -1.063 -0.621 -2.520  1.00 0.00 ? 2 ARG A H    2  
ATOM 177  H HA   . ARG A 1 2 ? -0.744 1.662  -3.968  1.00 0.00 ? 2 ARG A HA   2  
ATOM 178  H HB2  . ARG A 1 2 ? -2.804 0.747  -2.956  1.00 0.00 ? 2 ARG A HB2  2  
ATOM 179  H HB3  . ARG A 1 2 ? -2.291 1.314  -1.370  1.00 0.00 ? 2 ARG A HB3  2  
ATOM 180  H HG2  . ARG A 1 2 ? -2.252 3.689  -2.366  1.00 0.00 ? 2 ARG A HG2  2  
ATOM 181  H HG3  . ARG A 1 2 ? -3.000 3.005  -3.809  1.00 0.00 ? 2 ARG A HG3  2  
ATOM 182  H HD2  . ARG A 1 2 ? -4.108 3.031  -0.970  1.00 0.00 ? 2 ARG A HD2  2  
ATOM 183  H HD3  . ARG A 1 2 ? -4.696 3.974  -2.338  1.00 0.00 ? 2 ARG A HD3  2  
ATOM 184  H HE   . ARG A 1 2 ? -5.404 1.876  -3.419  1.00 0.00 ? 2 ARG A HE   2  
ATOM 185  H HH11 . ARG A 1 2 ? -4.926 1.744  0.116   1.00 0.00 ? 2 ARG A HH11 2  
ATOM 186  H HH12 . ARG A 1 2 ? -5.908 0.308  0.288   1.00 0.00 ? 2 ARG A HH12 2  
ATOM 187  H HH21 . ARG A 1 2 ? -6.659 0.019  -3.129  1.00 0.00 ? 2 ARG A HH21 2  
ATOM 188  H HH22 . ARG A 1 2 ? -6.882 -0.656 -1.532  1.00 0.00 ? 2 ARG A HH22 2  
ATOM 189  N N    . TRP A 1 3 ? -0.060 2.655  -0.890  1.00 0.00 ? 3 TRP A N    2  
ATOM 190  C CA   . TRP A 1 3 ? 0.610  3.653  -0.067  1.00 0.00 ? 3 TRP A CA   2  
ATOM 191  C C    . TRP A 1 3 ? 0.663  3.198  1.406   1.00 0.00 ? 3 TRP A C    2  
ATOM 192  O O    . TRP A 1 3 ? 1.489  3.694  2.170   1.00 0.00 ? 3 TRP A O    2  
ATOM 193  C CB   . TRP A 1 3 ? -0.202 4.947  -0.197  1.00 0.00 ? 3 TRP A CB   2  
ATOM 194  C CG   . TRP A 1 3 ? 0.569  6.209  -0.016  1.00 0.00 ? 3 TRP A CG   2  
ATOM 195  C CD1  . TRP A 1 3 ? 1.136  6.872  -1.039  1.00 0.00 ? 3 TRP A CD1  2  
ATOM 196  C CD2  . TRP A 1 3 ? 0.874  6.985  1.182   1.00 0.00 ? 3 TRP A CD2  2  
ATOM 197  N NE1  . TRP A 1 3 ? 1.729  8.027  -0.580  1.00 0.00 ? 3 TRP A NE1  2  
ATOM 198  C CE2  . TRP A 1 3 ? 1.617  8.140  0.791   1.00 0.00 ? 3 TRP A CE2  2  
ATOM 199  C CE3  . TRP A 1 3 ? 0.603  6.833  2.557   1.00 0.00 ? 3 TRP A CE3  2  
ATOM 200  C CZ2  . TRP A 1 3 ? 2.061  9.096  1.718   1.00 0.00 ? 3 TRP A CZ2  2  
ATOM 201  C CZ3  . TRP A 1 3 ? 1.049  7.780  3.497   1.00 0.00 ? 3 TRP A CZ3  2  
ATOM 202  C CH2  . TRP A 1 3 ? 1.774  8.911  3.081   1.00 0.00 ? 3 TRP A CH2  2  
ATOM 203  H H    . TRP A 1 3 ? -0.894 2.275  -0.490  1.00 0.00 ? 3 TRP A H    2  
ATOM 204  H HA   . TRP A 1 3 ? 1.623  3.819  -0.428  1.00 0.00 ? 3 TRP A HA   2  
ATOM 205  H HB2  . TRP A 1 3 ? -0.652 4.994  -1.190  1.00 0.00 ? 3 TRP A HB2  2  
ATOM 206  H HB3  . TRP A 1 3 ? -1.028 4.931  0.511   1.00 0.00 ? 3 TRP A HB3  2  
ATOM 207  H HD1  . TRP A 1 3 ? 1.090  6.531  -2.063  1.00 0.00 ? 3 TRP A HD1  2  
ATOM 208  H HE1  . TRP A 1 3 ? 2.159  8.703  -1.194  1.00 0.00 ? 3 TRP A HE1  2  
ATOM 209  H HE3  . TRP A 1 3 ? 0.055  5.967  2.885   1.00 0.00 ? 3 TRP A HE3  2  
ATOM 210  H HZ2  . TRP A 1 3 ? 2.618  9.962  1.389   1.00 0.00 ? 3 TRP A HZ2  2  
ATOM 211  H HZ3  . TRP A 1 3 ? 0.833  7.638  4.547   1.00 0.00 ? 3 TRP A HZ3  2  
ATOM 212  H HH2  . TRP A 1 3 ? 2.113  9.635  3.807   1.00 0.00 ? 3 TRP A HH2  2  
ATOM 213  N N    . TRP A 1 4 ? -0.212 2.252  1.787   1.00 0.00 ? 4 TRP A N    2  
ATOM 214  C CA   . TRP A 1 4 ? -0.376 1.693  3.130   1.00 0.00 ? 4 TRP A CA   2  
ATOM 215  C C    . TRP A 1 4 ? -0.965 0.269  3.089   1.00 0.00 ? 4 TRP A C    2  
ATOM 216  O O    . TRP A 1 4 ? -1.131 -0.349 4.140   1.00 0.00 ? 4 TRP A O    2  
ATOM 217  C CB   . TRP A 1 4 ? -1.285 2.619  3.957   1.00 0.00 ? 4 TRP A CB   2  
ATOM 218  C CG   . TRP A 1 4 ? -2.596 3.001  3.328   1.00 0.00 ? 4 TRP A CG   2  
ATOM 219  C CD1  . TRP A 1 4 ? -2.831 4.137  2.630   1.00 0.00 ? 4 TRP A CD1  2  
ATOM 220  C CD2  . TRP A 1 4 ? -3.868 2.277  3.329   1.00 0.00 ? 4 TRP A CD2  2  
ATOM 221  N NE1  . TRP A 1 4 ? -4.135 4.160  2.189   1.00 0.00 ? 4 TRP A NE1  2  
ATOM 222  C CE2  . TRP A 1 4 ? -4.828 3.043  2.600   1.00 0.00 ? 4 TRP A CE2  2  
ATOM 223  C CE3  . TRP A 1 4 ? -4.316 1.058  3.887   1.00 0.00 ? 4 TRP A CE3  2  
ATOM 224  C CZ2  . TRP A 1 4 ? -6.157 2.621  2.431   1.00 0.00 ? 4 TRP A CZ2  2  
ATOM 225  C CZ3  . TRP A 1 4 ? -5.642 0.619  3.713   1.00 0.00 ? 4 TRP A CZ3  2  
ATOM 226  C CH2  . TRP A 1 4 ? -6.562 1.397  2.990   1.00 0.00 ? 4 TRP A CH2  2  
ATOM 227  H H    . TRP A 1 4 ? -0.853 1.904  1.089   1.00 0.00 ? 4 TRP A H    2  
ATOM 228  H HA   . TRP A 1 4 ? 0.601  1.636  3.612   1.00 0.00 ? 4 TRP A HA   2  
ATOM 229  H HB2  . TRP A 1 4 ? -1.492 2.149  4.920   1.00 0.00 ? 4 TRP A HB2  2  
ATOM 230  H HB3  . TRP A 1 4 ? -0.733 3.531  4.177   1.00 0.00 ? 4 TRP A HB3  2  
ATOM 231  H HD1  . TRP A 1 4 ? -2.104 4.917  2.446   1.00 0.00 ? 4 TRP A HD1  2  
ATOM 232  H HE1  . TRP A 1 4 ? -4.516 4.927  1.654   1.00 0.00 ? 4 TRP A HE1  2  
ATOM 233  H HE3  . TRP A 1 4 ? -3.631 0.457  4.465   1.00 0.00 ? 4 TRP A HE3  2  
ATOM 234  H HZ2  . TRP A 1 4 ? -6.858 3.228  1.880   1.00 0.00 ? 4 TRP A HZ2  2  
ATOM 235  H HZ3  . TRP A 1 4 ? -5.958 -0.318 4.150   1.00 0.00 ? 4 TRP A HZ3  2  
ATOM 236  H HH2  . TRP A 1 4 ? -7.581 1.057  2.869   1.00 0.00 ? 4 TRP A HH2  2  
ATOM 237  N N    . PHE A 1 5 ? -1.265 -0.255 1.889   1.00 0.00 ? 5 PHE A N    2  
ATOM 238  C CA   . PHE A 1 5 ? -1.959 -1.522 1.663   1.00 0.00 ? 5 PHE A CA   2  
ATOM 239  C C    . PHE A 1 5 ? -1.000 -2.535 1.010   1.00 0.00 ? 5 PHE A C    2  
ATOM 240  O O    . PHE A 1 5 ? -1.402 -3.311 0.144   1.00 0.00 ? 5 PHE A O    2  
ATOM 241  C CB   . PHE A 1 5 ? -3.241 -1.235 0.855   1.00 0.00 ? 5 PHE A CB   2  
ATOM 242  C CG   . PHE A 1 5 ? -4.197 -2.404 0.694   1.00 0.00 ? 5 PHE A CG   2  
ATOM 243  C CD1  . PHE A 1 5 ? -4.884 -2.911 1.814   1.00 0.00 ? 5 PHE A CD1  2  
ATOM 244  C CD2  . PHE A 1 5 ? -4.423 -2.973 -0.576  1.00 0.00 ? 5 PHE A CD2  2  
ATOM 245  C CE1  . PHE A 1 5 ? -5.781 -3.984 1.668   1.00 0.00 ? 5 PHE A CE1  2  
ATOM 246  C CE2  . PHE A 1 5 ? -5.317 -4.049 -0.721  1.00 0.00 ? 5 PHE A CE2  2  
ATOM 247  C CZ   . PHE A 1 5 ? -5.995 -4.556 0.402   1.00 0.00 ? 5 PHE A CZ   2  
ATOM 248  H H    . PHE A 1 5 ? -1.044 0.287  1.066   1.00 0.00 ? 5 PHE A H    2  
ATOM 249  H HA   . PHE A 1 5 ? -2.260 -1.933 2.627   1.00 0.00 ? 5 PHE A HA   2  
ATOM 250  H HB2  . PHE A 1 5 ? -3.804 -0.448 1.357   1.00 0.00 ? 5 PHE A HB2  2  
ATOM 251  H HB3  . PHE A 1 5 ? -2.959 -0.860 -0.131  1.00 0.00 ? 5 PHE A HB3  2  
ATOM 252  H HD1  . PHE A 1 5 ? -4.726 -2.475 2.790   1.00 0.00 ? 5 PHE A HD1  2  
ATOM 253  H HD2  . PHE A 1 5 ? -3.907 -2.589 -1.444  1.00 0.00 ? 5 PHE A HD2  2  
ATOM 254  H HE1  . PHE A 1 5 ? -6.305 -4.371 2.530   1.00 0.00 ? 5 PHE A HE1  2  
ATOM 255  H HE2  . PHE A 1 5 ? -5.484 -4.486 -1.694  1.00 0.00 ? 5 PHE A HE2  2  
ATOM 256  H HZ   . PHE A 1 5 ? -6.681 -5.382 0.290   1.00 0.00 ? 5 PHE A HZ   2  
ATOM 257  N N    . ARG A 1 6 ? 0.283  -2.505 1.424   1.00 0.00 ? 6 ARG A N    2  
ATOM 258  C CA   . ARG A 1 6 ? 1.383  -3.320 0.906   1.00 0.00 ? 6 ARG A CA   2  
ATOM 259  C C    . ARG A 1 6 ? 1.604  -3.191 -0.623  1.00 0.00 ? 6 ARG A C    2  
ATOM 260  O O    . ARG A 1 6 ? 2.298  -4.026 -1.205  1.00 0.00 ? 6 ARG A O    2  
ATOM 261  C CB   . ARG A 1 6 ? 1.241  -4.788 1.373   1.00 0.00 ? 6 ARG A CB   2  
ATOM 262  C CG   . ARG A 1 6 ? 1.269  -5.007 2.900   1.00 0.00 ? 6 ARG A CG   2  
ATOM 263  C CD   . ARG A 1 6 ? -0.008 -4.654 3.680   1.00 0.00 ? 6 ARG A CD   2  
ATOM 264  N NE   . ARG A 1 6 ? -1.182 -5.381 3.177   1.00 0.00 ? 6 ARG A NE   2  
ATOM 265  C CZ   . ARG A 1 6 ? -2.453 -5.168 3.557   1.00 0.00 ? 6 ARG A CZ   2  
ATOM 266  N NH1  . ARG A 1 6 ? -2.772 -4.215 4.443   1.00 0.00 ? 6 ARG A NH1  2  
ATOM 267  N NH2  . ARG A 1 6 ? -3.422 -5.931 3.041   1.00 0.00 ? 6 ARG A NH2  2  
ATOM 268  H H    . ARG A 1 6 ? 0.525  -1.894 2.194   1.00 0.00 ? 6 ARG A H    2  
ATOM 269  H HA   . ARG A 1 6 ? 2.286  -2.931 1.375   1.00 0.00 ? 6 ARG A HA   2  
ATOM 270  H HB2  . ARG A 1 6 ? 0.338  -5.227 0.948   1.00 0.00 ? 6 ARG A HB2  2  
ATOM 271  H HB3  . ARG A 1 6 ? 2.086  -5.346 0.971   1.00 0.00 ? 6 ARG A HB3  2  
ATOM 272  H HG2  . ARG A 1 6 ? 1.472  -6.064 3.076   1.00 0.00 ? 6 ARG A HG2  2  
ATOM 273  H HG3  . ARG A 1 6 ? 2.098  -4.440 3.321   1.00 0.00 ? 6 ARG A HG3  2  
ATOM 274  H HD2  . ARG A 1 6 ? 0.145  -4.924 4.725   1.00 0.00 ? 6 ARG A HD2  2  
ATOM 275  H HD3  . ARG A 1 6 ? -0.190 -3.581 3.640   1.00 0.00 ? 6 ARG A HD3  2  
ATOM 276  H HE   . ARG A 1 6 ? -1.004 -6.111 2.503   1.00 0.00 ? 6 ARG A HE   2  
ATOM 277  H HH11 . ARG A 1 6 ? -2.048 -3.638 4.845   1.00 0.00 ? 6 ARG A HH11 2  
ATOM 278  H HH12 . ARG A 1 6 ? -3.734 -4.084 4.719   1.00 0.00 ? 6 ARG A HH12 2  
ATOM 279  H HH21 . ARG A 1 6 ? -3.195 -6.657 2.377   1.00 0.00 ? 6 ARG A HH21 2  
ATOM 280  H HH22 . ARG A 1 6 ? -4.382 -5.788 3.321   1.00 0.00 ? 6 ARG A HH22 2  
ATOM 281  N N    . ARG A 1 1 ? 1.064  -2.149 -1.242  1.00 0.00 ? 1 ARG A N    3  
ATOM 282  C CA   . ARG A 1 1 ? 1.224  -1.870 -2.668  1.00 0.00 ? 1 ARG A CA   3  
ATOM 283  C C    . ARG A 1 1 ? 0.890  -0.403 -2.968  1.00 0.00 ? 1 ARG A C    3  
ATOM 284  O O    . ARG A 1 1 ? 1.781  0.319  -3.413  1.00 0.00 ? 1 ARG A O    3  
ATOM 285  C CB   . ARG A 1 1 ? 0.341  -2.834 -3.484  1.00 0.00 ? 1 ARG A CB   3  
ATOM 286  C CG   . ARG A 1 1 ? 0.555  -2.667 -4.998  1.00 0.00 ? 1 ARG A CG   3  
ATOM 287  C CD   . ARG A 1 1 ? -0.266 -3.670 -5.821  1.00 0.00 ? 1 ARG A CD   3  
ATOM 288  N NE   . ARG A 1 1 ? 0.178  -5.062 -5.628  1.00 0.00 ? 1 ARG A NE   3  
ATOM 289  C CZ   . ARG A 1 1 ? 1.220  -5.651 -6.242  1.00 0.00 ? 1 ARG A CZ   3  
ATOM 290  N NH1  . ARG A 1 1 ? 1.991  -4.992 -7.118  1.00 0.00 ? 1 ARG A NH1  3  
ATOM 291  N NH2  . ARG A 1 1 ? 1.494  -6.932 -5.975  1.00 0.00 ? 1 ARG A NH2  3  
ATOM 292  H H1   . ARG A 1 1 ? 0.466  -1.532 -0.716  1.00 0.00 ? 1 ARG A H1   3  
ATOM 293  H HA   . ARG A 1 1 ? 2.266  -2.046 -2.940  1.00 0.00 ? 1 ARG A HA   3  
ATOM 294  H HB2  . ARG A 1 1 ? 0.593  -3.859 -3.206  1.00 0.00 ? 1 ARG A HB2  3  
ATOM 295  H HB3  . ARG A 1 1 ? -0.711 -2.669 -3.245  1.00 0.00 ? 1 ARG A HB3  3  
ATOM 296  H HG2  . ARG A 1 1 ? 0.251  -1.662 -5.293  1.00 0.00 ? 1 ARG A HG2  3  
ATOM 297  H HG3  . ARG A 1 1 ? 1.614  -2.788 -5.232  1.00 0.00 ? 1 ARG A HG3  3  
ATOM 298  H HD2  . ARG A 1 1 ? -1.316 -3.593 -5.533  1.00 0.00 ? 1 ARG A HD2  3  
ATOM 299  H HD3  . ARG A 1 1 ? -0.186 -3.411 -6.877  1.00 0.00 ? 1 ARG A HD3  3  
ATOM 300  H HE   . ARG A 1 1 ? -0.359 -5.616 -4.979  1.00 0.00 ? 1 ARG A HE   3  
ATOM 301  H HH11 . ARG A 1 1 ? 1.799  -4.024 -7.330  1.00 0.00 ? 1 ARG A HH11 3  
ATOM 302  H HH12 . ARG A 1 1 ? 2.765  -5.463 -7.564  1.00 0.00 ? 1 ARG A HH12 3  
ATOM 303  H HH21 . ARG A 1 1 ? 0.922  -7.447 -5.321  1.00 0.00 ? 1 ARG A HH21 3  
ATOM 304  H HH22 . ARG A 1 1 ? 2.272  -7.388 -6.432  1.00 0.00 ? 1 ARG A HH22 3  
ATOM 305  N N    . ARG A 1 2 ? -0.360 0.030  -2.713  1.00 0.00 ? 2 ARG A N    3  
ATOM 306  C CA   . ARG A 1 2 ? -0.836 1.407  -2.895  1.00 0.00 ? 2 ARG A CA   3  
ATOM 307  C C    . ARG A 1 2 ? 0.080  2.441  -2.213  1.00 0.00 ? 2 ARG A C    3  
ATOM 308  O O    . ARG A 1 2 ? 0.898  3.070  -2.882  1.00 0.00 ? 2 ARG A O    3  
ATOM 309  C CB   . ARG A 1 2 ? -2.303 1.501  -2.423  1.00 0.00 ? 2 ARG A CB   3  
ATOM 310  C CG   . ARG A 1 2 ? -2.927 2.883  -2.702  1.00 0.00 ? 2 ARG A CG   3  
ATOM 311  C CD   . ARG A 1 2 ? -4.285 3.066  -2.014  1.00 0.00 ? 2 ARG A CD   3  
ATOM 312  N NE   . ARG A 1 2 ? -5.326 2.192  -2.578  1.00 0.00 ? 2 ARG A NE   3  
ATOM 313  C CZ   . ARG A 1 2 ? -5.949 1.177  -1.950  1.00 0.00 ? 2 ARG A CZ   3  
ATOM 314  N NH1  . ARG A 1 2 ? -5.637 0.814  -0.699  1.00 0.00 ? 2 ARG A NH1  3  
ATOM 315  N NH2  . ARG A 1 2 ? -6.914 0.514  -2.594  1.00 0.00 ? 2 ARG A NH2  3  
ATOM 316  H H    . ARG A 1 2 ? -1.068 -0.665 -2.513  1.00 0.00 ? 2 ARG A H    3  
ATOM 317  H HA   . ARG A 1 2 ? -0.824 1.620  -3.960  1.00 0.00 ? 2 ARG A HA   3  
ATOM 318  H HB2  . ARG A 1 2 ? -2.890 0.741  -2.941  1.00 0.00 ? 2 ARG A HB2  3  
ATOM 319  H HB3  . ARG A 1 2 ? -2.355 1.294  -1.353  1.00 0.00 ? 2 ARG A HB3  3  
ATOM 320  H HG2  . ARG A 1 2 ? -2.269 3.666  -2.332  1.00 0.00 ? 2 ARG A HG2  3  
ATOM 321  H HG3  . ARG A 1 2 ? -3.037 3.021  -3.778  1.00 0.00 ? 2 ARG A HG3  3  
ATOM 322  H HD2  . ARG A 1 2 ? -4.170 2.897  -0.943  1.00 0.00 ? 2 ARG A HD2  3  
ATOM 323  H HD3  . ARG A 1 2 ? -4.601 4.101  -2.156  1.00 0.00 ? 2 ARG A HD3  3  
ATOM 324  H HE   . ARG A 1 2 ? -5.616 2.402  -3.522  1.00 0.00 ? 2 ARG A HE   3  
ATOM 325  H HH11 . ARG A 1 2 ? -4.917 1.309  -0.193  1.00 0.00 ? 2 ARG A HH11 3  
ATOM 326  H HH12 . ARG A 1 2 ? -6.129 0.050  -0.257  1.00 0.00 ? 2 ARG A HH12 3  
ATOM 327  H HH21 . ARG A 1 2 ? -7.170 0.782  -3.533  1.00 0.00 ? 2 ARG A HH21 3  
ATOM 328  H HH22 . ARG A 1 2 ? -7.399 -0.244 -2.136  1.00 0.00 ? 2 ARG A HH22 3  
ATOM 329  N N    . TRP A 1 3 ? -0.077 2.623  -0.895  1.00 0.00 ? 3 TRP A N    3  
ATOM 330  C CA   . TRP A 1 3 ? 0.605  3.625  -0.087  1.00 0.00 ? 3 TRP A CA   3  
ATOM 331  C C    . TRP A 1 3 ? 0.697  3.179  1.386   1.00 0.00 ? 3 TRP A C    3  
ATOM 332  O O    . TRP A 1 3 ? 1.556  3.660  2.123   1.00 0.00 ? 3 TRP A O    3  
ATOM 333  C CB   . TRP A 1 3 ? -0.214 4.916  -0.199  1.00 0.00 ? 3 TRP A CB   3  
ATOM 334  C CG   . TRP A 1 3 ? 0.574  6.162  -0.024  1.00 0.00 ? 3 TRP A CG   3  
ATOM 335  C CD1  . TRP A 1 3 ? 1.170  6.795  -1.050  1.00 0.00 ? 3 TRP A CD1  3  
ATOM 336  C CD2  . TRP A 1 3 ? 0.903  6.934  1.169   1.00 0.00 ? 3 TRP A CD2  3  
ATOM 337  N NE1  . TRP A 1 3 ? 1.800  7.932  -0.595  1.00 0.00 ? 3 TRP A NE1  3  
ATOM 338  C CE2  . TRP A 1 3 ? 1.687  8.058  0.775   1.00 0.00 ? 3 TRP A CE2  3  
ATOM 339  C CE3  . TRP A 1 3 ? 0.628  6.793  2.543   1.00 0.00 ? 3 TRP A CE3  3  
ATOM 340  C CZ2  . TRP A 1 3 ? 2.166  8.998  1.700   1.00 0.00 ? 3 TRP A CZ2  3  
ATOM 341  C CZ3  . TRP A 1 3 ? 1.105  7.724  3.482   1.00 0.00 ? 3 TRP A CZ3  3  
ATOM 342  C CH2  . TRP A 1 3 ? 1.872  8.827  3.064   1.00 0.00 ? 3 TRP A CH2  3  
ATOM 343  H H    . TRP A 1 3 ? -0.866 2.194  -0.456  1.00 0.00 ? 3 TRP A H    3  
ATOM 344  H HA   . TRP A 1 3 ? 1.609  3.797  -0.471  1.00 0.00 ? 3 TRP A HA   3  
ATOM 345  H HB2  . TRP A 1 3 ? -0.676 4.970  -1.184  1.00 0.00 ? 3 TRP A HB2  3  
ATOM 346  H HB3  . TRP A 1 3 ? -1.027 4.899  0.523   1.00 0.00 ? 3 TRP A HB3  3  
ATOM 347  H HD1  . TRP A 1 3 ? 1.127  6.439  -2.069  1.00 0.00 ? 3 TRP A HD1  3  
ATOM 348  H HE1  . TRP A 1 3 ? 2.265  8.579  -1.209  1.00 0.00 ? 3 TRP A HE1  3  
ATOM 349  H HE3  . TRP A 1 3 ? 0.050  5.944  2.869   1.00 0.00 ? 3 TRP A HE3  3  
ATOM 350  H HZ2  . TRP A 1 3 ? 2.757  9.840  1.370   1.00 0.00 ? 3 TRP A HZ2  3  
ATOM 351  H HZ3  . TRP A 1 3 ? 0.884  7.591  4.532   1.00 0.00 ? 3 TRP A HZ3  3  
ATOM 352  H HH2  . TRP A 1 3 ? 2.237  9.538  3.788   1.00 0.00 ? 3 TRP A HH2  3  
ATOM 353  N N    . TRP A 1 4 ? -0.185 2.253  1.793   1.00 0.00 ? 4 TRP A N    3  
ATOM 354  C CA   . TRP A 1 4 ? -0.325 1.682  3.133   1.00 0.00 ? 4 TRP A CA   3  
ATOM 355  C C    . TRP A 1 4 ? -0.918 0.262  3.071   1.00 0.00 ? 4 TRP A C    3  
ATOM 356  O O    . TRP A 1 4 ? -1.077 -0.375 4.112   1.00 0.00 ? 4 TRP A O    3  
ATOM 357  C CB   . TRP A 1 4 ? -1.233 2.597  3.976   1.00 0.00 ? 4 TRP A CB   3  
ATOM 358  C CG   . TRP A 1 4 ? -2.560 2.932  3.355   1.00 0.00 ? 4 TRP A CG   3  
ATOM 359  C CD1  . TRP A 1 4 ? -2.824 4.033  2.612   1.00 0.00 ? 4 TRP A CD1  3  
ATOM 360  C CD2  . TRP A 1 4 ? -3.809 2.170  3.383   1.00 0.00 ? 4 TRP A CD2  3  
ATOM 361  N NE1  . TRP A 1 4 ? -4.123 3.988  2.154   1.00 0.00 ? 4 TRP A NE1  3  
ATOM 362  C CE2  . TRP A 1 4 ? -4.778 2.856  2.592   1.00 0.00 ? 4 TRP A CE2  3  
ATOM 363  C CE3  . TRP A 1 4 ? -4.224 0.967  3.999   1.00 0.00 ? 4 TRP A CE3  3  
ATOM 364  C CZ2  . TRP A 1 4 ? -6.080 2.366  2.404   1.00 0.00 ? 4 TRP A CZ2  3  
ATOM 365  C CZ3  . TRP A 1 4 ? -5.528 0.469  3.821   1.00 0.00 ? 4 TRP A CZ3  3  
ATOM 366  C CH2  . TRP A 1 4 ? -6.454 1.162  3.021   1.00 0.00 ? 4 TRP A CH2  3  
ATOM 367  H H    . TRP A 1 4 ? -0.856 1.926  1.113   1.00 0.00 ? 4 TRP A H    3  
ATOM 368  H HA   . TRP A 1 4 ? 0.659  1.621  3.602   1.00 0.00 ? 4 TRP A HA   3  
ATOM 369  H HB2  . TRP A 1 4 ? -1.413 2.126  4.944   1.00 0.00 ? 4 TRP A HB2  3  
ATOM 370  H HB3  . TRP A 1 4 ? -0.699 3.523  4.181   1.00 0.00 ? 4 TRP A HB3  3  
ATOM 371  H HD1  . TRP A 1 4 ? -2.118 4.823  2.392   1.00 0.00 ? 4 TRP A HD1  3  
ATOM 372  H HE1  . TRP A 1 4 ? -4.523 4.715  1.577   1.00 0.00 ? 4 TRP A HE1  3  
ATOM 373  H HE3  . TRP A 1 4 ? -3.533 0.424  4.624   1.00 0.00 ? 4 TRP A HE3  3  
ATOM 374  H HZ2  . TRP A 1 4 ? -6.789 2.913  1.799   1.00 0.00 ? 4 TRP A HZ2  3  
ATOM 375  H HZ3  . TRP A 1 4 ? -5.821 -0.450 4.307   1.00 0.00 ? 4 TRP A HZ3  3  
ATOM 376  H HH2  . TRP A 1 4 ? -7.455 0.775  2.894   1.00 0.00 ? 4 TRP A HH2  3  
ATOM 377  N N    . PHE A 1 5 ? -1.240 -0.233 1.864   1.00 0.00 ? 5 PHE A N    3  
ATOM 378  C CA   . PHE A 1 5 ? -1.968 -1.476 1.619   1.00 0.00 ? 5 PHE A CA   3  
ATOM 379  C C    . PHE A 1 5 ? -1.033 -2.499 0.944   1.00 0.00 ? 5 PHE A C    3  
ATOM 380  O O    . PHE A 1 5 ? -1.428 -3.193 0.007   1.00 0.00 ? 5 PHE A O    3  
ATOM 381  C CB   . PHE A 1 5 ? -3.251 -1.153 0.822   1.00 0.00 ? 5 PHE A CB   3  
ATOM 382  C CG   . PHE A 1 5 ? -4.236 -2.301 0.706   1.00 0.00 ? 5 PHE A CG   3  
ATOM 383  C CD1  . PHE A 1 5 ? -4.930 -2.748 1.847   1.00 0.00 ? 5 PHE A CD1  3  
ATOM 384  C CD2  . PHE A 1 5 ? -4.472 -2.918 -0.539  1.00 0.00 ? 5 PHE A CD2  3  
ATOM 385  C CE1  . PHE A 1 5 ? -5.852 -3.804 1.746   1.00 0.00 ? 5 PHE A CE1  3  
ATOM 386  C CE2  . PHE A 1 5 ? -5.389 -3.980 -0.638  1.00 0.00 ? 5 PHE A CE2  3  
ATOM 387  C CZ   . PHE A 1 5 ? -6.081 -4.421 0.504   1.00 0.00 ? 5 PHE A CZ   3  
ATOM 388  H H    . PHE A 1 5 ? -1.008 0.319  1.050   1.00 0.00 ? 5 PHE A H    3  
ATOM 389  H HA   . PHE A 1 5 ? -2.272 -1.897 2.578   1.00 0.00 ? 5 PHE A HA   3  
ATOM 390  H HB2  . PHE A 1 5 ? -3.786 -0.332 1.309   1.00 0.00 ? 5 PHE A HB2  3  
ATOM 391  H HB3  . PHE A 1 5 ? -2.969 -0.811 -0.174  1.00 0.00 ? 5 PHE A HB3  3  
ATOM 392  H HD1  . PHE A 1 5 ? -4.759 -2.278 2.804   1.00 0.00 ? 5 PHE A HD1  3  
ATOM 393  H HD2  . PHE A 1 5 ? -3.946 -2.584 -1.421  1.00 0.00 ? 5 PHE A HD2  3  
ATOM 394  H HE1  . PHE A 1 5 ? -6.385 -4.141 2.623   1.00 0.00 ? 5 PHE A HE1  3  
ATOM 395  H HE2  . PHE A 1 5 ? -5.564 -4.456 -1.592  1.00 0.00 ? 5 PHE A HE2  3  
ATOM 396  H HZ   . PHE A 1 5 ? -6.787 -5.235 0.427   1.00 0.00 ? 5 PHE A HZ   3  
ATOM 397  N N    . ARG A 1 6 ? 0.224  -2.568 1.424   1.00 0.00 ? 6 ARG A N    3  
ATOM 398  C CA   . ARG A 1 6 ? 1.327  -3.381 0.907   1.00 0.00 ? 6 ARG A CA   3  
ATOM 399  C C    . ARG A 1 6 ? 1.659  -3.162 -0.587  1.00 0.00 ? 6 ARG A C    3  
ATOM 400  O O    . ARG A 1 6 ? 2.447  -3.926 -1.146  1.00 0.00 ? 6 ARG A O    3  
ATOM 401  C CB   . ARG A 1 6 ? 1.125  -4.880 1.224   1.00 0.00 ? 6 ARG A CB   3  
ATOM 402  C CG   . ARG A 1 6 ? 0.709  -5.260 2.664   1.00 0.00 ? 6 ARG A CG   3  
ATOM 403  C CD   . ARG A 1 6 ? -0.788 -5.133 3.008   1.00 0.00 ? 6 ARG A CD   3  
ATOM 404  N NE   . ARG A 1 6 ? -1.645 -5.768 1.995   1.00 0.00 ? 6 ARG A NE   3  
ATOM 405  C CZ   . ARG A 1 6 ? -2.918 -6.167 2.157   1.00 0.00 ? 6 ARG A CZ   3  
ATOM 406  N NH1  . ARG A 1 6 ? -3.556 -6.039 3.327   1.00 0.00 ? 6 ARG A NH1  3  
ATOM 407  N NH2  . ARG A 1 6 ? -3.560 -6.708 1.118   1.00 0.00 ? 6 ARG A NH2  3  
ATOM 408  H H    . ARG A 1 6 ? 0.450  -2.008 2.238   1.00 0.00 ? 6 ARG A H    3  
ATOM 409  H HA   . ARG A 1 6 ? 2.209  -3.061 1.463   1.00 0.00 ? 6 ARG A HA   3  
ATOM 410  H HB2  . ARG A 1 6 ? 0.420  -5.305 0.510   1.00 0.00 ? 6 ARG A HB2  3  
ATOM 411  H HB3  . ARG A 1 6 ? 2.081  -5.373 1.041   1.00 0.00 ? 6 ARG A HB3  3  
ATOM 412  H HG2  . ARG A 1 6 ? 0.981  -6.306 2.815   1.00 0.00 ? 6 ARG A HG2  3  
ATOM 413  H HG3  . ARG A 1 6 ? 1.288  -4.668 3.373   1.00 0.00 ? 6 ARG A HG3  3  
ATOM 414  H HD2  . ARG A 1 6 ? -0.956 -5.609 3.974   1.00 0.00 ? 6 ARG A HD2  3  
ATOM 415  H HD3  . ARG A 1 6 ? -1.062 -4.083 3.105   1.00 0.00 ? 6 ARG A HD3  3  
ATOM 416  H HE   . ARG A 1 6 ? -1.230 -5.895 1.083   1.00 0.00 ? 6 ARG A HE   3  
ATOM 417  H HH11 . ARG A 1 6 ? -3.078 -5.640 4.122   1.00 0.00 ? 6 ARG A HH11 3  
ATOM 418  H HH12 . ARG A 1 6 ? -4.509 -6.359 3.419   1.00 0.00 ? 6 ARG A HH12 3  
ATOM 419  H HH21 . ARG A 1 6 ? -3.090 -6.808 0.229   1.00 0.00 ? 6 ARG A HH21 3  
ATOM 420  H HH22 . ARG A 1 6 ? -4.515 -7.019 1.219   1.00 0.00 ? 6 ARG A HH22 3  
ATOM 421  N N    . ARG A 1 1 ? 1.045  -2.224 -1.314  1.00 0.00 ? 1 ARG A N    4  
ATOM 422  C CA   . ARG A 1 1 ? 1.150  -1.947 -2.747  1.00 0.00 ? 1 ARG A CA   4  
ATOM 423  C C    . ARG A 1 1 ? 0.881  -0.458 -3.007  1.00 0.00 ? 1 ARG A C    4  
ATOM 424  O O    . ARG A 1 1 ? 1.784  0.234  -3.471  1.00 0.00 ? 1 ARG A O    4  
ATOM 425  C CB   . ARG A 1 1 ? 0.166  -2.845 -3.527  1.00 0.00 ? 1 ARG A CB   4  
ATOM 426  C CG   . ARG A 1 1 ? 0.274  -2.630 -5.046  1.00 0.00 ? 1 ARG A CG   4  
ATOM 427  C CD   . ARG A 1 1 ? -0.675 -3.565 -5.801  1.00 0.00 ? 1 ARG A CD   4  
ATOM 428  N NE   . ARG A 1 1 ? -0.574 -3.366 -7.255  1.00 0.00 ? 1 ARG A NE   4  
ATOM 429  C CZ   . ARG A 1 1 ? 0.245  -4.031 -8.091  1.00 0.00 ? 1 ARG A CZ   4  
ATOM 430  N NH1  . ARG A 1 1 ? 1.063  -5.000 -7.662  1.00 0.00 ? 1 ARG A NH1  4  
ATOM 431  N NH2  . ARG A 1 1 ? 0.243  -3.715 -9.392  1.00 0.00 ? 1 ARG A NH2  4  
ATOM 432  H H1   . ARG A 1 1 ? 0.560  -1.537 -0.761  1.00 0.00 ? 1 ARG A H1   4  
ATOM 433  H HA   . ARG A 1 1 ? 2.165  -2.176 -3.079  1.00 0.00 ? 1 ARG A HA   4  
ATOM 434  H HB2  . ARG A 1 1 ? 0.391  -3.890 -3.310  1.00 0.00 ? 1 ARG A HB2  4  
ATOM 435  H HB3  . ARG A 1 1 ? -0.856 -2.643 -3.204  1.00 0.00 ? 1 ARG A HB3  4  
ATOM 436  H HG2  . ARG A 1 1 ? 0.016  -1.599 -5.293  1.00 0.00 ? 1 ARG A HG2  4  
ATOM 437  H HG3  . ARG A 1 1 ? 1.299  -2.823 -5.363  1.00 0.00 ? 1 ARG A HG3  4  
ATOM 438  H HD2  . ARG A 1 1 ? -0.446 -4.601 -5.548  1.00 0.00 ? 1 ARG A HD2  4  
ATOM 439  H HD3  . ARG A 1 1 ? -1.699 -3.355 -5.493  1.00 0.00 ? 1 ARG A HD3  4  
ATOM 440  H HE   . ARG A 1 1 ? -1.165 -2.650 -7.651  1.00 0.00 ? 1 ARG A HE   4  
ATOM 441  H HH11 . ARG A 1 1 ? 1.075  -5.252 -6.684  1.00 0.00 ? 1 ARG A HH11 4  
ATOM 442  H HH12 . ARG A 1 1 ? 1.664  -5.482 -8.315  1.00 0.00 ? 1 ARG A HH12 4  
ATOM 443  H HH21 . ARG A 1 1 ? -0.365 -2.986 -9.733  1.00 0.00 ? 1 ARG A HH21 4  
ATOM 444  H HH22 . ARG A 1 1 ? 0.852  -4.206 -10.031 1.00 0.00 ? 1 ARG A HH22 4  
ATOM 445  N N    . ARG A 1 2 ? -0.340 0.020  -2.696  1.00 0.00 ? 2 ARG A N    4  
ATOM 446  C CA   . ARG A 1 2 ? -0.783 1.409  -2.853  1.00 0.00 ? 2 ARG A CA   4  
ATOM 447  C C    . ARG A 1 2 ? 0.160  2.417  -2.165  1.00 0.00 ? 2 ARG A C    4  
ATOM 448  O O    . ARG A 1 2 ? 1.026  2.994  -2.820  1.00 0.00 ? 2 ARG A O    4  
ATOM 449  C CB   . ARG A 1 2 ? -2.235 1.518  -2.343  1.00 0.00 ? 2 ARG A CB   4  
ATOM 450  C CG   . ARG A 1 2 ? -2.872 2.890  -2.629  1.00 0.00 ? 2 ARG A CG   4  
ATOM 451  C CD   . ARG A 1 2 ? -4.037 3.140  -1.665  1.00 0.00 ? 2 ARG A CD   4  
ATOM 452  N NE   . ARG A 1 2 ? -4.865 4.285  -2.072  1.00 0.00 ? 2 ARG A NE   4  
ATOM 453  C CZ   . ARG A 1 2 ? -4.556 5.585  -1.932  1.00 0.00 ? 2 ARG A CZ   4  
ATOM 454  N NH1  . ARG A 1 2 ? -3.401 5.984  -1.382  1.00 0.00 ? 2 ARG A NH1  4  
ATOM 455  N NH2  . ARG A 1 2 ? -5.427 6.508  -2.354  1.00 0.00 ? 2 ARG A NH2  4  
ATOM 456  H H    . ARG A 1 2 ? -1.062 -0.649 -2.465  1.00 0.00 ? 2 ARG A H    4  
ATOM 457  H HA   . ARG A 1 2 ? -0.790 1.637  -3.916  1.00 0.00 ? 2 ARG A HA   4  
ATOM 458  H HB2  . ARG A 1 2 ? -2.846 0.752  -2.826  1.00 0.00 ? 2 ARG A HB2  4  
ATOM 459  H HB3  . ARG A 1 2 ? -2.255 1.319  -1.271  1.00 0.00 ? 2 ARG A HB3  4  
ATOM 460  H HG2  . ARG A 1 2 ? -2.143 3.690  -2.502  1.00 0.00 ? 2 ARG A HG2  4  
ATOM 461  H HG3  . ARG A 1 2 ? -3.226 2.912  -3.660  1.00 0.00 ? 2 ARG A HG3  4  
ATOM 462  H HD2  . ARG A 1 2 ? -4.670 2.255  -1.635  1.00 0.00 ? 2 ARG A HD2  4  
ATOM 463  H HD3  . ARG A 1 2 ? -3.638 3.315  -0.664  1.00 0.00 ? 2 ARG A HD3  4  
ATOM 464  H HE   . ARG A 1 2 ? -5.756 4.059  -2.492  1.00 0.00 ? 2 ARG A HE   4  
ATOM 465  H HH11 . ARG A 1 2 ? -2.729 5.300  -1.067  1.00 0.00 ? 2 ARG A HH11 4  
ATOM 466  H HH12 . ARG A 1 2 ? -3.194 6.969  -1.302  1.00 0.00 ? 2 ARG A HH12 4  
ATOM 467  H HH21 . ARG A 1 2 ? -6.303 6.223  -2.768  1.00 0.00 ? 2 ARG A HH21 4  
ATOM 468  H HH22 . ARG A 1 2 ? -5.208 7.490  -2.262  1.00 0.00 ? 2 ARG A HH22 4  
ATOM 469  N N    . TRP A 1 3 ? -0.040 2.644  -0.860  1.00 0.00 ? 3 TRP A N    4  
ATOM 470  C CA   . TRP A 1 3 ? 0.614  3.665  -0.055  1.00 0.00 ? 3 TRP A CA   4  
ATOM 471  C C    . TRP A 1 3 ? 0.644  3.245  1.429   1.00 0.00 ? 3 TRP A C    4  
ATOM 472  O O    . TRP A 1 3 ? 1.465  3.746  2.195   1.00 0.00 ? 3 TRP A O    4  
ATOM 473  C CB   . TRP A 1 3 ? -0.214 4.947  -0.223  1.00 0.00 ? 3 TRP A CB   4  
ATOM 474  C CG   . TRP A 1 3 ? 0.542  6.222  -0.078  1.00 0.00 ? 3 TRP A CG   4  
ATOM 475  C CD1  . TRP A 1 3 ? 1.094  6.871  -1.121  1.00 0.00 ? 3 TRP A CD1  4  
ATOM 476  C CD2  . TRP A 1 3 ? 0.846  7.027  1.101   1.00 0.00 ? 3 TRP A CD2  4  
ATOM 477  N NE1  . TRP A 1 3 ? 1.690  8.035  -0.690  1.00 0.00 ? 3 TRP A NE1  4  
ATOM 478  C CE2  . TRP A 1 3 ? 1.578  8.178  0.679   1.00 0.00 ? 3 TRP A CE2  4  
ATOM 479  C CE3  . TRP A 1 3 ? 0.581  6.902  2.481   1.00 0.00 ? 3 TRP A CE3  4  
ATOM 480  C CZ2  . TRP A 1 3 ? 2.019  9.158  1.582   1.00 0.00 ? 3 TRP A CZ2  4  
ATOM 481  C CZ3  . TRP A 1 3 ? 1.020  7.878  3.396   1.00 0.00 ? 3 TRP A CZ3  4  
ATOM 482  C CH2  . TRP A 1 3 ? 1.736  9.003  2.950   1.00 0.00 ? 3 TRP A CH2  4  
ATOM 483  H H    . TRP A 1 3 ? -0.859 2.249  -0.441  1.00 0.00 ? 3 TRP A H    4  
ATOM 484  H HA   . TRP A 1 3 ? 1.631  3.829  -0.411  1.00 0.00 ? 3 TRP A HA   4  
ATOM 485  H HB2  . TRP A 1 3 ? -0.661 4.960  -1.218  1.00 0.00 ? 3 TRP A HB2  4  
ATOM 486  H HB3  . TRP A 1 3 ? -1.041 4.941  0.482   1.00 0.00 ? 3 TRP A HB3  4  
ATOM 487  H HD1  . TRP A 1 3 ? 1.041  6.508  -2.138  1.00 0.00 ? 3 TRP A HD1  4  
ATOM 488  H HE1  . TRP A 1 3 ? 2.132  8.691  -1.320  1.00 0.00 ? 3 TRP A HE1  4  
ATOM 489  H HE3  . TRP A 1 3 ? 0.040  6.040  2.836   1.00 0.00 ? 3 TRP A HE3  4  
ATOM 490  H HZ2  . TRP A 1 3 ? 2.570  10.016 1.231   1.00 0.00 ? 3 TRP A HZ2  4  
ATOM 491  H HZ3  . TRP A 1 3 ? 0.806  7.760  4.448   1.00 0.00 ? 3 TRP A HZ3  4  
ATOM 492  H HH2  . TRP A 1 3 ? 2.070  9.747  3.657   1.00 0.00 ? 3 TRP A HH2  4  
ATOM 493  N N    . TRP A 1 4 ? -0.250 2.318  1.814   1.00 0.00 ? 4 TRP A N    4  
ATOM 494  C CA   . TRP A 1 4 ? -0.455 1.778  3.159   1.00 0.00 ? 4 TRP A CA   4  
ATOM 495  C C    . TRP A 1 4 ? -1.041 0.351  3.101   1.00 0.00 ? 4 TRP A C    4  
ATOM 496  O O    . TRP A 1 4 ? -1.359 -0.216 4.146   1.00 0.00 ? 4 TRP A O    4  
ATOM 497  C CB   . TRP A 1 4 ? -1.384 2.726  3.945   1.00 0.00 ? 4 TRP A CB   4  
ATOM 498  C CG   . TRP A 1 4 ? -2.647 3.141  3.243   1.00 0.00 ? 4 TRP A CG   4  
ATOM 499  C CD1  . TRP A 1 4 ? -2.823 4.302  2.572   1.00 0.00 ? 4 TRP A CD1  4  
ATOM 500  C CD2  . TRP A 1 4 ? -3.910 2.417  3.101   1.00 0.00 ? 4 TRP A CD2  4  
ATOM 501  N NE1  . TRP A 1 4 ? -4.068 4.327  1.984   1.00 0.00 ? 4 TRP A NE1  4  
ATOM 502  C CE2  . TRP A 1 4 ? -4.776 3.177  2.257   1.00 0.00 ? 4 TRP A CE2  4  
ATOM 503  C CE3  . TRP A 1 4 ? -4.417 1.198  3.601   1.00 0.00 ? 4 TRP A CE3  4  
ATOM 504  C CZ2  . TRP A 1 4 ? -6.052 2.726  1.886   1.00 0.00 ? 4 TRP A CZ2  4  
ATOM 505  C CZ3  . TRP A 1 4 ? -5.695 0.735  3.236   1.00 0.00 ? 4 TRP A CZ3  4  
ATOM 506  C CH2  . TRP A 1 4 ? -6.509 1.490  2.373   1.00 0.00 ? 4 TRP A CH2  4  
ATOM 507  H H    . TRP A 1 4 ? -0.884 1.966  1.111   1.00 0.00 ? 4 TRP A H    4  
ATOM 508  H HA   . TRP A 1 4 ? 0.508  1.723  3.670   1.00 0.00 ? 4 TRP A HA   4  
ATOM 509  H HB2  . TRP A 1 4 ? -1.650 2.265  4.897   1.00 0.00 ? 4 TRP A HB2  4  
ATOM 510  H HB3  . TRP A 1 4 ? -0.822 3.627  4.187   1.00 0.00 ? 4 TRP A HB3  4  
ATOM 511  H HD1  . TRP A 1 4 ? -2.086 5.086  2.484   1.00 0.00 ? 4 TRP A HD1  4  
ATOM 512  H HE1  . TRP A 1 4 ? -4.395 5.105  1.430   1.00 0.00 ? 4 TRP A HE1  4  
ATOM 513  H HE3  . TRP A 1 4 ? -3.814 0.616  4.284   1.00 0.00 ? 4 TRP A HE3  4  
ATOM 514  H HZ2  . TRP A 1 4 ? -6.679 3.324  1.241   1.00 0.00 ? 4 TRP A HZ2  4  
ATOM 515  H HZ3  . TRP A 1 4 ? -6.057 -0.205 3.627   1.00 0.00 ? 4 TRP A HZ3  4  
ATOM 516  H HH2  . TRP A 1 4 ? -7.489 1.130  2.099   1.00 0.00 ? 4 TRP A HH2  4  
ATOM 517  N N    . PHE A 1 5 ? -1.178 -0.231 1.895   1.00 0.00 ? 5 PHE A N    4  
ATOM 518  C CA   . PHE A 1 5 ? -1.897 -1.476 1.630   1.00 0.00 ? 5 PHE A CA   4  
ATOM 519  C C    . PHE A 1 5 ? -0.971 -2.519 0.977   1.00 0.00 ? 5 PHE A C    4  
ATOM 520  O O    . PHE A 1 5 ? -1.402 -3.279 0.107   1.00 0.00 ? 5 PHE A O    4  
ATOM 521  C CB   . PHE A 1 5 ? -3.151 -1.157 0.787   1.00 0.00 ? 5 PHE A CB   4  
ATOM 522  C CG   . PHE A 1 5 ? -4.161 -2.289 0.709   1.00 0.00 ? 5 PHE A CG   4  
ATOM 523  C CD1  . PHE A 1 5 ? -4.797 -2.748 1.879   1.00 0.00 ? 5 PHE A CD1  4  
ATOM 524  C CD2  . PHE A 1 5 ? -4.463 -2.892 -0.530  1.00 0.00 ? 5 PHE A CD2  4  
ATOM 525  C CE1  . PHE A 1 5 ? -5.720 -3.807 1.815   1.00 0.00 ? 5 PHE A CE1  4  
ATOM 526  C CE2  . PHE A 1 5 ? -5.384 -3.952 -0.593  1.00 0.00 ? 5 PHE A CE2  4  
ATOM 527  C CZ   . PHE A 1 5 ? -6.012 -4.411 0.578   1.00 0.00 ? 5 PHE A CZ   4  
ATOM 528  H H    . PHE A 1 5 ? -0.837 0.268  1.086   1.00 0.00 ? 5 PHE A H    4  
ATOM 529  H HA   . PHE A 1 5 ? -2.229 -1.893 2.581   1.00 0.00 ? 5 PHE A HA   4  
ATOM 530  H HB2  . PHE A 1 5 ? -3.671 -0.295 1.207   1.00 0.00 ? 5 PHE A HB2  4  
ATOM 531  H HB3  . PHE A 1 5 ? -2.833 -0.879 -0.219  1.00 0.00 ? 5 PHE A HB3  4  
ATOM 532  H HD1  . PHE A 1 5 ? -4.578 -2.289 2.832   1.00 0.00 ? 5 PHE A HD1  4  
ATOM 533  H HD2  . PHE A 1 5 ? -3.982 -2.549 -1.433  1.00 0.00 ? 5 PHE A HD2  4  
ATOM 534  H HE1  . PHE A 1 5 ? -6.204 -4.157 2.714   1.00 0.00 ? 5 PHE A HE1  4  
ATOM 535  H HE2  . PHE A 1 5 ? -5.610 -4.414 -1.542  1.00 0.00 ? 5 PHE A HE2  4  
ATOM 536  H HZ   . PHE A 1 5 ? -6.720 -5.225 0.529   1.00 0.00 ? 5 PHE A HZ   4  
ATOM 537  N N    . ARG A 1 6 ? 0.310  -2.547 1.389   1.00 0.00 ? 6 ARG A N    4  
ATOM 538  C CA   . ARG A 1 6 ? 1.368  -3.410 0.853   1.00 0.00 ? 6 ARG A CA   4  
ATOM 539  C C    . ARG A 1 6 ? 1.588  -3.276 -0.677  1.00 0.00 ? 6 ARG A C    4  
ATOM 540  O O    . ARG A 1 6 ? 2.243  -4.131 -1.272  1.00 0.00 ? 6 ARG A O    4  
ATOM 541  C CB   . ARG A 1 6 ? 1.157  -4.878 1.294   1.00 0.00 ? 6 ARG A CB   4  
ATOM 542  C CG   . ARG A 1 6 ? 1.077  -5.135 2.814   1.00 0.00 ? 6 ARG A CG   4  
ATOM 543  C CD   . ARG A 1 6 ? -0.244 -4.785 3.520   1.00 0.00 ? 6 ARG A CD   4  
ATOM 544  N NE   . ARG A 1 6 ? -1.404 -5.431 2.884   1.00 0.00 ? 6 ARG A NE   4  
ATOM 545  C CZ   . ARG A 1 6 ? -2.529 -5.830 3.501   1.00 0.00 ? 6 ARG A CZ   4  
ATOM 546  N NH1  . ARG A 1 6 ? -2.714 -5.661 4.817   1.00 0.00 ? 6 ARG A NH1  4  
ATOM 547  N NH2  . ARG A 1 6 ? -3.492 -6.419 2.783   1.00 0.00 ? 6 ARG A NH2  4  
ATOM 548  H H    . ARG A 1 6 ? 0.576  -1.957 2.170   1.00 0.00 ? 6 ARG A H    4  
ATOM 549  H HA   . ARG A 1 6 ? 2.292  -3.072 1.323   1.00 0.00 ? 6 ARG A HA   4  
ATOM 550  H HB2  . ARG A 1 6 ? 0.274  -5.286 0.802   1.00 0.00 ? 6 ARG A HB2  4  
ATOM 551  H HB3  . ARG A 1 6 ? 2.010  -5.452 0.932   1.00 0.00 ? 6 ARG A HB3  4  
ATOM 552  H HG2  . ARG A 1 6 ? 1.253  -6.200 2.974   1.00 0.00 ? 6 ARG A HG2  4  
ATOM 553  H HG3  . ARG A 1 6 ? 1.888  -4.596 3.306   1.00 0.00 ? 6 ARG A HG3  4  
ATOM 554  H HD2  . ARG A 1 6 ? -0.166 -5.116 4.555   1.00 0.00 ? 6 ARG A HD2  4  
ATOM 555  H HD3  . ARG A 1 6 ? -0.394 -3.708 3.530   1.00 0.00 ? 6 ARG A HD3  4  
ATOM 556  H HE   . ARG A 1 6 ? -1.337 -5.587 1.888   1.00 0.00 ? 6 ARG A HE   4  
ATOM 557  H HH11 . ARG A 1 6 ? -1.994 -5.225 5.376   1.00 0.00 ? 6 ARG A HH11 4  
ATOM 558  H HH12 . ARG A 1 6 ? -3.566 -5.983 5.254   1.00 0.00 ? 6 ARG A HH12 4  
ATOM 559  H HH21 . ARG A 1 6 ? -3.369 -6.556 1.790   1.00 0.00 ? 6 ARG A HH21 4  
ATOM 560  H HH22 . ARG A 1 6 ? -4.338 -6.734 3.235   1.00 0.00 ? 6 ARG A HH22 4  
ATOM 561  N N    . ARG A 1 1 ? 1.107  -2.180 -1.360  1.00 0.00 ? 1 ARG A N    5  
ATOM 562  C CA   . ARG A 1 1 ? 0.826  -2.126 -2.789  1.00 0.00 ? 1 ARG A CA   5  
ATOM 563  C C    . ARG A 1 1 ? 0.701  -0.650 -3.192  1.00 0.00 ? 1 ARG A C    5  
ATOM 564  O O    . ARG A 1 1 ? 1.553  -0.139 -3.915  1.00 0.00 ? 1 ARG A O    5  
ATOM 565  C CB   . ARG A 1 1 ? -0.481 -2.901 -3.071  1.00 0.00 ? 1 ARG A CB   5  
ATOM 566  C CG   . ARG A 1 1 ? -0.885 -2.934 -4.552  1.00 0.00 ? 1 ARG A CG   5  
ATOM 567  C CD   . ARG A 1 1 ? 0.068  -3.755 -5.430  1.00 0.00 ? 1 ARG A CD   5  
ATOM 568  N NE   . ARG A 1 1 ? 0.058  -5.178 -5.051  1.00 0.00 ? 1 ARG A NE   5  
ATOM 569  C CZ   . ARG A 1 1 ? 1.074  -6.045 -5.198  1.00 0.00 ? 1 ARG A CZ   5  
ATOM 570  N NH1  . ARG A 1 1 ? 2.241  -5.684 -5.747  1.00 0.00 ? 1 ARG A NH1  5  
ATOM 571  N NH2  . ARG A 1 1 ? 0.913  -7.307 -4.781  1.00 0.00 ? 1 ARG A NH2  5  
ATOM 572  H H1   . ARG A 1 1 ? 0.927  -1.333 -0.838  1.00 0.00 ? 1 ARG A H1   5  
ATOM 573  H HA   . ARG A 1 1 ? 1.651  -2.582 -3.340  1.00 0.00 ? 1 ARG A HA   5  
ATOM 574  H HB2  . ARG A 1 1 ? -0.381 -3.925 -2.710  1.00 0.00 ? 1 ARG A HB2  5  
ATOM 575  H HB3  . ARG A 1 1 ? -1.298 -2.448 -2.508  1.00 0.00 ? 1 ARG A HB3  5  
ATOM 576  H HG2  . ARG A 1 1 ? -1.885 -3.365 -4.622  1.00 0.00 ? 1 ARG A HG2  5  
ATOM 577  H HG3  . ARG A 1 1 ? -0.933 -1.916 -4.934  1.00 0.00 ? 1 ARG A HG3  5  
ATOM 578  H HD2  . ARG A 1 1 ? -0.253 -3.670 -6.468  1.00 0.00 ? 1 ARG A HD2  5  
ATOM 579  H HD3  . ARG A 1 1 ? 1.075  -3.347 -5.348  1.00 0.00 ? 1 ARG A HD3  5  
ATOM 580  H HE   . ARG A 1 1 ? -0.796 -5.522 -4.636  1.00 0.00 ? 1 ARG A HE   5  
ATOM 581  H HH11 . ARG A 1 1 ? 2.374  -4.736 -6.068  1.00 0.00 ? 1 ARG A HH11 5  
ATOM 582  H HH12 . ARG A 1 1 ? 2.985  -6.360 -5.843  1.00 0.00 ? 1 ARG A HH12 5  
ATOM 583  H HH21 . ARG A 1 1 ? 0.040  -7.595 -4.367  1.00 0.00 ? 1 ARG A HH21 5  
ATOM 584  H HH22 . ARG A 1 1 ? 1.668  -7.970 -4.883  1.00 0.00 ? 1 ARG A HH22 5  
ATOM 585  N N    . ARG A 1 2 ? -0.350 0.019  -2.688  1.00 0.00 ? 2 ARG A N    5  
ATOM 586  C CA   . ARG A 1 2 ? -0.630 1.441  -2.856  1.00 0.00 ? 2 ARG A CA   5  
ATOM 587  C C    . ARG A 1 2 ? 0.369  2.294  -2.045  1.00 0.00 ? 2 ARG A C    5  
ATOM 588  O O    . ARG A 1 2 ? 1.470  2.556  -2.524  1.00 0.00 ? 2 ARG A O    5  
ATOM 589  C CB   . ARG A 1 2 ? -2.109 1.667  -2.489  1.00 0.00 ? 2 ARG A CB   5  
ATOM 590  C CG   . ARG A 1 2 ? -2.619 3.084  -2.804  1.00 0.00 ? 2 ARG A CG   5  
ATOM 591  C CD   . ARG A 1 2 ? -4.069 3.281  -2.334  1.00 0.00 ? 2 ARG A CD   5  
ATOM 592  N NE   . ARG A 1 2 ? -5.013 2.388  -3.030  1.00 0.00 ? 2 ARG A NE   5  
ATOM 593  C CZ   . ARG A 1 2 ? -5.533 1.242  -2.552  1.00 0.00 ? 2 ARG A CZ   5  
ATOM 594  N NH1  . ARG A 1 2 ? -5.250 0.787  -1.322  1.00 0.00 ? 2 ARG A NH1  5  
ATOM 595  N NH2  . ARG A 1 2 ? -6.354 0.527  -3.328  1.00 0.00 ? 2 ARG A NH2  5  
ATOM 596  H H    . ARG A 1 2 ? -1.059 -0.525 -2.213  1.00 0.00 ? 2 ARG A H    5  
ATOM 597  H HA   . ARG A 1 2 ? -0.505 1.692  -3.910  1.00 0.00 ? 2 ARG A HA   5  
ATOM 598  H HB2  . ARG A 1 2 ? -2.704 0.956  -3.064  1.00 0.00 ? 2 ARG A HB2  5  
ATOM 599  H HB3  . ARG A 1 2 ? -2.265 1.450  -1.432  1.00 0.00 ? 2 ARG A HB3  5  
ATOM 600  H HG2  . ARG A 1 2 ? -2.000 3.822  -2.297  1.00 0.00 ? 2 ARG A HG2  5  
ATOM 601  H HG3  . ARG A 1 2 ? -2.554 3.267  -3.878  1.00 0.00 ? 2 ARG A HG3  5  
ATOM 602  H HD2  . ARG A 1 2 ? -4.120 3.125  -1.257  1.00 0.00 ? 2 ARG A HD2  5  
ATOM 603  H HD3  . ARG A 1 2 ? -4.358 4.312  -2.538  1.00 0.00 ? 2 ARG A HD3  5  
ATOM 604  H HE   . ARG A 1 2 ? -5.278 2.666  -3.964  1.00 0.00 ? 2 ARG A HE   5  
ATOM 605  H HH11 . ARG A 1 2 ? -4.643 1.318  -0.715  1.00 0.00 ? 2 ARG A HH11 5  
ATOM 606  H HH12 . ARG A 1 2 ? -5.661 -0.074 -0.995  1.00 0.00 ? 2 ARG A HH12 5  
ATOM 607  H HH21 . ARG A 1 2 ? -6.578 0.850  -4.257  1.00 0.00 ? 2 ARG A HH21 5  
ATOM 608  H HH22 . ARG A 1 2 ? -6.753 -0.334 -2.984  1.00 0.00 ? 2 ARG A HH22 5  
ATOM 609  N N    . TRP A 1 3 ? -0.013 2.715  -0.830  1.00 0.00 ? 3 TRP A N    5  
ATOM 610  C CA   . TRP A 1 3 ? 0.713  3.643  0.030   1.00 0.00 ? 3 TRP A CA   5  
ATOM 611  C C    . TRP A 1 3 ? 0.640  3.200  1.505   1.00 0.00 ? 3 TRP A C    5  
ATOM 612  O O    . TRP A 1 3 ? 1.448  3.640  2.321   1.00 0.00 ? 3 TRP A O    5  
ATOM 613  C CB   . TRP A 1 3 ? 0.040  5.006  -0.168  1.00 0.00 ? 3 TRP A CB   5  
ATOM 614  C CG   . TRP A 1 3 ? 0.865  6.215  0.113   1.00 0.00 ? 3 TRP A CG   5  
ATOM 615  C CD1  . TRP A 1 3 ? 1.494  6.919  -0.847  1.00 0.00 ? 3 TRP A CD1  5  
ATOM 616  C CD2  . TRP A 1 3 ? 1.141  6.917  1.365   1.00 0.00 ? 3 TRP A CD2  5  
ATOM 617  N NE1  . TRP A 1 3 ? 2.114  8.016  -0.294  1.00 0.00 ? 3 TRP A NE1  5  
ATOM 618  C CE2  . TRP A 1 3 ? 1.955  8.054  1.076   1.00 0.00 ? 3 TRP A CE2  5  
ATOM 619  C CE3  . TRP A 1 3 ? 0.785  6.720  2.715   1.00 0.00 ? 3 TRP A CE3  5  
ATOM 620  C CZ2  . TRP A 1 3 ? 2.402  8.934  2.073   1.00 0.00 ? 3 TRP A CZ2  5  
ATOM 621  C CZ3  . TRP A 1 3 ? 1.233  7.588  3.728   1.00 0.00 ? 3 TRP A CZ3  5  
ATOM 622  C CH2  . TRP A 1 3 ? 2.042  8.693  3.409   1.00 0.00 ? 3 TRP A CH2  5  
ATOM 623  H H    . TRP A 1 3 ? -0.976 2.598  -0.570  1.00 0.00 ? 3 TRP A H    5  
ATOM 624  H HA   . TRP A 1 3 ? 1.757  3.701  -0.279  1.00 0.00 ? 3 TRP A HA   5  
ATOM 625  H HB2  . TRP A 1 3 ? -0.298 5.088  -1.203  1.00 0.00 ? 3 TRP A HB2  5  
ATOM 626  H HB3  . TRP A 1 3 ? -0.858 5.054  0.442   1.00 0.00 ? 3 TRP A HB3  5  
ATOM 627  H HD1  . TRP A 1 3 ? 1.472  6.659  -1.896  1.00 0.00 ? 3 TRP A HD1  5  
ATOM 628  H HE1  . TRP A 1 3 ? 2.577  8.714  -0.850  1.00 0.00 ? 3 TRP A HE1  5  
ATOM 629  H HE3  . TRP A 1 3 ? 0.162  5.882  2.972   1.00 0.00 ? 3 TRP A HE3  5  
ATOM 630  H HZ2  . TRP A 1 3 ? 3.017  9.784  1.817   1.00 0.00 ? 3 TRP A HZ2  5  
ATOM 631  H HZ3  . TRP A 1 3 ? 0.953  7.405  4.755   1.00 0.00 ? 3 TRP A HZ3  5  
ATOM 632  H HH2  . TRP A 1 3 ? 2.383  9.357  4.190   1.00 0.00 ? 3 TRP A HH2  5  
ATOM 633  N N    . TRP A 1 4 ? -0.319 2.318  1.830   1.00 0.00 ? 4 TRP A N    5  
ATOM 634  C CA   . TRP A 1 4 ? -0.653 1.810  3.163   1.00 0.00 ? 4 TRP A CA   5  
ATOM 635  C C    . TRP A 1 4 ? -1.186 0.366  3.092   1.00 0.00 ? 4 TRP A C    5  
ATOM 636  O O    . TRP A 1 4 ? -1.571 -0.193 4.119   1.00 0.00 ? 4 TRP A O    5  
ATOM 637  C CB   . TRP A 1 4 ? -1.715 2.734  3.792   1.00 0.00 ? 4 TRP A CB   5  
ATOM 638  C CG   . TRP A 1 4 ? -2.917 3.021  2.932   1.00 0.00 ? 4 TRP A CG   5  
ATOM 639  C CD1  . TRP A 1 4 ? -3.054 4.081  2.100   1.00 0.00 ? 4 TRP A CD1  5  
ATOM 640  C CD2  . TRP A 1 4 ? -4.147 2.244  2.783   1.00 0.00 ? 4 TRP A CD2  5  
ATOM 641  N NE1  . TRP A 1 4 ? -4.252 3.994  1.425   1.00 0.00 ? 4 TRP A NE1  5  
ATOM 642  C CE2  . TRP A 1 4 ? -4.966 2.876  1.800   1.00 0.00 ? 4 TRP A CE2  5  
ATOM 643  C CE3  . TRP A 1 4 ? -4.660 1.071  3.384   1.00 0.00 ? 4 TRP A CE3  5  
ATOM 644  C CZ2  . TRP A 1 4 ? -6.212 2.356  1.412   1.00 0.00 ? 4 TRP A CZ2  5  
ATOM 645  C CZ3  . TRP A 1 4 ? -5.906 0.540  2.999   1.00 0.00 ? 4 TRP A CZ3  5  
ATOM 646  C CH2  . TRP A 1 4 ? -6.679 1.176  2.012   1.00 0.00 ? 4 TRP A CH2  5  
ATOM 647  H H    . TRP A 1 4 ? -0.925 2.003  1.087   1.00 0.00 ? 4 TRP A H    5  
ATOM 648  H HA   . TRP A 1 4 ? 0.241  1.809  3.788   1.00 0.00 ? 4 TRP A HA   5  
ATOM 649  H HB2  . TRP A 1 4 ? -2.060 2.298  4.730   1.00 0.00 ? 4 TRP A HB2  5  
ATOM 650  H HB3  . TRP A 1 4 ? -1.246 3.678  4.053   1.00 0.00 ? 4 TRP A HB3  5  
ATOM 651  H HD1  . TRP A 1 4 ? -2.327 4.873  1.966   1.00 0.00 ? 4 TRP A HD1  5  
ATOM 652  H HE1  . TRP A 1 4 ? -4.550 4.684  0.751   1.00 0.00 ? 4 TRP A HE1  5  
ATOM 653  H HE3  . TRP A 1 4 ? -4.091 0.575  4.154   1.00 0.00 ? 4 TRP A HE3  5  
ATOM 654  H HZ2  . TRP A 1 4 ? -6.805 2.859  0.662   1.00 0.00 ? 4 TRP A HZ2  5  
ATOM 655  H HZ3  . TRP A 1 4 ? -6.274 -0.359 3.472   1.00 0.00 ? 4 TRP A HZ3  5  
ATOM 656  H HH2  . TRP A 1 4 ? -7.636 0.764  1.727   1.00 0.00 ? 4 TRP A HH2  5  
ATOM 657  N N    . PHE A 1 5 ? -1.207 -0.238 1.893   1.00 0.00 ? 5 PHE A N    5  
ATOM 658  C CA   . PHE A 1 5 ? -1.868 -1.503 1.590   1.00 0.00 ? 5 PHE A CA   5  
ATOM 659  C C    . PHE A 1 5 ? -0.867 -2.506 0.984   1.00 0.00 ? 5 PHE A C    5  
ATOM 660  O O    . PHE A 1 5 ? -1.251 -3.311 0.136   1.00 0.00 ? 5 PHE A O    5  
ATOM 661  C CB   . PHE A 1 5 ? -3.076 -1.199 0.677   1.00 0.00 ? 5 PHE A CB   5  
ATOM 662  C CG   . PHE A 1 5 ? -4.053 -2.345 0.482   1.00 0.00 ? 5 PHE A CG   5  
ATOM 663  C CD1  . PHE A 1 5 ? -4.780 -2.846 1.581   1.00 0.00 ? 5 PHE A CD1  5  
ATOM 664  C CD2  . PHE A 1 5 ? -4.253 -2.904 -0.795  1.00 0.00 ? 5 PHE A CD2  5  
ATOM 665  C CE1  . PHE A 1 5 ? -5.693 -3.901 1.404   1.00 0.00 ? 5 PHE A CE1  5  
ATOM 666  C CE2  . PHE A 1 5 ? -5.164 -3.960 -0.972  1.00 0.00 ? 5 PHE A CE2  5  
ATOM 667  C CZ   . PHE A 1 5 ? -5.884 -4.459 0.127   1.00 0.00 ? 5 PHE A CZ   5  
ATOM 668  H H    . PHE A 1 5 ? -0.822 0.262  1.104   1.00 0.00 ? 5 PHE A H    5  
ATOM 669  H HA   . PHE A 1 5 ? -2.241 -1.935 2.519   1.00 0.00 ? 5 PHE A HA   5  
ATOM 670  H HB2  . PHE A 1 5 ? -3.649 -0.368 1.093   1.00 0.00 ? 5 PHE A HB2  5  
ATOM 671  H HB3  . PHE A 1 5 ? -2.704 -0.872 -0.295  1.00 0.00 ? 5 PHE A HB3  5  
ATOM 672  H HD1  . PHE A 1 5 ? -4.641 -2.420 2.565   1.00 0.00 ? 5 PHE A HD1  5  
ATOM 673  H HD2  . PHE A 1 5 ? -3.705 -2.526 -1.646  1.00 0.00 ? 5 PHE A HD2  5  
ATOM 674  H HE1  . PHE A 1 5 ? -6.248 -4.282 2.249   1.00 0.00 ? 5 PHE A HE1  5  
ATOM 675  H HE2  . PHE A 1 5 ? -5.313 -4.386 -1.953  1.00 0.00 ? 5 PHE A HE2  5  
ATOM 676  H HZ   . PHE A 1 5 ? -6.587 -5.268 -0.008  1.00 0.00 ? 5 PHE A HZ   5  
ATOM 677  N N    . ARG A 1 6 ? 0.415  -2.440 1.401   1.00 0.00 ? 6 ARG A N    5  
ATOM 678  C CA   . ARG A 1 6 ? 1.560  -3.174 0.845   1.00 0.00 ? 6 ARG A CA   5  
ATOM 679  C C    . ARG A 1 6 ? 1.552  -3.263 -0.698  1.00 0.00 ? 6 ARG A C    5  
ATOM 680  O O    . ARG A 1 6 ? 1.887  -4.302 -1.269  1.00 0.00 ? 6 ARG A O    5  
ATOM 681  C CB   . ARG A 1 6 ? 1.797  -4.516 1.579   1.00 0.00 ? 6 ARG A CB   5  
ATOM 682  C CG   . ARG A 1 6 ? 0.688  -5.586 1.517   1.00 0.00 ? 6 ARG A CG   5  
ATOM 683  C CD   . ARG A 1 6 ? -0.325 -5.468 2.670   1.00 0.00 ? 6 ARG A CD   5  
ATOM 684  N NE   . ARG A 1 6 ? -1.272 -6.595 2.696   1.00 0.00 ? 6 ARG A NE   5  
ATOM 685  C CZ   . ARG A 1 6 ? -2.398 -6.710 1.970   1.00 0.00 ? 6 ARG A CZ   5  
ATOM 686  N NH1  . ARG A 1 6 ? -2.757 -5.790 1.067   1.00 0.00 ? 6 ARG A NH1  5  
ATOM 687  N NH2  . ARG A 1 6 ? -3.186 -7.775 2.155   1.00 0.00 ? 6 ARG A NH2  5  
ATOM 688  H H    . ARG A 1 6 ? 0.642  -1.792 2.143   1.00 0.00 ? 6 ARG A H    5  
ATOM 689  H HA   . ARG A 1 6 ? 2.429  -2.560 1.085   1.00 0.00 ? 6 ARG A HA   5  
ATOM 690  H HB2  . ARG A 1 6 ? 2.702  -4.958 1.160   1.00 0.00 ? 6 ARG A HB2  5  
ATOM 691  H HB3  . ARG A 1 6 ? 2.022  -4.304 2.626   1.00 0.00 ? 6 ARG A HB3  5  
ATOM 692  H HG2  . ARG A 1 6 ? 0.176  -5.546 0.556   1.00 0.00 ? 6 ARG A HG2  5  
ATOM 693  H HG3  . ARG A 1 6 ? 1.164  -6.563 1.600   1.00 0.00 ? 6 ARG A HG3  5  
ATOM 694  H HD2  . ARG A 1 6 ? 0.219  -5.467 3.614   1.00 0.00 ? 6 ARG A HD2  5  
ATOM 695  H HD3  . ARG A 1 6 ? -0.878 -4.534 2.599   1.00 0.00 ? 6 ARG A HD3  5  
ATOM 696  H HE   . ARG A 1 6 ? -1.063 -7.333 3.353   1.00 0.00 ? 6 ARG A HE   5  
ATOM 697  H HH11 . ARG A 1 6 ? -2.172 -4.983 0.911   1.00 0.00 ? 6 ARG A HH11 5  
ATOM 698  H HH12 . ARG A 1 6 ? -3.613 -5.902 0.541   1.00 0.00 ? 6 ARG A HH12 5  
ATOM 699  H HH21 . ARG A 1 6 ? -2.934 -8.477 2.836   1.00 0.00 ? 6 ARG A HH21 5  
ATOM 700  H HH22 . ARG A 1 6 ? -4.036 -7.873 1.620   1.00 0.00 ? 6 ARG A HH22 5  
ATOM 701  N N    . ARG A 1 1 ? 1.090  -2.178 -1.272  1.00 0.00 ? 1 ARG A N    6  
ATOM 702  C CA   . ARG A 1 1 ? 1.227  -1.897 -2.700  1.00 0.00 ? 1 ARG A CA   6  
ATOM 703  C C    . ARG A 1 1 ? 0.862  -0.434 -2.994  1.00 0.00 ? 1 ARG A C    6  
ATOM 704  O O    . ARG A 1 1 ? 1.719  0.291  -3.495  1.00 0.00 ? 1 ARG A O    6  
ATOM 705  C CB   . ARG A 1 1 ? 0.350  -2.876 -3.506  1.00 0.00 ? 1 ARG A CB   6  
ATOM 706  C CG   . ARG A 1 1 ? 0.517  -2.692 -5.023  1.00 0.00 ? 1 ARG A CG   6  
ATOM 707  C CD   . ARG A 1 1 ? -0.107 -3.848 -5.818  1.00 0.00 ? 1 ARG A CD   6  
ATOM 708  N NE   . ARG A 1 1 ? 0.714  -5.067 -5.739  1.00 0.00 ? 1 ARG A NE   6  
ATOM 709  C CZ   . ARG A 1 1 ? 0.385  -6.267 -6.246  1.00 0.00 ? 1 ARG A CZ   6  
ATOM 710  N NH1  . ARG A 1 1 ? -0.791 -6.477 -6.853  1.00 0.00 ? 1 ARG A NH1  6  
ATOM 711  N NH2  . ARG A 1 1 ? 1.253  -7.280 -6.147  1.00 0.00 ? 1 ARG A NH2  6  
ATOM 712  H H1   . ARG A 1 1 ? 0.553  -1.520 -0.731  1.00 0.00 ? 1 ARG A H1   6  
ATOM 713  H HA   . ARG A 1 1 ? 2.270  -2.056 -2.985  1.00 0.00 ? 1 ARG A HA   6  
ATOM 714  H HB2  . ARG A 1 1 ? 0.632  -3.893 -3.240  1.00 0.00 ? 1 ARG A HB2  6  
ATOM 715  H HB3  . ARG A 1 1 ? -0.701 -2.742 -3.240  1.00 0.00 ? 1 ARG A HB3  6  
ATOM 716  H HG2  . ARG A 1 1 ? 0.031  -1.764 -5.323  1.00 0.00 ? 1 ARG A HG2  6  
ATOM 717  H HG3  . ARG A 1 1 ? 1.578  -2.623 -5.274  1.00 0.00 ? 1 ARG A HG3  6  
ATOM 718  H HD2  . ARG A 1 1 ? -1.109 -4.050 -5.440  1.00 0.00 ? 1 ARG A HD2  6  
ATOM 719  H HD3  . ARG A 1 1 ? -0.181 -3.551 -6.863  1.00 0.00 ? 1 ARG A HD3  6  
ATOM 720  H HE   . ARG A 1 1 ? 1.616  -4.975 -5.291  1.00 0.00 ? 1 ARG A HE   6  
ATOM 721  H HH11 . ARG A 1 1 ? -1.456 -5.722 -6.938  1.00 0.00 ? 1 ARG A HH11 6  
ATOM 722  H HH12 . ARG A 1 1 ? -1.011 -7.389 -7.227  1.00 0.00 ? 1 ARG A HH12 6  
ATOM 723  H HH21 . ARG A 1 1 ? 2.148  -7.137 -5.700  1.00 0.00 ? 1 ARG A HH21 6  
ATOM 724  H HH22 . ARG A 1 1 ? 1.021  -8.186 -6.529  1.00 0.00 ? 1 ARG A HH22 6  
ATOM 725  N N    . ARG A 1 2 ? -0.375 -0.007 -2.671  1.00 0.00 ? 2 ARG A N    6  
ATOM 726  C CA   . ARG A 1 2 ? -0.861 1.371  -2.824  1.00 0.00 ? 2 ARG A CA   6  
ATOM 727  C C    . ARG A 1 2 ? 0.073  2.411  -2.177  1.00 0.00 ? 2 ARG A C    6  
ATOM 728  O O    . ARG A 1 2 ? 0.877  3.032  -2.871  1.00 0.00 ? 2 ARG A O    6  
ATOM 729  C CB   . ARG A 1 2 ? -2.308 1.476  -2.289  1.00 0.00 ? 2 ARG A CB   6  
ATOM 730  C CG   . ARG A 1 2 ? -2.971 2.814  -2.655  1.00 0.00 ? 2 ARG A CG   6  
ATOM 731  C CD   . ARG A 1 2 ? -4.349 2.963  -1.998  1.00 0.00 ? 2 ARG A CD   6  
ATOM 732  N NE   . ARG A 1 2 ? -5.309 1.954  -2.481  1.00 0.00 ? 2 ARG A NE   6  
ATOM 733  C CZ   . ARG A 1 2 ? -6.035 1.111  -1.725  1.00 0.00 ? 2 ARG A CZ   6  
ATOM 734  N NH1  . ARG A 1 2 ? -5.954 1.100  -0.388  1.00 0.00 ? 2 ARG A NH1  6  
ATOM 735  N NH2  . ARG A 1 2 ? -6.869 0.254  -2.325  1.00 0.00 ? 2 ARG A NH2  6  
ATOM 736  H H    . ARG A 1 2 ? -1.069 -0.707 -2.442  1.00 0.00 ? 2 ARG A H    6  
ATOM 737  H HA   . ARG A 1 2 ? -0.894 1.585  -3.889  1.00 0.00 ? 2 ARG A HA   6  
ATOM 738  H HB2  . ARG A 1 2 ? -2.903 0.665  -2.707  1.00 0.00 ? 2 ARG A HB2  6  
ATOM 739  H HB3  . ARG A 1 2 ? -2.315 1.370  -1.202  1.00 0.00 ? 2 ARG A HB3  6  
ATOM 740  H HG2  . ARG A 1 2 ? -2.348 3.640  -2.315  1.00 0.00 ? 2 ARG A HG2  6  
ATOM 741  H HG3  . ARG A 1 2 ? -3.073 2.887  -3.739  1.00 0.00 ? 2 ARG A HG3  6  
ATOM 742  H HD2  . ARG A 1 2 ? -4.231 2.901  -0.916  1.00 0.00 ? 2 ARG A HD2  6  
ATOM 743  H HD3  . ARG A 1 2 ? -4.742 3.952  -2.238  1.00 0.00 ? 2 ARG A HD3  6  
ATOM 744  H HE   . ARG A 1 2 ? -5.426 1.902  -3.481  1.00 0.00 ? 2 ARG A HE   6  
ATOM 745  H HH11 . ARG A 1 2 ? -5.342 1.748  0.086   1.00 0.00 ? 2 ARG A HH11 6  
ATOM 746  H HH12 . ARG A 1 2 ? -6.524 0.462  0.148   1.00 0.00 ? 2 ARG A HH12 6  
ATOM 747  H HH21 . ARG A 1 2 ? -6.951 0.250  -3.331  1.00 0.00 ? 2 ARG A HH21 6  
ATOM 748  H HH22 . ARG A 1 2 ? -7.429 -0.377 -1.771  1.00 0.00 ? 2 ARG A HH22 6  
ATOM 749  N N    . TRP A 1 3 ? -0.059 2.607  -0.857  1.00 0.00 ? 3 TRP A N    6  
ATOM 750  C CA   . TRP A 1 3 ? 0.626  3.616  -0.064  1.00 0.00 ? 3 TRP A CA   6  
ATOM 751  C C    . TRP A 1 3 ? 0.719  3.165  1.406   1.00 0.00 ? 3 TRP A C    6  
ATOM 752  O O    . TRP A 1 3 ? 1.634  3.568  2.123   1.00 0.00 ? 3 TRP A O    6  
ATOM 753  C CB   . TRP A 1 3 ? -0.213 4.895  -0.153  1.00 0.00 ? 3 TRP A CB   6  
ATOM 754  C CG   . TRP A 1 3 ? 0.563  6.158  -0.013  1.00 0.00 ? 3 TRP A CG   6  
ATOM 755  C CD1  . TRP A 1 3 ? 1.071  6.820  -1.068  1.00 0.00 ? 3 TRP A CD1  6  
ATOM 756  C CD2  . TRP A 1 3 ? 0.959  6.918  1.168   1.00 0.00 ? 3 TRP A CD2  6  
ATOM 757  N NE1  . TRP A 1 3 ? 1.710  7.963  -0.642  1.00 0.00 ? 3 TRP A NE1  6  
ATOM 758  C CE2  . TRP A 1 3 ? 1.694  8.063  0.736   1.00 0.00 ? 3 TRP A CE2  6  
ATOM 759  C CE3  . TRP A 1 3 ? 0.785  6.756  2.559   1.00 0.00 ? 3 TRP A CE3  6  
ATOM 760  C CZ2  . TRP A 1 3 ? 2.225  8.998  1.638   1.00 0.00 ? 3 TRP A CZ2  6  
ATOM 761  C CZ3  . TRP A 1 3 ? 1.319  7.683  3.474   1.00 0.00 ? 3 TRP A CZ3  6  
ATOM 762  C CH2  . TRP A 1 3 ? 2.036  8.803  3.015   1.00 0.00 ? 3 TRP A CH2  6  
ATOM 763  H H    . TRP A 1 3 ? -0.836 2.175  -0.401  1.00 0.00 ? 3 TRP A H    6  
ATOM 764  H HA   . TRP A 1 3 ? 1.627  3.791  -0.464  1.00 0.00 ? 3 TRP A HA   6  
ATOM 765  H HB2  . TRP A 1 3 ? -0.719 4.935  -1.119  1.00 0.00 ? 3 TRP A HB2  6  
ATOM 766  H HB3  . TRP A 1 3 ? -0.997 4.874  0.601   1.00 0.00 ? 3 TRP A HB3  6  
ATOM 767  H HD1  . TRP A 1 3 ? 0.963  6.479  -2.087  1.00 0.00 ? 3 TRP A HD1  6  
ATOM 768  H HE1  . TRP A 1 3 ? 2.116  8.631  -1.278  1.00 0.00 ? 3 TRP A HE1  6  
ATOM 769  H HE3  . TRP A 1 3 ? 0.243  5.900  2.924   1.00 0.00 ? 3 TRP A HE3  6  
ATOM 770  H HZ2  . TRP A 1 3 ? 2.777  9.854  1.277   1.00 0.00 ? 3 TRP A HZ2  6  
ATOM 771  H HZ3  . TRP A 1 3 ? 1.178  7.533  4.534   1.00 0.00 ? 3 TRP A HZ3  6  
ATOM 772  H HH2  . TRP A 1 3 ? 2.443  9.511  3.722   1.00 0.00 ? 3 TRP A HH2  6  
ATOM 773  N N    . TRP A 1 4 ? -0.232 2.318  1.828   1.00 0.00 ? 4 TRP A N    6  
ATOM 774  C CA   . TRP A 1 4 ? -0.392 1.738  3.158   1.00 0.00 ? 4 TRP A CA   6  
ATOM 775  C C    . TRP A 1 4 ? -0.983 0.316  3.073   1.00 0.00 ? 4 TRP A C    6  
ATOM 776  O O    . TRP A 1 4 ? -1.238 -0.304 4.105   1.00 0.00 ? 4 TRP A O    6  
ATOM 777  C CB   . TRP A 1 4 ? -1.296 2.658  4.004   1.00 0.00 ? 4 TRP A CB   6  
ATOM 778  C CG   . TRP A 1 4 ? -2.596 3.092  3.382   1.00 0.00 ? 4 TRP A CG   6  
ATOM 779  C CD1  . TRP A 1 4 ? -2.813 4.276  2.762   1.00 0.00 ? 4 TRP A CD1  6  
ATOM 780  C CD2  . TRP A 1 4 ? -3.875 2.382  3.320   1.00 0.00 ? 4 TRP A CD2  6  
ATOM 781  N NE1  . TRP A 1 4 ? -4.119 4.351  2.323   1.00 0.00 ? 4 TRP A NE1  6  
ATOM 782  C CE2  . TRP A 1 4 ? -4.821 3.207  2.638   1.00 0.00 ? 4 TRP A CE2  6  
ATOM 783  C CE3  . TRP A 1 4 ? -4.338 1.132  3.785   1.00 0.00 ? 4 TRP A CE3  6  
ATOM 784  C CZ2  . TRP A 1 4 ? -6.151 2.808  2.428   1.00 0.00 ? 4 TRP A CZ2  6  
ATOM 785  C CZ3  . TRP A 1 4 ? -5.664 0.715  3.568   1.00 0.00 ? 4 TRP A CZ3  6  
ATOM 786  C CH2  . TRP A 1 4 ? -6.571 1.551  2.893   1.00 0.00 ? 4 TRP A CH2  6  
ATOM 787  H H    . TRP A 1 4 ? -0.943 2.059  1.161   1.00 0.00 ? 4 TRP A H    6  
ATOM 788  H HA   . TRP A 1 4 ? 0.585  1.667  3.638   1.00 0.00 ? 4 TRP A HA   6  
ATOM 789  H HB2  . TRP A 1 4 ? -1.518 2.164  4.951   1.00 0.00 ? 4 TRP A HB2  6  
ATOM 790  H HB3  . TRP A 1 4 ? -0.727 3.549  4.257   1.00 0.00 ? 4 TRP A HB3  6  
ATOM 791  H HD1  . TRP A 1 4 ? -2.075 5.057  2.637   1.00 0.00 ? 4 TRP A HD1  6  
ATOM 792  H HE1  . TRP A 1 4 ? -4.498 5.167  1.860   1.00 0.00 ? 4 TRP A HE1  6  
ATOM 793  H HE3  . TRP A 1 4 ? -3.665 0.487  4.328   1.00 0.00 ? 4 TRP A HE3  6  
ATOM 794  H HZ2  . TRP A 1 4 ? -6.843 3.460  1.916   1.00 0.00 ? 4 TRP A HZ2  6  
ATOM 795  H HZ3  . TRP A 1 4 ? -5.991 -0.248 3.932   1.00 0.00 ? 4 TRP A HZ3  6  
ATOM 796  H HH2  . TRP A 1 4 ? -7.591 1.229  2.739   1.00 0.00 ? 4 TRP A HH2  6  
ATOM 797  N N    . PHE A 1 5 ? -1.189 -0.202 1.850   1.00 0.00 ? 5 PHE A N    6  
ATOM 798  C CA   . PHE A 1 5 ? -1.930 -1.425 1.554   1.00 0.00 ? 5 PHE A CA   6  
ATOM 799  C C    . PHE A 1 5 ? -1.000 -2.475 0.915   1.00 0.00 ? 5 PHE A C    6  
ATOM 800  O O    . PHE A 1 5 ? -1.405 -3.199 0.004   1.00 0.00 ? 5 PHE A O    6  
ATOM 801  C CB   . PHE A 1 5 ? -3.148 -1.042 0.684   1.00 0.00 ? 5 PHE A CB   6  
ATOM 802  C CG   . PHE A 1 5 ? -4.133 -2.167 0.429   1.00 0.00 ? 5 PHE A CG   6  
ATOM 803  C CD1  . PHE A 1 5 ? -4.836 -2.745 1.501   1.00 0.00 ? 5 PHE A CD1  6  
ATOM 804  C CD2  . PHE A 1 5 ? -4.336 -2.646 -0.881  1.00 0.00 ? 5 PHE A CD2  6  
ATOM 805  C CE1  . PHE A 1 5 ? -5.718 -3.815 1.270   1.00 0.00 ? 5 PHE A CE1  6  
ATOM 806  C CE2  . PHE A 1 5 ? -5.215 -3.718 -1.111  1.00 0.00 ? 5 PHE A CE2  6  
ATOM 807  C CZ   . PHE A 1 5 ? -5.903 -4.306 -0.035  1.00 0.00 ? 5 PHE A CZ   6  
ATOM 808  H H    . PHE A 1 5 ? -0.883 0.336  1.053   1.00 0.00 ? 5 PHE A H    6  
ATOM 809  H HA   . PHE A 1 5 ? -2.303 -1.843 2.488   1.00 0.00 ? 5 PHE A HA   6  
ATOM 810  H HB2  . PHE A 1 5 ? -3.701 -0.233 1.166   1.00 0.00 ? 5 PHE A HB2  6  
ATOM 811  H HB3  . PHE A 1 5 ? -2.782 -0.667 -0.271  1.00 0.00 ? 5 PHE A HB3  6  
ATOM 812  H HD1  . PHE A 1 5 ? -4.696 -2.369 2.506   1.00 0.00 ? 5 PHE A HD1  6  
ATOM 813  H HD2  . PHE A 1 5 ? -3.806 -2.200 -1.711  1.00 0.00 ? 5 PHE A HD2  6  
ATOM 814  H HE1  . PHE A 1 5 ? -6.251 -4.263 2.096   1.00 0.00 ? 5 PHE A HE1  6  
ATOM 815  H HE2  . PHE A 1 5 ? -5.360 -4.092 -2.114  1.00 0.00 ? 5 PHE A HE2  6  
ATOM 816  H HZ   . PHE A 1 5 ? -6.576 -5.131 -0.211  1.00 0.00 ? 5 PHE A HZ   6  
ATOM 817  N N    . ARG A 1 6 ? 0.259  -2.545 1.390   1.00 0.00 ? 6 ARG A N    6  
ATOM 818  C CA   . ARG A 1 6 ? 1.331  -3.408 0.880   1.00 0.00 ? 6 ARG A CA   6  
ATOM 819  C C    . ARG A 1 6 ? 1.648  -3.217 -0.625  1.00 0.00 ? 6 ARG A C    6  
ATOM 820  O O    . ARG A 1 6 ? 2.384  -4.024 -1.195  1.00 0.00 ? 6 ARG A O    6  
ATOM 821  C CB   . ARG A 1 6 ? 1.067  -4.892 1.231   1.00 0.00 ? 6 ARG A CB   6  
ATOM 822  C CG   . ARG A 1 6 ? 0.858  -5.230 2.722   1.00 0.00 ? 6 ARG A CG   6  
ATOM 823  C CD   . ARG A 1 6 ? -0.508 -4.868 3.339   1.00 0.00 ? 6 ARG A CD   6  
ATOM 824  N NE   . ARG A 1 6 ? -1.644 -5.375 2.550   1.00 0.00 ? 6 ARG A NE   6  
ATOM 825  C CZ   . ARG A 1 6 ? -2.150 -6.619 2.597   1.00 0.00 ? 6 ARG A CZ   6  
ATOM 826  N NH1  . ARG A 1 6 ? -1.650 -7.556 3.416   1.00 0.00 ? 6 ARG A NH1  6  
ATOM 827  N NH2  . ARG A 1 6 ? -3.178 -6.935 1.804   1.00 0.00 ? 6 ARG A NH2  6  
ATOM 828  H H    . ARG A 1 6 ? 0.499  -1.980 2.195   1.00 0.00 ? 6 ARG A H    6  
ATOM 829  H HA   . ARG A 1 6 ? 2.234  -3.112 1.416   1.00 0.00 ? 6 ARG A HA   6  
ATOM 830  H HB2  . ARG A 1 6 ? 0.224  -5.261 0.647   1.00 0.00 ? 6 ARG A HB2  6  
ATOM 831  H HB3  . ARG A 1 6 ? 1.940  -5.461 0.909   1.00 0.00 ? 6 ARG A HB3  6  
ATOM 832  H HG2  . ARG A 1 6 ? 0.987  -6.308 2.833   1.00 0.00 ? 6 ARG A HG2  6  
ATOM 833  H HG3  . ARG A 1 6 ? 1.643  -4.750 3.307   1.00 0.00 ? 6 ARG A HG3  6  
ATOM 834  H HD2  . ARG A 1 6 ? -0.555 -5.278 4.348   1.00 0.00 ? 6 ARG A HD2  6  
ATOM 835  H HD3  . ARG A 1 6 ? -0.596 -3.787 3.429   1.00 0.00 ? 6 ARG A HD3  6  
ATOM 836  H HE   . ARG A 1 6 ? -2.066 -4.721 1.905   1.00 0.00 ? 6 ARG A HE   6  
ATOM 837  H HH11 . ARG A 1 6 ? -0.872 -7.332 4.022   1.00 0.00 ? 6 ARG A HH11 6  
ATOM 838  H HH12 . ARG A 1 6 ? -2.050 -8.482 3.430   1.00 0.00 ? 6 ARG A HH12 6  
ATOM 839  H HH21 . ARG A 1 6 ? -3.566 -6.241 1.178   1.00 0.00 ? 6 ARG A HH21 6  
ATOM 840  H HH22 . ARG A 1 6 ? -3.567 -7.866 1.826   1.00 0.00 ? 6 ARG A HH22 6  
ATOM 841  N N    . ARG A 1 1 ? 1.110  -2.075 -1.200  1.00 0.00 ? 1 ARG A N    7  
ATOM 842  C CA   . ARG A 1 1 ? 1.086  -1.966 -2.653  1.00 0.00 ? 1 ARG A CA   7  
ATOM 843  C C    . ARG A 1 1 ? 0.810  -0.507 -3.047  1.00 0.00 ? 1 ARG A C    7  
ATOM 844  O O    . ARG A 1 1 ? 1.686  0.123  -3.638  1.00 0.00 ? 1 ARG A O    7  
ATOM 845  C CB   . ARG A 1 1 ? 0.008  -2.927 -3.197  1.00 0.00 ? 1 ARG A CB   7  
ATOM 846  C CG   . ARG A 1 1 ? -0.148 -2.917 -4.726  1.00 0.00 ? 1 ARG A CG   7  
ATOM 847  C CD   . ARG A 1 1 ? 1.123  -3.284 -5.505  1.00 0.00 ? 1 ARG A CD   7  
ATOM 848  N NE   . ARG A 1 1 ? 1.613  -4.631 -5.169  1.00 0.00 ? 1 ARG A NE   7  
ATOM 849  C CZ   . ARG A 1 1 ? 2.517  -5.331 -5.875  1.00 0.00 ? 1 ARG A CZ   7  
ATOM 850  N NH1  . ARG A 1 1 ? 3.053  -4.848 -7.005  1.00 0.00 ? 1 ARG A NH1  7  
ATOM 851  N NH2  . ARG A 1 1 ? 2.895  -6.539 -5.443  1.00 0.00 ? 1 ARG A NH2  7  
ATOM 852  H H1   . ARG A 1 1 ? 0.623  -1.351 -0.693  1.00 0.00 ? 1 ARG A H1   7  
ATOM 853  H HA   . ARG A 1 1 ? 2.062  -2.257 -3.045  1.00 0.00 ? 1 ARG A HA   7  
ATOM 854  H HB2  . ARG A 1 1 ? 0.249  -3.943 -2.882  1.00 0.00 ? 1 ARG A HB2  7  
ATOM 855  H HB3  . ARG A 1 1 ? -0.955 -2.672 -2.754  1.00 0.00 ? 1 ARG A HB3  7  
ATOM 856  H HG2  . ARG A 1 1 ? -0.936 -3.622 -4.990  1.00 0.00 ? 1 ARG A HG2  7  
ATOM 857  H HG3  . ARG A 1 1 ? -0.473 -1.925 -5.040  1.00 0.00 ? 1 ARG A HG3  7  
ATOM 858  H HD2  . ARG A 1 1 ? 0.892  -3.245 -6.569  1.00 0.00 ? 1 ARG A HD2  7  
ATOM 859  H HD3  . ARG A 1 1 ? 1.904  -2.554 -5.296  1.00 0.00 ? 1 ARG A HD3  7  
ATOM 860  H HE   . ARG A 1 1 ? 1.244  -5.048 -4.326  1.00 0.00 ? 1 ARG A HE   7  
ATOM 861  H HH11 . ARG A 1 1 ? 2.775  -3.940 -7.347  1.00 0.00 ? 1 ARG A HH11 7  
ATOM 862  H HH12 . ARG A 1 1 ? 3.729  -5.396 -7.518  1.00 0.00 ? 1 ARG A HH12 7  
ATOM 863  H HH21 . ARG A 1 1 ? 2.504  -6.917 -4.593  1.00 0.00 ? 1 ARG A HH21 7  
ATOM 864  H HH22 . ARG A 1 1 ? 3.574  -7.072 -5.967  1.00 0.00 ? 1 ARG A HH22 7  
ATOM 865  N N    . ARG A 1 2 ? -0.377 0.022  -2.699  1.00 0.00 ? 2 ARG A N    7  
ATOM 866  C CA   . ARG A 1 2 ? -0.772 1.419  -2.904  1.00 0.00 ? 2 ARG A CA   7  
ATOM 867  C C    . ARG A 1 2 ? 0.159  2.403  -2.165  1.00 0.00 ? 2 ARG A C    7  
ATOM 868  O O    . ARG A 1 2 ? 1.109  2.904  -2.763  1.00 0.00 ? 2 ARG A O    7  
ATOM 869  C CB   . ARG A 1 2 ? -2.258 1.580  -2.525  1.00 0.00 ? 2 ARG A CB   7  
ATOM 870  C CG   . ARG A 1 2 ? -2.822 2.948  -2.952  1.00 0.00 ? 2 ARG A CG   7  
ATOM 871  C CD   . ARG A 1 2 ? -4.228 3.210  -2.396  1.00 0.00 ? 2 ARG A CD   7  
ATOM 872  N NE   . ARG A 1 2 ? -5.212 2.200  -2.829  1.00 0.00 ? 2 ARG A NE   7  
ATOM 873  C CZ   . ARG A 1 2 ? -5.742 1.228  -2.065  1.00 0.00 ? 2 ARG A CZ   7  
ATOM 874  N NH1  . ARG A 1 2 ? -5.395 1.065  -0.780  1.00 0.00 ? 2 ARG A NH1  7  
ATOM 875  N NH2  . ARG A 1 2 ? -6.643 0.396  -2.599  1.00 0.00 ? 2 ARG A NH2  7  
ATOM 876  H H    . ARG A 1 2 ? -1.099 -0.611 -2.377  1.00 0.00 ? 2 ARG A H    7  
ATOM 877  H HA   . ARG A 1 2 ? -0.687 1.631  -3.966  1.00 0.00 ? 2 ARG A HA   7  
ATOM 878  H HB2  . ARG A 1 2 ? -2.831 0.798  -3.024  1.00 0.00 ? 2 ARG A HB2  7  
ATOM 879  H HB3  . ARG A 1 2 ? -2.382 1.451  -1.448  1.00 0.00 ? 2 ARG A HB3  7  
ATOM 880  H HG2  . ARG A 1 2 ? -2.170 3.744  -2.591  1.00 0.00 ? 2 ARG A HG2  7  
ATOM 881  H HG3  . ARG A 1 2 ? -2.847 3.000  -4.041  1.00 0.00 ? 2 ARG A HG3  7  
ATOM 882  H HD2  . ARG A 1 2 ? -4.178 3.255  -1.307  1.00 0.00 ? 2 ARG A HD2  7  
ATOM 883  H HD3  . ARG A 1 2 ? -4.562 4.184  -2.753  1.00 0.00 ? 2 ARG A HD3  7  
ATOM 884  H HE   . ARG A 1 2 ? -5.517 2.261  -3.789  1.00 0.00 ? 2 ARG A HE   7  
ATOM 885  H HH11 . ARG A 1 2 ? -4.721 1.686  -0.359  1.00 0.00 ? 2 ARG A HH11 7  
ATOM 886  H HH12 . ARG A 1 2 ? -5.815 0.328  -0.234  1.00 0.00 ? 2 ARG A HH12 7  
ATOM 887  H HH21 . ARG A 1 2 ? -6.924 0.506  -3.562  1.00 0.00 ? 2 ARG A HH21 7  
ATOM 888  H HH22 . ARG A 1 2 ? -7.053 -0.333 -2.033  1.00 0.00 ? 2 ARG A HH22 7  
ATOM 889  N N    . TRP A 1 3 ? -0.117 2.678  -0.881  1.00 0.00 ? 3 TRP A N    7  
ATOM 890  C CA   . TRP A 1 3 ? 0.579  3.649  -0.045  1.00 0.00 ? 3 TRP A CA   7  
ATOM 891  C C    . TRP A 1 3 ? 0.719  3.132  1.401   1.00 0.00 ? 3 TRP A C    7  
ATOM 892  O O    . TRP A 1 3 ? 1.602  3.576  2.133   1.00 0.00 ? 3 TRP A O    7  
ATOM 893  C CB   . TRP A 1 3 ? -0.262 4.935  -0.072  1.00 0.00 ? 3 TRP A CB   7  
ATOM 894  C CG   . TRP A 1 3 ? 0.488  6.206  0.149   1.00 0.00 ? 3 TRP A CG   7  
ATOM 895  C CD1  . TRP A 1 3 ? 0.953  6.968  -0.859  1.00 0.00 ? 3 TRP A CD1  7  
ATOM 896  C CD2  . TRP A 1 3 ? 0.868  6.899  1.379   1.00 0.00 ? 3 TRP A CD2  7  
ATOM 897  N NE1  . TRP A 1 3 ? 1.559  8.095  -0.356  1.00 0.00 ? 3 TRP A NE1  7  
ATOM 898  C CE2  . TRP A 1 3 ? 1.560  8.097  1.024   1.00 0.00 ? 3 TRP A CE2  7  
ATOM 899  C CE3  . TRP A 1 3 ? 0.703  6.644  2.755   1.00 0.00 ? 3 TRP A CE3  7  
ATOM 900  C CZ2  . TRP A 1 3 ? 2.063  8.988  1.984   1.00 0.00 ? 3 TRP A CZ2  7  
ATOM 901  C CZ3  . TRP A 1 3 ? 1.209  7.525  3.730   1.00 0.00 ? 3 TRP A CZ3  7  
ATOM 902  C CH2  . TRP A 1 3 ? 1.889  8.695  3.346   1.00 0.00 ? 3 TRP A CH2  7  
ATOM 903  H H    . TRP A 1 3 ? -0.997 2.369  -0.515  1.00 0.00 ? 3 TRP A H    7  
ATOM 904  H HA   . TRP A 1 3 ? 1.569  3.852  -0.452  1.00 0.00 ? 3 TRP A HA   7  
ATOM 905  H HB2  . TRP A 1 3 ? -0.754 5.018  -1.041  1.00 0.00 ? 3 TRP A HB2  7  
ATOM 906  H HB3  . TRP A 1 3 ? -1.056 4.862  0.670   1.00 0.00 ? 3 TRP A HB3  7  
ATOM 907  H HD1  . TRP A 1 3 ? 0.836  6.714  -1.903  1.00 0.00 ? 3 TRP A HD1  7  
ATOM 908  H HE1  . TRP A 1 3 ? 1.927  8.826  -0.947  1.00 0.00 ? 3 TRP A HE1  7  
ATOM 909  H HE3  . TRP A 1 3 ? 0.184  5.751  3.063   1.00 0.00 ? 3 TRP A HE3  7  
ATOM 910  H HZ2  . TRP A 1 3 ? 2.582  9.885  1.680   1.00 0.00 ? 3 TRP A HZ2  7  
ATOM 911  H HZ3  . TRP A 1 3 ? 1.075  7.301  4.778   1.00 0.00 ? 3 TRP A HZ3  7  
ATOM 912  H HH2  . TRP A 1 3 ? 2.278  9.365  4.099   1.00 0.00 ? 3 TRP A HH2  7  
ATOM 913  N N    . TRP A 1 4 ? -0.146 2.182  1.788   1.00 0.00 ? 4 TRP A N    7  
ATOM 914  C CA   . TRP A 1 4 ? -0.239 1.535  3.098   1.00 0.00 ? 4 TRP A CA   7  
ATOM 915  C C    . TRP A 1 4 ? -0.837 0.123  2.974   1.00 0.00 ? 4 TRP A C    7  
ATOM 916  O O    . TRP A 1 4 ? -0.788 -0.644 3.935   1.00 0.00 ? 4 TRP A O    7  
ATOM 917  C CB   . TRP A 1 4 ? -1.133 2.383  4.019   1.00 0.00 ? 4 TRP A CB   7  
ATOM 918  C CG   . TRP A 1 4 ? -2.469 2.755  3.440   1.00 0.00 ? 4 TRP A CG   7  
ATOM 919  C CD1  . TRP A 1 4 ? -2.759 3.924  2.826   1.00 0.00 ? 4 TRP A CD1  7  
ATOM 920  C CD2  . TRP A 1 4 ? -3.689 1.953  3.356   1.00 0.00 ? 4 TRP A CD2  7  
ATOM 921  N NE1  . TRP A 1 4 ? -4.053 3.896  2.353   1.00 0.00 ? 4 TRP A NE1  7  
ATOM 922  C CE2  . TRP A 1 4 ? -4.672 2.696  2.635   1.00 0.00 ? 4 TRP A CE2  7  
ATOM 923  C CE3  . TRP A 1 4 ? -4.062 0.665  3.801   1.00 0.00 ? 4 TRP A CE3  7  
ATOM 924  C CZ2  . TRP A 1 4 ? -5.947 2.180  2.355   1.00 0.00 ? 4 TRP A CZ2  7  
ATOM 925  C CZ3  . TRP A 1 4 ? -5.336 0.136  3.523   1.00 0.00 ? 4 TRP A CZ3  7  
ATOM 926  C CH2  . TRP A 1 4 ? -6.276 0.888  2.797   1.00 0.00 ? 4 TRP A CH2  7  
ATOM 927  H H    . TRP A 1 4 ? -0.834 1.885  1.112   1.00 0.00 ? 4 TRP A H    7  
ATOM 928  H HA   . TRP A 1 4 ? 0.758  1.455  3.536   1.00 0.00 ? 4 TRP A HA   7  
ATOM 929  H HB2  . TRP A 1 4 ? -1.298 1.838  4.950   1.00 0.00 ? 4 TRP A HB2  7  
ATOM 930  H HB3  . TRP A 1 4 ? -0.599 3.292  4.285   1.00 0.00 ? 4 TRP A HB3  7  
ATOM 931  H HD1  . TRP A 1 4 ? -2.071 4.748  2.697   1.00 0.00 ? 4 TRP A HD1  7  
ATOM 932  H HE1  . TRP A 1 4 ? -4.472 4.673  1.860   1.00 0.00 ? 4 TRP A HE1  7  
ATOM 933  H HE3  . TRP A 1 4 ? -3.356 0.074  4.365   1.00 0.00 ? 4 TRP A HE3  7  
ATOM 934  H HZ2  . TRP A 1 4 ? -6.666 2.770  1.805   1.00 0.00 ? 4 TRP A HZ2  7  
ATOM 935  H HZ3  . TRP A 1 4 ? -5.593 -0.854 3.870   1.00 0.00 ? 4 TRP A HZ3  7  
ATOM 936  H HH2  . TRP A 1 4 ? -7.252 0.476  2.587   1.00 0.00 ? 4 TRP A HH2  7  
ATOM 937  N N    . PHE A 1 5 ? -1.394 -0.216 1.799   1.00 0.00 ? 5 PHE A N    7  
ATOM 938  C CA   . PHE A 1 5 ? -2.048 -1.491 1.500   1.00 0.00 ? 5 PHE A CA   7  
ATOM 939  C C    . PHE A 1 5 ? -1.009 -2.494 0.956   1.00 0.00 ? 5 PHE A C    7  
ATOM 940  O O    . PHE A 1 5 ? -1.323 -3.320 0.099   1.00 0.00 ? 5 PHE A O    7  
ATOM 941  C CB   . PHE A 1 5 ? -3.240 -1.222 0.553   1.00 0.00 ? 5 PHE A CB   7  
ATOM 942  C CG   . PHE A 1 5 ? -4.075 -2.429 0.162   1.00 0.00 ? 5 PHE A CG   7  
ATOM 943  C CD1  . PHE A 1 5 ? -4.768 -3.160 1.147   1.00 0.00 ? 5 PHE A CD1  7  
ATOM 944  C CD2  . PHE A 1 5 ? -4.169 -2.819 -1.189  1.00 0.00 ? 5 PHE A CD2  7  
ATOM 945  C CE1  . PHE A 1 5 ? -5.542 -4.276 0.785   1.00 0.00 ? 5 PHE A CE1  7  
ATOM 946  C CE2  . PHE A 1 5 ? -4.942 -3.937 -1.550  1.00 0.00 ? 5 PHE A CE2  7  
ATOM 947  C CZ   . PHE A 1 5 ? -5.628 -4.666 -0.563  1.00 0.00 ? 5 PHE A CZ   7  
ATOM 948  H H    . PHE A 1 5 ? -1.310 0.447  1.041   1.00 0.00 ? 5 PHE A H    7  
ATOM 949  H HA   . PHE A 1 5 ? -2.445 -1.898 2.430   1.00 0.00 ? 5 PHE A HA   7  
ATOM 950  H HB2  . PHE A 1 5 ? -3.934 -0.529 1.037   1.00 0.00 ? 5 PHE A HB2  7  
ATOM 951  H HB3  . PHE A 1 5 ? -2.865 -0.740 -0.351  1.00 0.00 ? 5 PHE A HB3  7  
ATOM 952  H HD1  . PHE A 1 5 ? -4.709 -2.864 2.185   1.00 0.00 ? 5 PHE A HD1  7  
ATOM 953  H HD2  . PHE A 1 5 ? -3.643 -2.265 -1.955  1.00 0.00 ? 5 PHE A HD2  7  
ATOM 954  H HE1  . PHE A 1 5 ? -6.071 -4.836 1.542   1.00 0.00 ? 5 PHE A HE1  7  
ATOM 955  H HE2  . PHE A 1 5 ? -5.009 -4.235 -2.587  1.00 0.00 ? 5 PHE A HE2  7  
ATOM 956  H HZ   . PHE A 1 5 ? -6.223 -5.524 -0.842  1.00 0.00 ? 5 PHE A HZ   7  
ATOM 957  N N    . ARG A 1 6 ? 0.243  -2.407 1.449   1.00 0.00 ? 6 ARG A N    7  
ATOM 958  C CA   . ARG A 1 6 ? 1.407  -3.178 1.010   1.00 0.00 ? 6 ARG A CA   7  
ATOM 959  C C    . ARG A 1 6 ? 1.668  -3.090 -0.514  1.00 0.00 ? 6 ARG A C    7  
ATOM 960  O O    . ARG A 1 6 ? 2.339  -3.962 -1.068  1.00 0.00 ? 6 ARG A O    7  
ATOM 961  C CB   . ARG A 1 6 ? 1.318  -4.639 1.514   1.00 0.00 ? 6 ARG A CB   7  
ATOM 962  C CG   . ARG A 1 6 ? 1.090  -4.849 3.026   1.00 0.00 ? 6 ARG A CG   7  
ATOM 963  C CD   . ARG A 1 6 ? -0.364 -4.627 3.475   1.00 0.00 ? 6 ARG A CD   7  
ATOM 964  N NE   . ARG A 1 6 ? -0.631 -5.222 4.792   1.00 0.00 ? 6 ARG A NE   7  
ATOM 965  C CZ   . ARG A 1 6 ? -1.852 -5.353 5.340   1.00 0.00 ? 6 ARG A CZ   7  
ATOM 966  N NH1  . ARG A 1 6 ? -2.954 -4.919 4.712   1.00 0.00 ? 6 ARG A NH1  7  
ATOM 967  N NH2  . ARG A 1 6 ? -1.972 -5.930 6.541   1.00 0.00 ? 6 ARG A NH2  7  
ATOM 968  H H    . ARG A 1 6 ? 0.406  -1.773 2.223   1.00 0.00 ? 6 ARG A H    7  
ATOM 969  H HA   . ARG A 1 6 ? 2.271  -2.723 1.496   1.00 0.00 ? 6 ARG A HA   7  
ATOM 970  H HB2  . ARG A 1 6 ? 0.536  -5.165 0.964   1.00 0.00 ? 6 ARG A HB2  7  
ATOM 971  H HB3  . ARG A 1 6 ? 2.263  -5.126 1.270   1.00 0.00 ? 6 ARG A HB3  7  
ATOM 972  H HG2  . ARG A 1 6 ? 1.354  -5.883 3.251   1.00 0.00 ? 6 ARG A HG2  7  
ATOM 973  H HG3  . ARG A 1 6 ? 1.754  -4.199 3.595   1.00 0.00 ? 6 ARG A HG3  7  
ATOM 974  H HD2  . ARG A 1 6 ? -0.571 -3.561 3.540   1.00 0.00 ? 6 ARG A HD2  7  
ATOM 975  H HD3  . ARG A 1 6 ? -1.035 -5.079 2.744   1.00 0.00 ? 6 ARG A HD3  7  
ATOM 976  H HE   . ARG A 1 6 ? 0.167  -5.561 5.311   1.00 0.00 ? 6 ARG A HE   7  
ATOM 977  H HH11 . ARG A 1 6 ? -2.878 -4.483 3.805   1.00 0.00 ? 6 ARG A HH11 7  
ATOM 978  H HH12 . ARG A 1 6 ? -3.859 -5.034 5.144   1.00 0.00 ? 6 ARG A HH12 7  
ATOM 979  H HH21 . ARG A 1 6 ? -1.152 -6.264 7.025   1.00 0.00 ? 6 ARG A HH21 7  
ATOM 980  H HH22 . ARG A 1 6 ? -2.884 -6.038 6.960   1.00 0.00 ? 6 ARG A HH22 7  
ATOM 981  N N    . ARG A 1 1 ? 1.150  -2.155 -1.384  1.00 0.00 ? 1 ARG A N    8  
ATOM 982  C CA   . ARG A 1 1 ? 0.957  -2.097 -2.826  1.00 0.00 ? 1 ARG A CA   8  
ATOM 983  C C    . ARG A 1 1 ? 0.723  -0.633 -3.221  1.00 0.00 ? 1 ARG A C    8  
ATOM 984  O O    . ARG A 1 1 ? 1.532  -0.067 -3.953  1.00 0.00 ? 1 ARG A O    8  
ATOM 985  C CB   . ARG A 1 1 ? -0.251 -2.980 -3.208  1.00 0.00 ? 1 ARG A CB   8  
ATOM 986  C CG   . ARG A 1 1 ? -0.541 -3.018 -4.712  1.00 0.00 ? 1 ARG A CG   8  
ATOM 987  C CD   . ARG A 1 1 ? 0.573  -3.719 -5.500  1.00 0.00 ? 1 ARG A CD   8  
ATOM 988  N NE   . ARG A 1 1 ? 0.223  -3.873 -6.922  1.00 0.00 ? 1 ARG A NE   8  
ATOM 989  C CZ   . ARG A 1 1 ? -0.480 -4.887 -7.458  1.00 0.00 ? 1 ARG A CZ   8  
ATOM 990  N NH1  . ARG A 1 1 ? -0.963 -5.889 -6.711  1.00 0.00 ? 1 ARG A NH1  8  
ATOM 991  N NH2  . ARG A 1 1 ? -0.704 -4.898 -8.776  1.00 0.00 ? 1 ARG A NH2  8  
ATOM 992  H H1   . ARG A 1 1 ? 0.986  -1.289 -0.892  1.00 0.00 ? 1 ARG A H1   8  
ATOM 993  H HA   . ARG A 1 1 ? 1.857  -2.466 -3.321  1.00 0.00 ? 1 ARG A HA   8  
ATOM 994  H HB2  . ARG A 1 1 ? -0.082 -4.004 -2.873  1.00 0.00 ? 1 ARG A HB2  8  
ATOM 995  H HB3  . ARG A 1 1 ? -1.144 -2.617 -2.695  1.00 0.00 ? 1 ARG A HB3  8  
ATOM 996  H HG2  . ARG A 1 1 ? -1.474 -3.561 -4.852  1.00 0.00 ? 1 ARG A HG2  8  
ATOM 997  H HG3  . ARG A 1 1 ? -0.672 -2.002 -5.083  1.00 0.00 ? 1 ARG A HG3  8  
ATOM 998  H HD2  . ARG A 1 1 ? 1.488  -3.131 -5.434  1.00 0.00 ? 1 ARG A HD2  8  
ATOM 999  H HD3  . ARG A 1 1 ? 0.765  -4.701 -5.064  1.00 0.00 ? 1 ARG A HD3  8  
ATOM 1000 H HE   . ARG A 1 1 ? 0.557  -3.151 -7.543  1.00 0.00 ? 1 ARG A HE   8  
ATOM 1001 H HH11 . ARG A 1 1 ? -0.800 -5.897 -5.713  1.00 0.00 ? 1 ARG A HH11 8  
ATOM 1002 H HH12 . ARG A 1 1 ? -1.484 -6.637 -7.144  1.00 0.00 ? 1 ARG A HH12 8  
ATOM 1003 H HH21 . ARG A 1 1 ? -0.345 -4.154 -9.357  1.00 0.00 ? 1 ARG A HH21 8  
ATOM 1004 H HH22 . ARG A 1 1 ? -1.227 -5.654 -9.193  1.00 0.00 ? 1 ARG A HH22 8  
ATOM 1005 N N    . ARG A 1 2 ? -0.366 -0.031 -2.707  1.00 0.00 ? 2 ARG A N    8  
ATOM 1006 C CA   . ARG A 1 2 ? -0.694 1.388  -2.833  1.00 0.00 ? 2 ARG A CA   8  
ATOM 1007 C C    . ARG A 1 2 ? 0.319  2.256  -2.056  1.00 0.00 ? 2 ARG A C    8  
ATOM 1008 O O    . ARG A 1 2 ? 1.379  2.578  -2.590  1.00 0.00 ? 2 ARG A O    8  
ATOM 1009 C CB   . ARG A 1 2 ? -2.159 1.589  -2.390  1.00 0.00 ? 2 ARG A CB   8  
ATOM 1010 C CG   . ARG A 1 2 ? -2.692 3.008  -2.658  1.00 0.00 ? 2 ARG A CG   8  
ATOM 1011 C CD   . ARG A 1 2 ? -4.071 3.234  -2.020  1.00 0.00 ? 2 ARG A CD   8  
ATOM 1012 N NE   . ARG A 1 2 ? -5.091 2.304  -2.538  1.00 0.00 ? 2 ARG A NE   8  
ATOM 1013 C CZ   . ARG A 1 2 ? -5.642 1.271  -1.873  1.00 0.00 ? 2 ARG A CZ   8  
ATOM 1014 N NH1  . ARG A 1 2 ? -5.325 0.991  -0.604  1.00 0.00 ? 2 ARG A NH1  8  
ATOM 1015 N NH2  . ARG A 1 2 ? -6.534 0.495  -2.498  1.00 0.00 ? 2 ARG A NH2  8  
ATOM 1016 H H    . ARG A 1 2 ? -1.050 -0.613 -2.242  1.00 0.00 ? 2 ARG A H    8  
ATOM 1017 H HA   . ARG A 1 2 ? -0.627 1.660  -3.885  1.00 0.00 ? 2 ARG A HA   8  
ATOM 1018 H HB2  . ARG A 1 2 ? -2.781 0.879  -2.937  1.00 0.00 ? 2 ARG A HB2  8  
ATOM 1019 H HB3  . ARG A 1 2 ? -2.255 1.362  -1.328  1.00 0.00 ? 2 ARG A HB3  8  
ATOM 1020 H HG2  . ARG A 1 2 ? -2.010 3.749  -2.241  1.00 0.00 ? 2 ARG A HG2  8  
ATOM 1021 H HG3  . ARG A 1 2 ? -2.751 3.179  -3.733  1.00 0.00 ? 2 ARG A HG3  8  
ATOM 1022 H HD2  . ARG A 1 2 ? -3.979 3.141  -0.937  1.00 0.00 ? 2 ARG A HD2  8  
ATOM 1023 H HD3  . ARG A 1 2 ? -4.389 4.252  -2.241  1.00 0.00 ? 2 ARG A HD3  8  
ATOM 1024 H HE   . ARG A 1 2 ? -5.387 2.458  -3.491  1.00 0.00 ? 2 ARG A HE   8  
ATOM 1025 H HH11 . ARG A 1 2 ? -4.667 1.573  -0.106  1.00 0.00 ? 2 ARG A HH11 8  
ATOM 1026 H HH12 . ARG A 1 2 ? -5.762 0.211  -0.134  1.00 0.00 ? 2 ARG A HH12 8  
ATOM 1027 H HH21 . ARG A 1 2 ? -6.792 0.688  -3.455  1.00 0.00 ? 2 ARG A HH21 8  
ATOM 1028 H HH22 . ARG A 1 2 ? -6.957 -0.282 -2.008  1.00 0.00 ? 2 ARG A HH22 8  
ATOM 1029 N N    . TRP A 1 3 ? -0.008 2.637  -0.812  1.00 0.00 ? 3 TRP A N    8  
ATOM 1030 C CA   . TRP A 1 3 ? 0.716  3.590  0.016   1.00 0.00 ? 3 TRP A CA   8  
ATOM 1031 C C    . TRP A 1 3 ? 0.643  3.202  1.507   1.00 0.00 ? 3 TRP A C    8  
ATOM 1032 O O    . TRP A 1 3 ? 1.446  3.678  2.308   1.00 0.00 ? 3 TRP A O    8  
ATOM 1033 C CB   . TRP A 1 3 ? 0.049  4.950  -0.227  1.00 0.00 ? 3 TRP A CB   8  
ATOM 1034 C CG   . TRP A 1 3 ? 0.902  6.149  -0.001  1.00 0.00 ? 3 TRP A CG   8  
ATOM 1035 C CD1  . TRP A 1 3 ? 1.605  6.751  -0.977  1.00 0.00 ? 3 TRP A CD1  8  
ATOM 1036 C CD2  . TRP A 1 3 ? 1.145  6.929  1.207   1.00 0.00 ? 3 TRP A CD2  8  
ATOM 1037 N NE1  . TRP A 1 3 ? 2.237  7.870  -0.480  1.00 0.00 ? 3 TRP A NE1  8  
ATOM 1038 C CE2  . TRP A 1 3 ? 1.999  8.023  0.871   1.00 0.00 ? 3 TRP A CE2  8  
ATOM 1039 C CE3  . TRP A 1 3 ? 0.727  6.825  2.549   1.00 0.00 ? 3 TRP A CE3  8  
ATOM 1040 C CZ2  . TRP A 1 3 ? 2.411  8.968  1.825   1.00 0.00 ? 3 TRP A CZ2  8  
ATOM 1041 C CZ3  . TRP A 1 3 ? 1.137  7.763  3.514   1.00 0.00 ? 3 TRP A CZ3  8  
ATOM 1042 C CH2  . TRP A 1 3 ? 1.976  8.833  3.153   1.00 0.00 ? 3 TRP A CH2  8  
ATOM 1043 H H    . TRP A 1 3 ? -0.946 2.464  -0.501  1.00 0.00 ? 3 TRP A H    8  
ATOM 1044 H HA   . TRP A 1 3 ? 1.761  3.640  -0.290  1.00 0.00 ? 3 TRP A HA   8  
ATOM 1045 H HB2  . TRP A 1 3 ? -0.289 5.002  -1.263  1.00 0.00 ? 3 TRP A HB2  8  
ATOM 1046 H HB3  . TRP A 1 3 ? -0.844 5.030  0.389   1.00 0.00 ? 3 TRP A HB3  8  
ATOM 1047 H HD1  . TRP A 1 3 ? 1.625  6.402  -2.000  1.00 0.00 ? 3 TRP A HD1  8  
ATOM 1048 H HE1  . TRP A 1 3 ? 2.768  8.500  -1.063  1.00 0.00 ? 3 TRP A HE1  8  
ATOM 1049 H HE3  . TRP A 1 3 ? 0.089  6.005  2.832   1.00 0.00 ? 3 TRP A HE3  8  
ATOM 1050 H HZ2  . TRP A 1 3 ? 3.055  9.787  1.540   1.00 0.00 ? 3 TRP A HZ2  8  
ATOM 1051 H HZ3  . TRP A 1 3 ? 0.806  7.661  4.537   1.00 0.00 ? 3 TRP A HZ3  8  
ATOM 1052 H HH2  . TRP A 1 3 ? 2.286  9.552  3.900   1.00 0.00 ? 3 TRP A HH2  8  
ATOM 1053 N N    . TRP A 1 4 ? -0.309 2.324  1.860   1.00 0.00 ? 4 TRP A N    8  
ATOM 1054 C CA   . TRP A 1 4 ? -0.605 1.819  3.202   1.00 0.00 ? 4 TRP A CA   8  
ATOM 1055 C C    . TRP A 1 4 ? -1.204 0.399  3.136   1.00 0.00 ? 4 TRP A C    8  
ATOM 1056 O O    . TRP A 1 4 ? -1.654 -0.129 4.154   1.00 0.00 ? 4 TRP A O    8  
ATOM 1057 C CB   . TRP A 1 4 ? -1.564 2.803  3.902   1.00 0.00 ? 4 TRP A CB   8  
ATOM 1058 C CG   . TRP A 1 4 ? -2.779 3.223  3.120   1.00 0.00 ? 4 TRP A CG   8  
ATOM 1059 C CD1  . TRP A 1 4 ? -2.872 4.338  2.354   1.00 0.00 ? 4 TRP A CD1  8  
ATOM 1060 C CD2  . TRP A 1 4 ? -4.081 2.566  3.009   1.00 0.00 ? 4 TRP A CD2  8  
ATOM 1061 N NE1  . TRP A 1 4 ? -4.116 4.404  1.768   1.00 0.00 ? 4 TRP A NE1  8  
ATOM 1062 C CE2  . TRP A 1 4 ? -4.910 3.340  2.139   1.00 0.00 ? 4 TRP A CE2  8  
ATOM 1063 C CE3  . TRP A 1 4 ? -4.658 1.404  3.568   1.00 0.00 ? 4 TRP A CE3  8  
ATOM 1064 C CZ2  . TRP A 1 4 ? -6.230 2.975  1.834   1.00 0.00 ? 4 TRP A CZ2  8  
ATOM 1065 C CZ3  . TRP A 1 4 ? -5.978 1.022  3.261   1.00 0.00 ? 4 TRP A CZ3  8  
ATOM 1066 C CH2  . TRP A 1 4 ? -6.765 1.805  2.396   1.00 0.00 ? 4 TRP A CH2  8  
ATOM 1067 H H    . TRP A 1 4 ? -0.919 1.986  1.130   1.00 0.00 ? 4 TRP A H    8  
ATOM 1068 H HA   . TRP A 1 4 ? 0.323  1.757  3.773   1.00 0.00 ? 4 TRP A HA   8  
ATOM 1069 H HB2  . TRP A 1 4 ? -1.896 2.370  4.847   1.00 0.00 ? 4 TRP A HB2  8  
ATOM 1070 H HB3  . TRP A 1 4 ? -1.000 3.697  4.160   1.00 0.00 ? 4 TRP A HB3  8  
ATOM 1071 H HD1  . TRP A 1 4 ? -2.089 5.074  2.216   1.00 0.00 ? 4 TRP A HD1  8  
ATOM 1072 H HE1  . TRP A 1 4 ? -4.394 5.163  1.162   1.00 0.00 ? 4 TRP A HE1  8  
ATOM 1073 H HE3  . TRP A 1 4 ? -4.082 0.802  4.254   1.00 0.00 ? 4 TRP A HE3  8  
ATOM 1074 H HZ2  . TRP A 1 4 ? -6.829 3.586  1.175   1.00 0.00 ? 4 TRP A HZ2  8  
ATOM 1075 H HZ3  . TRP A 1 4 ? -6.394 0.127  3.702   1.00 0.00 ? 4 TRP A HZ3  8  
ATOM 1076 H HH2  . TRP A 1 4 ? -7.780 1.509  2.173   1.00 0.00 ? 4 TRP A HH2  8  
ATOM 1077 N N    . PHE A 1 5 ? -1.203 -0.218 1.943   1.00 0.00 ? 5 PHE A N    8  
ATOM 1078 C CA   . PHE A 1 5 ? -1.888 -1.463 1.615   1.00 0.00 ? 5 PHE A CA   8  
ATOM 1079 C C    . PHE A 1 5 ? -0.901 -2.460 0.968   1.00 0.00 ? 5 PHE A C    8  
ATOM 1080 O O    . PHE A 1 5 ? -1.306 -3.290 0.154   1.00 0.00 ? 5 PHE A O    8  
ATOM 1081 C CB   . PHE A 1 5 ? -3.102 -1.101 0.732   1.00 0.00 ? 5 PHE A CB   8  
ATOM 1082 C CG   . PHE A 1 5 ? -4.023 -2.244 0.347   1.00 0.00 ? 5 PHE A CG   8  
ATOM 1083 C CD1  . PHE A 1 5 ? -4.652 -3.018 1.341   1.00 0.00 ? 5 PHE A CD1  8  
ATOM 1084 C CD2  . PHE A 1 5 ? -4.256 -2.532 -1.013  1.00 0.00 ? 5 PHE A CD2  8  
ATOM 1085 C CE1  . PHE A 1 5 ? -5.492 -4.085 0.977   1.00 0.00 ? 5 PHE A CE1  8  
ATOM 1086 C CE2  . PHE A 1 5 ? -5.098 -3.598 -1.375  1.00 0.00 ? 5 PHE A CE2  8  
ATOM 1087 C CZ   . PHE A 1 5 ? -5.715 -4.376 -0.380  1.00 0.00 ? 5 PHE A CZ   8  
ATOM 1088 H H    . PHE A 1 5 ? -0.773 0.263  1.168   1.00 0.00 ? 5 PHE A H    8  
ATOM 1089 H HA   . PHE A 1 5 ? -2.254 -1.920 2.535   1.00 0.00 ? 5 PHE A HA   8  
ATOM 1090 H HB2  . PHE A 1 5 ? -3.714 -0.366 1.259   1.00 0.00 ? 5 PHE A HB2  8  
ATOM 1091 H HB3  . PHE A 1 5 ? -2.735 -0.625 -0.176  1.00 0.00 ? 5 PHE A HB3  8  
ATOM 1092 H HD1  . PHE A 1 5 ? -4.489 -2.797 2.386   1.00 0.00 ? 5 PHE A HD1  8  
ATOM 1093 H HD2  . PHE A 1 5 ? -3.785 -1.937 -1.784  1.00 0.00 ? 5 PHE A HD2  8  
ATOM 1094 H HE1  . PHE A 1 5 ? -5.967 -4.684 1.741   1.00 0.00 ? 5 PHE A HE1  8  
ATOM 1095 H HE2  . PHE A 1 5 ? -5.269 -3.820 -2.418  1.00 0.00 ? 5 PHE A HE2  8  
ATOM 1096 H HZ   . PHE A 1 5 ? -6.359 -5.196 -0.659  1.00 0.00 ? 5 PHE A HZ   8  
ATOM 1097 N N    . ARG A 1 6 ? 0.395  -2.377 1.335   1.00 0.00 ? 6 ARG A N    8  
ATOM 1098 C CA   . ARG A 1 6 ? 1.486  -3.219 0.836   1.00 0.00 ? 6 ARG A CA   8  
ATOM 1099 C C    . ARG A 1 6 ? 1.575  -3.241 -0.707  1.00 0.00 ? 6 ARG A C    8  
ATOM 1100 O O    . ARG A 1 6 ? 1.973  -4.254 -1.282  1.00 0.00 ? 6 ARG A O    8  
ATOM 1101 C CB   . ARG A 1 6 ? 1.400  -4.638 1.454   1.00 0.00 ? 6 ARG A CB   8  
ATOM 1102 C CG   . ARG A 1 6 ? 1.414  -4.734 2.993   1.00 0.00 ? 6 ARG A CG   8  
ATOM 1103 C CD   . ARG A 1 6 ? 0.069  -4.422 3.668   1.00 0.00 ? 6 ARG A CD   8  
ATOM 1104 N NE   . ARG A 1 6 ? 0.088  -4.777 5.094   1.00 0.00 ? 6 ARG A NE   8  
ATOM 1105 C CZ   . ARG A 1 6 ? -0.868 -4.460 5.984   1.00 0.00 ? 6 ARG A CZ   8  
ATOM 1106 N NH1  . ARG A 1 6 ? -1.960 -3.767 5.627   1.00 0.00 ? 6 ARG A NH1  8  
ATOM 1107 N NH2  . ARG A 1 6 ? -0.732 -4.847 7.258   1.00 0.00 ? 6 ARG A NH2  8  
ATOM 1108 H H    . ARG A 1 6 ? 0.652  -1.719 2.061   1.00 0.00 ? 6 ARG A H    8  
ATOM 1109 H HA   . ARG A 1 6 ? 2.412  -2.768 1.195   1.00 0.00 ? 6 ARG A HA   8  
ATOM 1110 H HB2  . ARG A 1 6 ? 0.514  -5.149 1.074   1.00 0.00 ? 6 ARG A HB2  8  
ATOM 1111 H HB3  . ARG A 1 6 ? 2.268  -5.198 1.104   1.00 0.00 ? 6 ARG A HB3  8  
ATOM 1112 H HG2  . ARG A 1 6 ? 1.680  -5.760 3.251   1.00 0.00 ? 6 ARG A HG2  8  
ATOM 1113 H HG3  . ARG A 1 6 ? 2.185  -4.075 3.393   1.00 0.00 ? 6 ARG A HG3  8  
ATOM 1114 H HD2  . ARG A 1 6 ? -0.150 -3.360 3.583   1.00 0.00 ? 6 ARG A HD2  8  
ATOM 1115 H HD3  . ARG A 1 6 ? -0.722 -4.990 3.175   1.00 0.00 ? 6 ARG A HD3  8  
ATOM 1116 H HE   . ARG A 1 6 ? 0.885  -5.305 5.418   1.00 0.00 ? 6 ARG A HE   8  
ATOM 1117 H HH11 . ARG A 1 6 ? -2.076 -3.470 4.671   1.00 0.00 ? 6 ARG A HH11 8  
ATOM 1118 H HH12 . ARG A 1 6 ? -2.662 -3.542 6.317   1.00 0.00 ? 6 ARG A HH12 8  
ATOM 1119 H HH21 . ARG A 1 6 ? 0.083  -5.371 7.542   1.00 0.00 ? 6 ARG A HH21 8  
ATOM 1120 H HH22 . ARG A 1 6 ? -1.442 -4.614 7.935   1.00 0.00 ? 6 ARG A HH22 8  
ATOM 1121 N N    . ARG A 1 1 ? 1.057  -2.108 -1.193  1.00 0.00 ? 1 ARG A N    9  
ATOM 1122 C CA   . ARG A 1 1 ? 1.302  -1.804 -2.602  1.00 0.00 ? 1 ARG A CA   9  
ATOM 1123 C C    . ARG A 1 1 ? 0.946  -0.340 -2.891  1.00 0.00 ? 1 ARG A C    9  
ATOM 1124 O O    . ARG A 1 1 ? 1.837  0.421  -3.261  1.00 0.00 ? 1 ARG A O    9  
ATOM 1125 C CB   . ARG A 1 1 ? 0.492  -2.775 -3.489  1.00 0.00 ? 1 ARG A CB   9  
ATOM 1126 C CG   . ARG A 1 1 ? 0.705  -2.550 -4.994  1.00 0.00 ? 1 ARG A CG   9  
ATOM 1127 C CD   . ARG A 1 1 ? 2.132  -2.888 -5.453  1.00 0.00 ? 1 ARG A CD   9  
ATOM 1128 N NE   . ARG A 1 1 ? 2.367  -2.480 -6.847  1.00 0.00 ? 1 ARG A NE   9  
ATOM 1129 C CZ   . ARG A 1 1 ? 2.214  -3.242 -7.944  1.00 0.00 ? 1 ARG A CZ   9  
ATOM 1130 N NH1  . ARG A 1 1 ? 1.784  -4.509 -7.877  1.00 0.00 ? 1 ARG A NH1  9  
ATOM 1131 N NH2  . ARG A 1 1 ? 2.504  -2.717 -9.140  1.00 0.00 ? 1 ARG A NH2  9  
ATOM 1132 H H1   . ARG A 1 1 ? 0.440  -1.480 -0.696  1.00 0.00 ? 1 ARG A H1   9  
ATOM 1133 H HA   . ARG A 1 1 ? 2.365  -1.942 -2.808  1.00 0.00 ? 1 ARG A HA   9  
ATOM 1134 H HB2  . ARG A 1 1 ? 0.769  -3.803 -3.252  1.00 0.00 ? 1 ARG A HB2  9  
ATOM 1135 H HB3  . ARG A 1 1 ? -0.570 -2.659 -3.269  1.00 0.00 ? 1 ARG A HB3  9  
ATOM 1136 H HG2  . ARG A 1 1 ? 0.004  -3.185 -5.535  1.00 0.00 ? 1 ARG A HG2  9  
ATOM 1137 H HG3  . ARG A 1 1 ? 0.480  -1.512 -5.237  1.00 0.00 ? 1 ARG A HG3  9  
ATOM 1138 H HD2  . ARG A 1 1 ? 2.851  -2.356 -4.832  1.00 0.00 ? 1 ARG A HD2  9  
ATOM 1139 H HD3  . ARG A 1 1 ? 2.308  -3.959 -5.336  1.00 0.00 ? 1 ARG A HD3  9  
ATOM 1140 H HE   . ARG A 1 1 ? 2.694  -1.533 -6.980  1.00 0.00 ? 1 ARG A HE   9  
ATOM 1141 H HH11 . ARG A 1 1 ? 1.564  -4.921 -6.982  1.00 0.00 ? 1 ARG A HH11 9  
ATOM 1142 H HH12 . ARG A 1 1 ? 1.686  -5.053 -8.722  1.00 0.00 ? 1 ARG A HH12 9  
ATOM 1143 H HH21 . ARG A 1 1 ? 2.835  -1.766 -9.207  1.00 0.00 ? 1 ARG A HH21 9  
ATOM 1144 H HH22 . ARG A 1 1 ? 2.401  -3.275 -9.976  1.00 0.00 ? 1 ARG A HH22 9  
ATOM 1145 N N    . ARG A 1 2 ? -0.332 0.039  -2.708  1.00 0.00 ? 2 ARG A N    9  
ATOM 1146 C CA   . ARG A 1 2 ? -0.875 1.386  -2.889  1.00 0.00 ? 2 ARG A CA   9  
ATOM 1147 C C    . ARG A 1 2 ? -0.008 2.481  -2.242  1.00 0.00 ? 2 ARG A C    9  
ATOM 1148 O O    . ARG A 1 2 ? 0.727  3.175  -2.942  1.00 0.00 ? 2 ARG A O    9  
ATOM 1149 C CB   . ARG A 1 2 ? -2.324 1.386  -2.361  1.00 0.00 ? 2 ARG A CB   9  
ATOM 1150 C CG   . ARG A 1 2 ? -3.082 2.695  -2.642  1.00 0.00 ? 2 ARG A CG   9  
ATOM 1151 C CD   . ARG A 1 2 ? -4.459 2.698  -1.964  1.00 0.00 ? 2 ARG A CD   9  
ATOM 1152 N NE   . ARG A 1 2 ? -5.324 1.613  -2.461  1.00 0.00 ? 2 ARG A NE   9  
ATOM 1153 C CZ   . ARG A 1 2 ? -5.991 0.712  -1.715  1.00 0.00 ? 2 ARG A CZ   9  
ATOM 1154 N NH1  . ARG A 1 2 ? -5.969 0.739  -0.375  1.00 0.00 ? 2 ARG A NH1  9  
ATOM 1155 N NH2  . ARG A 1 2 ? -6.698 -0.242 -2.328  1.00 0.00 ? 2 ARG A NH2  9  
ATOM 1156 H H    . ARG A 1 2 ? -1.021 -0.693 -2.571  1.00 0.00 ? 2 ARG A H    9  
ATOM 1157 H HA   . ARG A 1 2 ? -0.913 1.588  -3.956  1.00 0.00 ? 2 ARG A HA   9  
ATOM 1158 H HB2  . ARG A 1 2 ? -2.863 0.563  -2.834  1.00 0.00 ? 2 ARG A HB2  9  
ATOM 1159 H HB3  . ARG A 1 2 ? -2.319 1.206  -1.285  1.00 0.00 ? 2 ARG A HB3  9  
ATOM 1160 H HG2  . ARG A 1 2 ? -2.515 3.541  -2.255  1.00 0.00 ? 2 ARG A HG2  9  
ATOM 1161 H HG3  . ARG A 1 2 ? -3.201 2.825  -3.718  1.00 0.00 ? 2 ARG A HG3  9  
ATOM 1162 H HD2  . ARG A 1 2 ? -4.317 2.615  -0.887  1.00 0.00 ? 2 ARG A HD2  9  
ATOM 1163 H HD3  . ARG A 1 2 ? -4.948 3.652  -2.170  1.00 0.00 ? 2 ARG A HD3  9  
ATOM 1164 H HE   . ARG A 1 2 ? -5.399 1.532  -3.464  1.00 0.00 ? 2 ARG A HE   9  
ATOM 1165 H HH11 . ARG A 1 2 ? -5.446 1.454  0.108   1.00 0.00 ? 2 ARG A HH11 9  
ATOM 1166 H HH12 . ARG A 1 2 ? -6.483 0.047  0.152   1.00 0.00 ? 2 ARG A HH12 9  
ATOM 1167 H HH21 . ARG A 1 2 ? -6.731 -0.277 -3.337  1.00 0.00 ? 2 ARG A HH21 9  
ATOM 1168 H HH22 . ARG A 1 2 ? -7.206 -0.924 -1.783  1.00 0.00 ? 2 ARG A HH22 9  
ATOM 1169 N N    . TRP A 1 3 ? -0.111 2.628  -0.915  1.00 0.00 ? 3 TRP A N    9  
ATOM 1170 C CA   . TRP A 1 3 ? 0.531  3.656  -0.110  1.00 0.00 ? 3 TRP A CA   9  
ATOM 1171 C C    . TRP A 1 3 ? 0.710  3.173  1.342   1.00 0.00 ? 3 TRP A C    9  
ATOM 1172 O O    . TRP A 1 3 ? 1.576  3.672  2.057   1.00 0.00 ? 3 TRP A O    9  
ATOM 1173 C CB   . TRP A 1 3 ? -0.390 4.882  -0.148  1.00 0.00 ? 3 TRP A CB   9  
ATOM 1174 C CG   . TRP A 1 3 ? 0.295  6.193  0.014   1.00 0.00 ? 3 TRP A CG   9  
ATOM 1175 C CD1  . TRP A 1 3 ? 0.767  6.904  -1.024  1.00 0.00 ? 3 TRP A CD1  9  
ATOM 1176 C CD2  . TRP A 1 3 ? 0.591  6.975  1.207   1.00 0.00 ? 3 TRP A CD2  9  
ATOM 1177 N NE1  . TRP A 1 3 ? 1.287  8.099  -0.577  1.00 0.00 ? 3 TRP A NE1  9  
ATOM 1178 C CE2  . TRP A 1 3 ? 1.207  8.197  0.799   1.00 0.00 ? 3 TRP A CE2  9  
ATOM 1179 C CE3  . TRP A 1 3 ? 0.406  6.778  2.590   1.00 0.00 ? 3 TRP A CE3  9  
ATOM 1180 C CZ2  . TRP A 1 3 ? 1.592  9.185  1.719   1.00 0.00 ? 3 TRP A CZ2  9  
ATOM 1181 C CZ3  . TRP A 1 3 ? 0.792  7.759  3.523   1.00 0.00 ? 3 TRP A CZ3  9  
ATOM 1182 C CH2  . TRP A 1 3 ? 1.378  8.962  3.090   1.00 0.00 ? 3 TRP A CH2  9  
ATOM 1183 H H    . TRP A 1 3 ? -0.839 2.128  -0.450  1.00 0.00 ? 3 TRP A H    9  
ATOM 1184 H HA   . TRP A 1 3 ? 1.503  3.913  -0.532  1.00 0.00 ? 3 TRP A HA   9  
ATOM 1185 H HB2  . TRP A 1 3 ? -0.909 4.917  -1.108  1.00 0.00 ? 3 TRP A HB2  9  
ATOM 1186 H HB3  . TRP A 1 3 ? -1.161 4.784  0.614   1.00 0.00 ? 3 TRP A HB3  9  
ATOM 1187 H HD1  . TRP A 1 3 ? 0.706  6.564  -2.048  1.00 0.00 ? 3 TRP A HD1  9  
ATOM 1188 H HE1  . TRP A 1 3 ? 1.649  8.807  -1.199  1.00 0.00 ? 3 TRP A HE1  9  
ATOM 1189 H HE3  . TRP A 1 3 ? -0.031 5.855  2.929   1.00 0.00 ? 3 TRP A HE3  9  
ATOM 1190 H HZ2  . TRP A 1 3 ? 2.049  10.103 1.379   1.00 0.00 ? 3 TRP A HZ2  9  
ATOM 1191 H HZ3  . TRP A 1 3 ? 0.637  7.585  4.578   1.00 0.00 ? 3 TRP A HZ3  9  
ATOM 1192 H HH2  . TRP A 1 3 ? 1.669  9.712  3.812   1.00 0.00 ? 3 TRP A HH2  9  
ATOM 1193 N N    . TRP A 1 4 ? -0.110 2.191  1.753   1.00 0.00 ? 4 TRP A N    9  
ATOM 1194 C CA   . TRP A 1 4 ? -0.151 1.553  3.069   1.00 0.00 ? 4 TRP A CA   9  
ATOM 1195 C C    . TRP A 1 4 ? -0.760 0.140  2.983   1.00 0.00 ? 4 TRP A C    9  
ATOM 1196 O O    . TRP A 1 4 ? -0.712 -0.602 3.965   1.00 0.00 ? 4 TRP A O    9  
ATOM 1197 C CB   . TRP A 1 4 ? -0.997 2.414  4.024   1.00 0.00 ? 4 TRP A CB   9  
ATOM 1198 C CG   . TRP A 1 4 ? -2.372 2.764  3.526   1.00 0.00 ? 4 TRP A CG   9  
ATOM 1199 C CD1  . TRP A 1 4 ? -2.710 3.915  2.903   1.00 0.00 ? 4 TRP A CD1  9  
ATOM 1200 C CD2  . TRP A 1 4 ? -3.598 1.967  3.565   1.00 0.00 ? 4 TRP A CD2  9  
ATOM 1201 N NE1  . TRP A 1 4 ? -4.036 3.879  2.530   1.00 0.00 ? 4 TRP A NE1  9  
ATOM 1202 C CE2  . TRP A 1 4 ? -4.634 2.693  2.902   1.00 0.00 ? 4 TRP A CE2  9  
ATOM 1203 C CE3  . TRP A 1 4 ? -3.942 0.702  4.092   1.00 0.00 ? 4 TRP A CE3  9  
ATOM 1204 C CZ2  . TRP A 1 4 ? -5.932 2.182  2.749   1.00 0.00 ? 4 TRP A CZ2  9  
ATOM 1205 C CZ3  . TRP A 1 4 ? -5.242 0.183  3.950   1.00 0.00 ? 4 TRP A CZ3  9  
ATOM 1206 C CH2  . TRP A 1 4 ? -6.234 0.915  3.275   1.00 0.00 ? 4 TRP A CH2  9  
ATOM 1207 H H    . TRP A 1 4 ? -0.793 1.855  1.091   1.00 0.00 ? 4 TRP A H    9  
ATOM 1208 H HA   . TRP A 1 4 ? 0.863  1.475  3.461   1.00 0.00 ? 4 TRP A HA   9  
ATOM 1209 H HB2  . TRP A 1 4 ? -1.098 1.889  4.976   1.00 0.00 ? 4 TRP A HB2  9  
ATOM 1210 H HB3  . TRP A 1 4 ? -0.456 3.333  4.235   1.00 0.00 ? 4 TRP A HB3  9  
ATOM 1211 H HD1  . TRP A 1 4 ? -2.037 4.735  2.707   1.00 0.00 ? 4 TRP A HD1  9  
ATOM 1212 H HE1  . TRP A 1 4 ? -4.490 4.644  2.050   1.00 0.00 ? 4 TRP A HE1  9  
ATOM 1213 H HE3  . TRP A 1 4 ? -3.196 0.128  4.619   1.00 0.00 ? 4 TRP A HE3  9  
ATOM 1214 H HZ2  . TRP A 1 4 ? -6.691 2.758  2.241   1.00 0.00 ? 4 TRP A HZ2  9  
ATOM 1215 H HZ3  . TRP A 1 4 ? -5.480 -0.786 4.366   1.00 0.00 ? 4 TRP A HZ3  9  
ATOM 1216 H HH2  . TRP A 1 4 ? -7.229 0.508  3.170   1.00 0.00 ? 4 TRP A HH2  9  
ATOM 1217 N N    . PHE A 1 5 ? -1.327 -0.229 1.821   1.00 0.00 ? 5 PHE A N    9  
ATOM 1218 C CA   . PHE A 1 5 ? -2.046 -1.484 1.584   1.00 0.00 ? 5 PHE A CA   9  
ATOM 1219 C C    . PHE A 1 5 ? -1.083 -2.518 0.969   1.00 0.00 ? 5 PHE A C    9  
ATOM 1220 O O    . PHE A 1 5 ? -1.448 -3.255 0.054   1.00 0.00 ? 5 PHE A O    9  
ATOM 1221 C CB   . PHE A 1 5 ? -3.306 -1.190 0.739   1.00 0.00 ? 5 PHE A CB   9  
ATOM 1222 C CG   . PHE A 1 5 ? -4.256 -2.354 0.519   1.00 0.00 ? 5 PHE A CG   9  
ATOM 1223 C CD1  . PHE A 1 5 ? -5.052 -2.822 1.584   1.00 0.00 ? 5 PHE A CD1  9  
ATOM 1224 C CD2  . PHE A 1 5 ? -4.383 -2.944 -0.755  1.00 0.00 ? 5 PHE A CD2  9  
ATOM 1225 C CE1  . PHE A 1 5 ? -5.962 -3.872 1.377   1.00 0.00 ? 5 PHE A CE1  9  
ATOM 1226 C CE2  . PHE A 1 5 ? -5.289 -4.001 -0.958  1.00 0.00 ? 5 PHE A CE2  9  
ATOM 1227 C CZ   . PHE A 1 5 ? -6.079 -4.464 0.107   1.00 0.00 ? 5 PHE A CZ   9  
ATOM 1228 H H    . PHE A 1 5 ? -1.230 0.399  1.036   1.00 0.00 ? 5 PHE A H    9  
ATOM 1229 H HA   . PHE A 1 5 ? -2.379 -1.877 2.547   1.00 0.00 ? 5 PHE A HA   9  
ATOM 1230 H HB2  . PHE A 1 5 ? -3.898 -0.420 1.240   1.00 0.00 ? 5 PHE A HB2  9  
ATOM 1231 H HB3  . PHE A 1 5 ? -2.996 -0.794 -0.227  1.00 0.00 ? 5 PHE A HB3  9  
ATOM 1232 H HD1  . PHE A 1 5 ? -4.970 -2.370 2.560   1.00 0.00 ? 5 PHE A HD1  9  
ATOM 1233 H HD2  . PHE A 1 5 ? -3.782 -2.591 -1.582  1.00 0.00 ? 5 PHE A HD2  9  
ATOM 1234 H HE1  . PHE A 1 5 ? -6.577 -4.223 2.194   1.00 0.00 ? 5 PHE A HE1  9  
ATOM 1235 H HE2  . PHE A 1 5 ? -5.377 -4.456 -1.933  1.00 0.00 ? 5 PHE A HE2  9  
ATOM 1236 H HZ   . PHE A 1 5 ? -6.779 -5.273 -0.050  1.00 0.00 ? 5 PHE A HZ   9  
ATOM 1237 N N    . ARG A 1 6 ? 0.172  -2.538 1.459   1.00 0.00 ? 6 ARG A N    9  
ATOM 1238 C CA   . ARG A 1 6 ? 1.292  -3.343 0.970   1.00 0.00 ? 6 ARG A CA   9  
ATOM 1239 C C    . ARG A 1 6 ? 1.633  -3.128 -0.525  1.00 0.00 ? 6 ARG A C    9  
ATOM 1240 O O    . ARG A 1 6 ? 2.429  -3.891 -1.071  1.00 0.00 ? 6 ARG A O    9  
ATOM 1241 C CB   . ARG A 1 6 ? 1.095  -4.834 1.329   1.00 0.00 ? 6 ARG A CB   9  
ATOM 1242 C CG   . ARG A 1 6 ? 1.013  -5.148 2.835   1.00 0.00 ? 6 ARG A CG   9  
ATOM 1243 C CD   . ARG A 1 6 ? -0.360 -4.902 3.473   1.00 0.00 ? 6 ARG A CD   9  
ATOM 1244 N NE   . ARG A 1 6 ? -0.414 -5.463 4.831   1.00 0.00 ? 6 ARG A NE   9  
ATOM 1245 C CZ   . ARG A 1 6 ? -1.532 -5.761 5.514   1.00 0.00 ? 6 ARG A CZ   9  
ATOM 1246 N NH1  . ARG A 1 6 ? -2.750 -5.543 5.001   1.00 0.00 ? 6 ARG A NH1  9  
ATOM 1247 N NH2  . ARG A 1 6 ? -1.426 -6.294 6.736   1.00 0.00 ? 6 ARG A NH2  9  
ATOM 1248 H H    . ARG A 1 6 ? 0.380  -1.949 2.255   1.00 0.00 ? 6 ARG A H    9  
ATOM 1249 H HA   . ARG A 1 6 ? 2.163  -3.004 1.531   1.00 0.00 ? 6 ARG A HA   9  
ATOM 1250 H HB2  . ARG A 1 6 ? 0.213  -5.229 0.825   1.00 0.00 ? 6 ARG A HB2  9  
ATOM 1251 H HB3  . ARG A 1 6 ? 1.955  -5.384 0.947   1.00 0.00 ? 6 ARG A HB3  9  
ATOM 1252 H HG2  . ARG A 1 6 ? 1.246  -6.207 2.957   1.00 0.00 ? 6 ARG A HG2  9  
ATOM 1253 H HG3  . ARG A 1 6 ? 1.770  -4.572 3.369   1.00 0.00 ? 6 ARG A HG3  9  
ATOM 1254 H HD2  . ARG A 1 6 ? -0.558 -3.832 3.535   1.00 0.00 ? 6 ARG A HD2  9  
ATOM 1255 H HD3  . ARG A 1 6 ? -1.126 -5.373 2.855   1.00 0.00 ? 6 ARG A HD3  9  
ATOM 1256 H HE   . ARG A 1 6 ? 0.475  -5.646 5.276   1.00 0.00 ? 6 ARG A HE   9  
ATOM 1257 H HH11 . ARG A 1 6 ? -2.846 -5.145 4.078   1.00 0.00 ? 6 ARG A HH11 9  
ATOM 1258 H HH12 . ARG A 1 6 ? -3.574 -5.781 5.535   1.00 0.00 ? 6 ARG A HH12 9  
ATOM 1259 H HH21 . ARG A 1 6 ? -0.515 -6.467 7.134   1.00 0.00 ? 6 ARG A HH21 9  
ATOM 1260 H HH22 . ARG A 1 6 ? -2.258 -6.529 7.259   1.00 0.00 ? 6 ARG A HH22 9  
ATOM 1261 N N    . ARG A 1 1 ? 1.085  -2.254 -1.327  1.00 0.00 ? 1 ARG A N    10 
ATOM 1262 C CA   . ARG A 1 1 ? 1.247  -1.937 -2.744  1.00 0.00 ? 1 ARG A CA   10 
ATOM 1263 C C    . ARG A 1 1 ? 0.929  -0.457 -3.012  1.00 0.00 ? 1 ARG A C    10 
ATOM 1264 O O    . ARG A 1 1 ? 1.812  0.252  -3.492  1.00 0.00 ? 1 ARG A O    10 
ATOM 1265 C CB   . ARG A 1 1 ? 0.342  -2.865 -3.580  1.00 0.00 ? 1 ARG A CB   10 
ATOM 1266 C CG   . ARG A 1 1 ? 0.642  -2.759 -5.082  1.00 0.00 ? 1 ARG A CG   10 
ATOM 1267 C CD   . ARG A 1 1 ? -0.213 -3.763 -5.865  1.00 0.00 ? 1 ARG A CD   10 
ATOM 1268 N NE   . ARG A 1 1 ? 0.070  -3.710 -7.309  1.00 0.00 ? 1 ARG A NE   10 
ATOM 1269 C CZ   . ARG A 1 1 ? 1.059  -4.362 -7.944  1.00 0.00 ? 1 ARG A CZ   10 
ATOM 1270 N NH1  . ARG A 1 1 ? 1.932  -5.141 -7.288  1.00 0.00 ? 1 ARG A NH1  10 
ATOM 1271 N NH2  . ARG A 1 1 ? 1.180  -4.229 -9.270  1.00 0.00 ? 1 ARG A NH2  10 
ATOM 1272 H H1   . ARG A 1 1 ? 0.541  -1.618 -0.767  1.00 0.00 ? 1 ARG A H1   10 
ATOM 1273 H HA   . ARG A 1 1 ? 2.286  -2.121 -3.020  1.00 0.00 ? 1 ARG A HA   10 
ATOM 1274 H HB2  . ARG A 1 1 ? 0.513  -3.899 -3.276  1.00 0.00 ? 1 ARG A HB2  10 
ATOM 1275 H HB3  . ARG A 1 1 ? -0.706 -2.628 -3.397  1.00 0.00 ? 1 ARG A HB3  10 
ATOM 1276 H HG2  . ARG A 1 1 ? 0.424  -1.750 -5.434  1.00 0.00 ? 1 ARG A HG2  10 
ATOM 1277 H HG3  . ARG A 1 1 ? 1.698  -2.975 -5.253  1.00 0.00 ? 1 ARG A HG3  10 
ATOM 1278 H HD2  . ARG A 1 1 ? -0.026 -4.771 -5.491  1.00 0.00 ? 1 ARG A HD2  10 
ATOM 1279 H HD3  . ARG A 1 1 ? -1.267 -3.529 -5.708  1.00 0.00 ? 1 ARG A HD3  10 
ATOM 1280 H HE   . ARG A 1 1 ? -0.551 -3.138 -7.864  1.00 0.00 ? 1 ARG A HE   10 
ATOM 1281 H HH11 . ARG A 1 1 ? 1.856  -5.251 -6.288  1.00 0.00 ? 1 ARG A HH11 10 
ATOM 1282 H HH12 . ARG A 1 1 ? 2.664  -5.615 -7.794  1.00 0.00 ? 1 ARG A HH12 10 
ATOM 1283 H HH21 . ARG A 1 1 ? 0.532  -3.648 -9.780  1.00 0.00 ? 1 ARG A HH21 10 
ATOM 1284 H HH22 . ARG A 1 1 ? 1.919  -4.712 -9.760  1.00 0.00 ? 1 ARG A HH22 10 
ATOM 1285 N N    . ARG A 1 2 ? -0.299 0.004  -2.698  1.00 0.00 ? 2 ARG A N    10 
ATOM 1286 C CA   . ARG A 1 2 ? -0.756 1.386  -2.875  1.00 0.00 ? 2 ARG A CA   10 
ATOM 1287 C C    . ARG A 1 2 ? 0.148  2.408  -2.156  1.00 0.00 ? 2 ARG A C    10 
ATOM 1288 O O    . ARG A 1 2 ? 1.042  2.977  -2.782  1.00 0.00 ? 2 ARG A O    10 
ATOM 1289 C CB   . ARG A 1 2 ? -2.237 1.489  -2.451  1.00 0.00 ? 2 ARG A CB   10 
ATOM 1290 C CG   . ARG A 1 2 ? -2.859 2.843  -2.838  1.00 0.00 ? 2 ARG A CG   10 
ATOM 1291 C CD   . ARG A 1 2 ? -4.170 3.133  -2.095  1.00 0.00 ? 2 ARG A CD   10 
ATOM 1292 N NE   . ARG A 1 2 ? -5.233 2.169  -2.423  1.00 0.00 ? 2 ARG A NE   10 
ATOM 1293 C CZ   . ARG A 1 2 ? -5.772 1.259  -1.591  1.00 0.00 ? 2 ARG A CZ   10 
ATOM 1294 N NH1  . ARG A 1 2 ? -5.349 1.109  -0.329  1.00 0.00 ? 2 ARG A NH1  10 
ATOM 1295 N NH2  . ARG A 1 2 ? -6.765 0.481  -2.034  1.00 0.00 ? 2 ARG A NH2  10 
ATOM 1296 H H    . ARG A 1 2 ? -1.015 -0.671 -2.462  1.00 0.00 ? 2 ARG A H    10 
ATOM 1297 H HA   . ARG A 1 2 ? -0.710 1.610  -3.937  1.00 0.00 ? 2 ARG A HA   10 
ATOM 1298 H HB2  . ARG A 1 2 ? -2.805 0.696  -2.940  1.00 0.00 ? 2 ARG A HB2  10 
ATOM 1299 H HB3  . ARG A 1 2 ? -2.322 1.338  -1.373  1.00 0.00 ? 2 ARG A HB3  10 
ATOM 1300 H HG2  . ARG A 1 2 ? -2.168 3.650  -2.602  1.00 0.00 ? 2 ARG A HG2  10 
ATOM 1301 H HG3  . ARG A 1 2 ? -3.037 2.862  -3.914  1.00 0.00 ? 2 ARG A HG3  10 
ATOM 1302 H HD2  . ARG A 1 2 ? -3.976 3.147  -1.022  1.00 0.00 ? 2 ARG A HD2  10 
ATOM 1303 H HD3  . ARG A 1 2 ? -4.513 4.127  -2.382  1.00 0.00 ? 2 ARG A HD3  10 
ATOM 1304 H HE   . ARG A 1 2 ? -5.606 2.223  -3.361  1.00 0.00 ? 2 ARG A HE   10 
ATOM 1305 H HH11 . ARG A 1 2 ? -4.606 1.693  0.027   1.00 0.00 ? 2 ARG A HH11 10 
ATOM 1306 H HH12 . ARG A 1 2 ? -5.778 0.419  0.270   1.00 0.00 ? 2 ARG A HH12 10 
ATOM 1307 H HH21 . ARG A 1 2 ? -7.107 0.587  -2.978  1.00 0.00 ? 2 ARG A HH21 10 
ATOM 1308 H HH22 . ARG A 1 2 ? -7.184 -0.201 -1.419  1.00 0.00 ? 2 ARG A HH22 10 
ATOM 1309 N N    . TRP A 1 3 ? -0.104 2.658  -0.862  1.00 0.00 ? 3 TRP A N    10 
ATOM 1310 C CA   . TRP A 1 3 ? 0.529  3.702  -0.064  1.00 0.00 ? 3 TRP A CA   10 
ATOM 1311 C C    . TRP A 1 3 ? 0.584  3.312  1.426   1.00 0.00 ? 3 TRP A C    10 
ATOM 1312 O O    . TRP A 1 3 ? 1.404  3.845  2.171   1.00 0.00 ? 3 TRP A O    10 
ATOM 1313 C CB   . TRP A 1 3 ? -0.310 4.974  -0.253  1.00 0.00 ? 3 TRP A CB   10 
ATOM 1314 C CG   . TRP A 1 3 ? 0.439  6.255  -0.114  1.00 0.00 ? 3 TRP A CG   10 
ATOM 1315 C CD1  . TRP A 1 3 ? 1.012  6.882  -1.160  1.00 0.00 ? 3 TRP A CD1  10 
ATOM 1316 C CD2  . TRP A 1 3 ? 0.728  7.080  1.055   1.00 0.00 ? 3 TRP A CD2  10 
ATOM 1317 N NE1  . TRP A 1 3 ? 1.601  8.053  -0.740  1.00 0.00 ? 3 TRP A NE1  10 
ATOM 1318 C CE2  . TRP A 1 3 ? 1.468  8.223  0.623   1.00 0.00 ? 3 TRP A CE2  10 
ATOM 1319 C CE3  . TRP A 1 3 ? 0.450  6.979  2.432   1.00 0.00 ? 3 TRP A CE3  10 
ATOM 1320 C CZ2  . TRP A 1 3 ? 1.899  9.218  1.516   1.00 0.00 ? 3 TRP A CZ2  10 
ATOM 1321 C CZ3  . TRP A 1 3 ? 0.883  7.966  3.338   1.00 0.00 ? 3 TRP A CZ3  10 
ATOM 1322 C CH2  . TRP A 1 3 ? 1.604  9.085  2.882   1.00 0.00 ? 3 TRP A CH2  10 
ATOM 1323 H H    . TRP A 1 3 ? -0.938 2.271  -0.467  1.00 0.00 ? 3 TRP A H    10 
ATOM 1324 H HA   . TRP A 1 3 ? 1.542  3.881  -0.423  1.00 0.00 ? 3 TRP A HA   10 
ATOM 1325 H HB2  . TRP A 1 3 ? -0.752 4.974  -1.250  1.00 0.00 ? 3 TRP A HB2  10 
ATOM 1326 H HB3  . TRP A 1 3 ? -1.142 4.970  0.447   1.00 0.00 ? 3 TRP A HB3  10 
ATOM 1327 H HD1  . TRP A 1 3 ? 0.983  6.496  -2.169  1.00 0.00 ? 3 TRP A HD1  10 
ATOM 1328 H HE1  . TRP A 1 3 ? 2.059  8.692  -1.373  1.00 0.00 ? 3 TRP A HE1  10 
ATOM 1329 H HE3  . TRP A 1 3 ? -0.095 6.124  2.793   1.00 0.00 ? 3 TRP A HE3  10 
ATOM 1330 H HZ2  . TRP A 1 3 ? 2.454  10.072 1.156   1.00 0.00 ? 3 TRP A HZ2  10 
ATOM 1331 H HZ3  . TRP A 1 3 ? 0.663  7.863  4.391   1.00 0.00 ? 3 TRP A HZ3  10 
ATOM 1332 H HH2  . TRP A 1 3 ? 1.933  9.839  3.583   1.00 0.00 ? 3 TRP A HH2  10 
ATOM 1333 N N    . TRP A 1 4 ? -0.282 2.375  1.843   1.00 0.00 ? 4 TRP A N    10 
ATOM 1334 C CA   . TRP A 1 4 ? -0.443 1.849  3.200   1.00 0.00 ? 4 TRP A CA   10 
ATOM 1335 C C    . TRP A 1 4 ? -1.039 0.427  3.161   1.00 0.00 ? 4 TRP A C    10 
ATOM 1336 O O    . TRP A 1 4 ? -1.473 -0.080 4.193   1.00 0.00 ? 4 TRP A O    10 
ATOM 1337 C CB   . TRP A 1 4 ? -1.356 2.800  4.005   1.00 0.00 ? 4 TRP A CB   10 
ATOM 1338 C CG   . TRP A 1 4 ? -2.673 3.162  3.369   1.00 0.00 ? 4 TRP A CG   10 
ATOM 1339 C CD1  . TRP A 1 4 ? -2.894 4.258  2.606   1.00 0.00 ? 4 TRP A CD1  10 
ATOM 1340 C CD2  . TRP A 1 4 ? -3.963 2.469  3.427   1.00 0.00 ? 4 TRP A CD2  10 
ATOM 1341 N NE1  . TRP A 1 4 ? -4.190 4.266  2.147   1.00 0.00 ? 4 TRP A NE1  10 
ATOM 1342 C CE2  . TRP A 1 4 ? -4.900 3.185  2.619   1.00 0.00 ? 4 TRP A CE2  10 
ATOM 1343 C CE3  . TRP A 1 4 ? -4.451 1.321  4.091   1.00 0.00 ? 4 TRP A CE3  10 
ATOM 1344 C CZ2  . TRP A 1 4 ? -6.230 2.766  2.454   1.00 0.00 ? 4 TRP A CZ2  10 
ATOM 1345 C CZ3  . TRP A 1 4 ? -5.781 0.894  3.934   1.00 0.00 ? 4 TRP A CZ3  10 
ATOM 1346 C CH2  . TRP A 1 4 ? -6.670 1.607  3.112   1.00 0.00 ? 4 TRP A CH2  10 
ATOM 1347 H H    . TRP A 1 4 ? -0.920 1.998  1.157   1.00 0.00 ? 4 TRP A H    10 
ATOM 1348 H HA   . TRP A 1 4 ? 0.535  1.792  3.682   1.00 0.00 ? 4 TRP A HA   10 
ATOM 1349 H HB2  . TRP A 1 4 ? -1.555 2.363  4.985   1.00 0.00 ? 4 TRP A HB2  10 
ATOM 1350 H HB3  . TRP A 1 4 ? -0.806 3.720  4.194   1.00 0.00 ? 4 TRP A HB3  10 
ATOM 1351 H HD1  . TRP A 1 4 ? -2.158 5.015  2.379   1.00 0.00 ? 4 TRP A HD1  10 
ATOM 1352 H HE1  . TRP A 1 4 ? -4.556 5.000  1.557   1.00 0.00 ? 4 TRP A HE1  10 
ATOM 1353 H HE3  . TRP A 1 4 ? -3.793 0.767  4.744   1.00 0.00 ? 4 TRP A HE3  10 
ATOM 1354 H HZ2  . TRP A 1 4 ? -6.909 3.334  1.834   1.00 0.00 ? 4 TRP A HZ2  10 
ATOM 1355 H HZ3  . TRP A 1 4 ? -6.127 0.013  4.456   1.00 0.00 ? 4 TRP A HZ3  10 
ATOM 1356 H HH2  . TRP A 1 4 ? -7.692 1.275  2.999   1.00 0.00 ? 4 TRP A HH2  10 
ATOM 1357 N N    . PHE A 1 5 ? -1.063 -0.215 1.980   1.00 0.00 ? 5 PHE A N    10 
ATOM 1358 C CA   . PHE A 1 5 ? -1.826 -1.430 1.718   1.00 0.00 ? 5 PHE A CA   10 
ATOM 1359 C C    . PHE A 1 5 ? -0.998 -2.448 0.915   1.00 0.00 ? 5 PHE A C    10 
ATOM 1360 O O    . PHE A 1 5 ? -1.482 -3.018 -0.063  1.00 0.00 ? 5 PHE A O    10 
ATOM 1361 C CB   . PHE A 1 5 ? -3.145 -1.020 1.034   1.00 0.00 ? 5 PHE A CB   10 
ATOM 1362 C CG   . PHE A 1 5 ? -4.226 -2.081 1.101   1.00 0.00 ? 5 PHE A CG   10 
ATOM 1363 C CD1  . PHE A 1 5 ? -4.892 -2.312 2.319   1.00 0.00 ? 5 PHE A CD1  10 
ATOM 1364 C CD2  . PHE A 1 5 ? -4.555 -2.849 -0.032  1.00 0.00 ? 5 PHE A CD2  10 
ATOM 1365 C CE1  . PHE A 1 5 ? -5.875 -3.312 2.408   1.00 0.00 ? 5 PHE A CE1  10 
ATOM 1366 C CE2  . PHE A 1 5 ? -5.530 -3.855 0.060   1.00 0.00 ? 5 PHE A CE2  10 
ATOM 1367 C CZ   . PHE A 1 5 ? -6.194 -4.085 1.278   1.00 0.00 ? 5 PHE A CZ   10 
ATOM 1368 H H    . PHE A 1 5 ? -0.593 0.204  1.192   1.00 0.00 ? 5 PHE A H    10 
ATOM 1369 H HA   . PHE A 1 5 ? -2.070 -1.900 2.671   1.00 0.00 ? 5 PHE A HA   10 
ATOM 1370 H HB2  . PHE A 1 5 ? -3.544 -0.128 1.525   1.00 0.00 ? 5 PHE A HB2  10 
ATOM 1371 H HB3  . PHE A 1 5 ? -2.947 -0.754 -0.005  1.00 0.00 ? 5 PHE A HB3  10 
ATOM 1372 H HD1  . PHE A 1 5 ? -4.641 -1.730 3.194   1.00 0.00 ? 5 PHE A HD1  10 
ATOM 1373 H HD2  . PHE A 1 5 ? -4.049 -2.681 -0.972  1.00 0.00 ? 5 PHE A HD2  10 
ATOM 1374 H HE1  . PHE A 1 5 ? -6.374 -3.491 3.349   1.00 0.00 ? 5 PHE A HE1  10 
ATOM 1375 H HE2  . PHE A 1 5 ? -5.762 -4.460 -0.805  1.00 0.00 ? 5 PHE A HE2  10 
ATOM 1376 H HZ   . PHE A 1 5 ? -6.943 -4.860 1.348   1.00 0.00 ? 5 PHE A HZ   10 
ATOM 1377 N N    . ARG A 1 6 ? 0.263  -2.663 1.334   1.00 0.00 ? 6 ARG A N    10 
ATOM 1378 C CA   . ARG A 1 6 ? 1.221  -3.611 0.750   1.00 0.00 ? 6 ARG A CA   10 
ATOM 1379 C C    . ARG A 1 6 ? 1.600  -3.338 -0.722  1.00 0.00 ? 6 ARG A C    10 
ATOM 1380 O O    . ARG A 1 6 ? 2.346  -4.126 -1.302  1.00 0.00 ? 6 ARG A O    10 
ATOM 1381 C CB   . ARG A 1 6 ? 0.737  -5.068 0.939   1.00 0.00 ? 6 ARG A CB   10 
ATOM 1382 C CG   . ARG A 1 6 ? 0.193  -5.426 2.337   1.00 0.00 ? 6 ARG A CG   10 
ATOM 1383 C CD   . ARG A 1 6 ? 1.122  -5.035 3.493   1.00 0.00 ? 6 ARG A CD   10 
ATOM 1384 N NE   . ARG A 1 6 ? 2.447  -5.667 3.369   1.00 0.00 ? 6 ARG A NE   10 
ATOM 1385 C CZ   . ARG A 1 6 ? 2.809  -6.865 3.859   1.00 0.00 ? 6 ARG A CZ   10 
ATOM 1386 N NH1  . ARG A 1 6 ? 1.983  -7.604 4.613   1.00 0.00 ? 6 ARG A NH1  10 
ATOM 1387 N NH2  . ARG A 1 6 ? 4.030  -7.338 3.581   1.00 0.00 ? 6 ARG A NH2  10 
ATOM 1388 H H    . ARG A 1 6 ? 0.578  -2.188 2.170   1.00 0.00 ? 6 ARG A H    10 
ATOM 1389 H HA   . ARG A 1 6 ? 2.141  -3.498 1.325   1.00 0.00 ? 6 ARG A HA   10 
ATOM 1390 H HB2  . ARG A 1 6 ? -0.048 -5.278 0.213   1.00 0.00 ? 6 ARG A HB2  10 
ATOM 1391 H HB3  . ARG A 1 6 ? 1.569  -5.738 0.715   1.00 0.00 ? 6 ARG A HB3  10 
ATOM 1392 H HG2  . ARG A 1 6 ? -0.767 -4.932 2.486   1.00 0.00 ? 6 ARG A HG2  10 
ATOM 1393 H HG3  . ARG A 1 6 ? 0.016  -6.502 2.375   1.00 0.00 ? 6 ARG A HG3  10 
ATOM 1394 H HD2  . ARG A 1 6 ? 1.242  -3.950 3.501   1.00 0.00 ? 6 ARG A HD2  10 
ATOM 1395 H HD3  . ARG A 1 6 ? 0.649  -5.319 4.431   1.00 0.00 ? 6 ARG A HD3  10 
ATOM 1396 H HE   . ARG A 1 6 ? 3.128  -5.163 2.817   1.00 0.00 ? 6 ARG A HE   10 
ATOM 1397 H HH11 . ARG A 1 6 ? 1.061  -7.260 4.835   1.00 0.00 ? 6 ARG A HH11 10 
ATOM 1398 H HH12 . ARG A 1 6 ? 2.288  -8.500 4.967   1.00 0.00 ? 6 ARG A HH12 10 
ATOM 1399 H HH21 . ARG A 1 6 ? 4.661  -6.800 3.005   1.00 0.00 ? 6 ARG A HH21 10 
ATOM 1400 H HH22 . ARG A 1 6 ? 4.316  -8.239 3.937   1.00 0.00 ? 6 ARG A HH22 10 
# 
